data_3R42
# 
_entry.id   3R42 
# 
_audit_conform.dict_name       mmcif_pdbx.dic 
_audit_conform.dict_version    5.379 
_audit_conform.dict_location   http://mmcif.pdb.org/dictionaries/ascii/mmcif_pdbx.dic 
# 
loop_
_database_2.database_id 
_database_2.database_code 
_database_2.pdbx_database_accession 
_database_2.pdbx_DOI 
PDB   3R42         pdb_00003r42 10.2210/pdb3r42/pdb 
RCSB  RCSB064462   ?            ?                   
WWPDB D_1000064462 ?            ?                   
# 
_pdbx_database_related.db_name        PDB 
_pdbx_database_related.db_id          3R3Q 
_pdbx_database_related.details        'the vps23 UEV domain structure' 
_pdbx_database_related.content_type   unspecified 
# 
_pdbx_database_status.status_code                     REL 
_pdbx_database_status.entry_id                        3R42 
_pdbx_database_status.recvd_initial_deposition_date   2011-03-17 
_pdbx_database_status.deposit_site                    RCSB 
_pdbx_database_status.process_site                    RCSB 
_pdbx_database_status.status_code_sf                  REL 
_pdbx_database_status.status_code_mr                  ? 
_pdbx_database_status.SG_entry                        ? 
_pdbx_database_status.status_code_cs                  ? 
_pdbx_database_status.pdb_format_compatible           Y 
_pdbx_database_status.status_code_nmr_data            ? 
_pdbx_database_status.methods_development_category    ? 
# 
loop_
_audit_author.name 
_audit_author.pdbx_ordinal 
'Ren, X.'      1 
'Hurley, J.H.' 2 
# 
_citation.id                        primary 
_citation.title                     'Structural basis for endosomal recruitment of ESCRT-I by ESCRT-0 in yeast.' 
_citation.journal_abbrev            'Embo J.' 
_citation.journal_volume            30 
_citation.page_first                2130 
_citation.page_last                 2139 
_citation.year                      2011 
_citation.journal_id_ASTM           EMJODG 
_citation.country                   UK 
_citation.journal_id_ISSN           0261-4189 
_citation.journal_id_CSD            0897 
_citation.book_publisher            ? 
_citation.pdbx_database_id_PubMed   21505419 
_citation.pdbx_database_id_DOI      10.1038/emboj.2011.122 
# 
loop_
_citation_author.citation_id 
_citation_author.name 
_citation_author.ordinal 
_citation_author.identifier_ORCID 
primary 'Ren, X.'      1 ? 
primary 'Hurley, J.H.' 2 ? 
# 
_cell.entry_id           3R42 
_cell.length_a           95.200 
_cell.length_b           142.381 
_cell.length_c           32.065 
_cell.angle_alpha        90.00 
_cell.angle_beta         90.00 
_cell.angle_gamma        90.00 
_cell.Z_PDB              8 
_cell.pdbx_unique_axis   ? 
_cell.length_a_esd       ? 
_cell.length_b_esd       ? 
_cell.length_c_esd       ? 
_cell.angle_alpha_esd    ? 
_cell.angle_beta_esd     ? 
_cell.angle_gamma_esd    ? 
# 
_symmetry.entry_id                         3R42 
_symmetry.space_group_name_H-M             'C 2 2 21' 
_symmetry.pdbx_full_space_group_name_H-M   ? 
_symmetry.cell_setting                     ? 
_symmetry.Int_Tables_number                20 
_symmetry.space_group_name_Hall            ? 
# 
loop_
_entity.id 
_entity.type 
_entity.src_method 
_entity.pdbx_description 
_entity.formula_weight 
_entity.pdbx_number_of_molecules 
_entity.pdbx_ec 
_entity.pdbx_mutation 
_entity.pdbx_fragment 
_entity.details 
1 polymer man 'Suppressor protein STP22 of temperature-sensitive alpha-factor receptor and arginine permease' 18009.535 1   ? 
C133A 'N-terminal UEV domain (UNP residues 1-160)' ? 
2 polymer syn 'Vacuolar protein sorting-associated protein 27'                                                1082.120  1   ? ? 
'PSDP peptide (UNP residues 445-453)'        ? 
3 water   nat water                                                                                           18.015    151 ? ? ? 
? 
# 
loop_
_entity_name_com.entity_id 
_entity_name_com.name 
1 'ESCRT-I complex subunit VPS23, Vacuolar protein sorting-associated protein 23' 
2 'VPS27, Golgi retention defective protein 11'                                   
# 
loop_
_entity_poly.entity_id 
_entity_poly.type 
_entity_poly.nstd_linkage 
_entity_poly.nstd_monomer 
_entity_poly.pdbx_seq_one_letter_code 
_entity_poly.pdbx_seq_one_letter_code_can 
_entity_poly.pdbx_strand_id 
_entity_poly.pdbx_target_identifier 
1 'polypeptide(L)' no no 
;GAMSANGKISVPEAVVNWLFKVIQPIYNDGRTTFHDSLALLDNFHSLRPRTRVFTHSDGTPQLLLSIYGTISTGEDGSSP
HSIPVIMWVPSMYPVKPPFISINLENFDMNTISSSLPIQEYIDSNGWIALPILHAWDPAAMNLIMVVQELMSLLHEPPQD
QA
;
;GAMSANGKISVPEAVVNWLFKVIQPIYNDGRTTFHDSLALLDNFHSLRPRTRVFTHSDGTPQLLLSIYGTISTGEDGSSP
HSIPVIMWVPSMYPVKPPFISINLENFDMNTISSSLPIQEYIDSNGWIALPILHAWDPAAMNLIMVVQELMSLLHEPPQD
QA
;
A ? 
2 'polypeptide(L)' no no QVPSDPYNY QVPSDPYNY B ? 
# 
loop_
_entity_poly_seq.entity_id 
_entity_poly_seq.num 
_entity_poly_seq.mon_id 
_entity_poly_seq.hetero 
1 1   GLY n 
1 2   ALA n 
1 3   MET n 
1 4   SER n 
1 5   ALA n 
1 6   ASN n 
1 7   GLY n 
1 8   LYS n 
1 9   ILE n 
1 10  SER n 
1 11  VAL n 
1 12  PRO n 
1 13  GLU n 
1 14  ALA n 
1 15  VAL n 
1 16  VAL n 
1 17  ASN n 
1 18  TRP n 
1 19  LEU n 
1 20  PHE n 
1 21  LYS n 
1 22  VAL n 
1 23  ILE n 
1 24  GLN n 
1 25  PRO n 
1 26  ILE n 
1 27  TYR n 
1 28  ASN n 
1 29  ASP n 
1 30  GLY n 
1 31  ARG n 
1 32  THR n 
1 33  THR n 
1 34  PHE n 
1 35  HIS n 
1 36  ASP n 
1 37  SER n 
1 38  LEU n 
1 39  ALA n 
1 40  LEU n 
1 41  LEU n 
1 42  ASP n 
1 43  ASN n 
1 44  PHE n 
1 45  HIS n 
1 46  SER n 
1 47  LEU n 
1 48  ARG n 
1 49  PRO n 
1 50  ARG n 
1 51  THR n 
1 52  ARG n 
1 53  VAL n 
1 54  PHE n 
1 55  THR n 
1 56  HIS n 
1 57  SER n 
1 58  ASP n 
1 59  GLY n 
1 60  THR n 
1 61  PRO n 
1 62  GLN n 
1 63  LEU n 
1 64  LEU n 
1 65  LEU n 
1 66  SER n 
1 67  ILE n 
1 68  TYR n 
1 69  GLY n 
1 70  THR n 
1 71  ILE n 
1 72  SER n 
1 73  THR n 
1 74  GLY n 
1 75  GLU n 
1 76  ASP n 
1 77  GLY n 
1 78  SER n 
1 79  SER n 
1 80  PRO n 
1 81  HIS n 
1 82  SER n 
1 83  ILE n 
1 84  PRO n 
1 85  VAL n 
1 86  ILE n 
1 87  MET n 
1 88  TRP n 
1 89  VAL n 
1 90  PRO n 
1 91  SER n 
1 92  MET n 
1 93  TYR n 
1 94  PRO n 
1 95  VAL n 
1 96  LYS n 
1 97  PRO n 
1 98  PRO n 
1 99  PHE n 
1 100 ILE n 
1 101 SER n 
1 102 ILE n 
1 103 ASN n 
1 104 LEU n 
1 105 GLU n 
1 106 ASN n 
1 107 PHE n 
1 108 ASP n 
1 109 MET n 
1 110 ASN n 
1 111 THR n 
1 112 ILE n 
1 113 SER n 
1 114 SER n 
1 115 SER n 
1 116 LEU n 
1 117 PRO n 
1 118 ILE n 
1 119 GLN n 
1 120 GLU n 
1 121 TYR n 
1 122 ILE n 
1 123 ASP n 
1 124 SER n 
1 125 ASN n 
1 126 GLY n 
1 127 TRP n 
1 128 ILE n 
1 129 ALA n 
1 130 LEU n 
1 131 PRO n 
1 132 ILE n 
1 133 LEU n 
1 134 HIS n 
1 135 ALA n 
1 136 TRP n 
1 137 ASP n 
1 138 PRO n 
1 139 ALA n 
1 140 ALA n 
1 141 MET n 
1 142 ASN n 
1 143 LEU n 
1 144 ILE n 
1 145 MET n 
1 146 VAL n 
1 147 VAL n 
1 148 GLN n 
1 149 GLU n 
1 150 LEU n 
1 151 MET n 
1 152 SER n 
1 153 LEU n 
1 154 LEU n 
1 155 HIS n 
1 156 GLU n 
1 157 PRO n 
1 158 PRO n 
1 159 GLN n 
1 160 ASP n 
1 161 GLN n 
1 162 ALA n 
2 1   GLN n 
2 2   VAL n 
2 3   PRO n 
2 4   SER n 
2 5   ASP n 
2 6   PRO n 
2 7   TYR n 
2 8   ASN n 
2 9   TYR n 
# 
_entity_src_gen.entity_id                          1 
_entity_src_gen.pdbx_src_id                        1 
_entity_src_gen.pdbx_alt_source_flag               sample 
_entity_src_gen.pdbx_seq_type                      ? 
_entity_src_gen.pdbx_beg_seq_num                   ? 
_entity_src_gen.pdbx_end_seq_num                   ? 
_entity_src_gen.gene_src_common_name               yeast 
_entity_src_gen.gene_src_genus                     ? 
_entity_src_gen.pdbx_gene_src_gene                 'STP22, VPS23, YCL008C, YCL8C' 
_entity_src_gen.gene_src_species                   ? 
_entity_src_gen.gene_src_strain                    ? 
_entity_src_gen.gene_src_tissue                    ? 
_entity_src_gen.gene_src_tissue_fraction           ? 
_entity_src_gen.gene_src_details                   ? 
_entity_src_gen.pdbx_gene_src_fragment             ? 
_entity_src_gen.pdbx_gene_src_scientific_name      'Saccharomyces cerevisiae' 
_entity_src_gen.pdbx_gene_src_ncbi_taxonomy_id     4932 
_entity_src_gen.pdbx_gene_src_variant              ? 
_entity_src_gen.pdbx_gene_src_cell_line            ? 
_entity_src_gen.pdbx_gene_src_atcc                 ? 
_entity_src_gen.pdbx_gene_src_organ                ? 
_entity_src_gen.pdbx_gene_src_organelle            ? 
_entity_src_gen.pdbx_gene_src_cell                 ? 
_entity_src_gen.pdbx_gene_src_cellular_location    ? 
_entity_src_gen.host_org_common_name               ? 
_entity_src_gen.pdbx_host_org_scientific_name      'Escherichia coli' 
_entity_src_gen.pdbx_host_org_ncbi_taxonomy_id     469008 
_entity_src_gen.host_org_genus                     ? 
_entity_src_gen.pdbx_host_org_gene                 ? 
_entity_src_gen.pdbx_host_org_organ                ? 
_entity_src_gen.host_org_species                   ? 
_entity_src_gen.pdbx_host_org_tissue               ? 
_entity_src_gen.pdbx_host_org_tissue_fraction      ? 
_entity_src_gen.pdbx_host_org_strain               'BL21(DE3)' 
_entity_src_gen.pdbx_host_org_variant              ? 
_entity_src_gen.pdbx_host_org_cell_line            ? 
_entity_src_gen.pdbx_host_org_atcc                 ? 
_entity_src_gen.pdbx_host_org_culture_collection   ? 
_entity_src_gen.pdbx_host_org_cell                 ? 
_entity_src_gen.pdbx_host_org_organelle            ? 
_entity_src_gen.pdbx_host_org_cellular_location    ? 
_entity_src_gen.pdbx_host_org_vector_type          pGST2 
_entity_src_gen.pdbx_host_org_vector               ? 
_entity_src_gen.host_org_details                   ? 
_entity_src_gen.expression_system_id               ? 
_entity_src_gen.plasmid_name                       ? 
_entity_src_gen.plasmid_details                    ? 
_entity_src_gen.pdbx_description                   ? 
# 
_pdbx_entity_src_syn.entity_id              2 
_pdbx_entity_src_syn.pdbx_src_id            1 
_pdbx_entity_src_syn.pdbx_alt_source_flag   sample 
_pdbx_entity_src_syn.pdbx_beg_seq_num       ? 
_pdbx_entity_src_syn.pdbx_end_seq_num       ? 
_pdbx_entity_src_syn.organism_scientific    'Saccharomyces cerevisiae' 
_pdbx_entity_src_syn.organism_common_name   yeast 
_pdbx_entity_src_syn.ncbi_taxonomy_id       4932 
_pdbx_entity_src_syn.details                ? 
# 
loop_
_struct_ref.id 
_struct_ref.db_name 
_struct_ref.db_code 
_struct_ref.pdbx_db_accession 
_struct_ref.entity_id 
_struct_ref.pdbx_seq_one_letter_code 
_struct_ref.pdbx_align_begin 
_struct_ref.pdbx_db_isoform 
1 UNP STP22_YEAST P25604 1 
;MSANGKISVPEAVVNWLFKVIQPIYNDGRTTFHDSLALLDNFHSLRPRTRVFTHSDGTPQLLLSIYGTISTGEDGSSPHS
IPVIMWVPSMYPVKPPFISINLENFDMNTISSSLPIQEYIDSNGWIALPILHCWDPAAMNLIMVVQELMSLLHEPPQDQA

;
1   ? 
2 UNP VPS27_YEAST P40343 2 QVPSDPYNY 445 ? 
# 
loop_
_struct_ref_seq.align_id 
_struct_ref_seq.ref_id 
_struct_ref_seq.pdbx_PDB_id_code 
_struct_ref_seq.pdbx_strand_id 
_struct_ref_seq.seq_align_beg 
_struct_ref_seq.pdbx_seq_align_beg_ins_code 
_struct_ref_seq.seq_align_end 
_struct_ref_seq.pdbx_seq_align_end_ins_code 
_struct_ref_seq.pdbx_db_accession 
_struct_ref_seq.db_align_beg 
_struct_ref_seq.pdbx_db_align_beg_ins_code 
_struct_ref_seq.db_align_end 
_struct_ref_seq.pdbx_db_align_end_ins_code 
_struct_ref_seq.pdbx_auth_seq_align_beg 
_struct_ref_seq.pdbx_auth_seq_align_end 
1 1 3R42 A 3 ? 162 ? P25604 1   ? 160 ? 1   160 
2 2 3R42 B 1 ? 9   ? P40343 445 ? 453 ? 445 453 
# 
loop_
_struct_ref_seq_dif.align_id 
_struct_ref_seq_dif.pdbx_pdb_id_code 
_struct_ref_seq_dif.mon_id 
_struct_ref_seq_dif.pdbx_pdb_strand_id 
_struct_ref_seq_dif.seq_num 
_struct_ref_seq_dif.pdbx_pdb_ins_code 
_struct_ref_seq_dif.pdbx_seq_db_name 
_struct_ref_seq_dif.pdbx_seq_db_accession_code 
_struct_ref_seq_dif.db_mon_id 
_struct_ref_seq_dif.pdbx_seq_db_seq_num 
_struct_ref_seq_dif.details 
_struct_ref_seq_dif.pdbx_auth_seq_num 
_struct_ref_seq_dif.pdbx_ordinal 
1 3R42 GLY A 1   ? UNP P25604 ?   ?   'expression tag'      -1  1 
1 3R42 ALA A 2   ? UNP P25604 ?   ?   'expression tag'      0   2 
1 3R42 ALA A 135 ? UNP P25604 CYS 133 'engineered mutation' 133 3 
# 
loop_
_chem_comp.id 
_chem_comp.type 
_chem_comp.mon_nstd_flag 
_chem_comp.name 
_chem_comp.pdbx_synonyms 
_chem_comp.formula 
_chem_comp.formula_weight 
ALA 'L-peptide linking' y ALANINE         ? 'C3 H7 N O2'     89.093  
ARG 'L-peptide linking' y ARGININE        ? 'C6 H15 N4 O2 1' 175.209 
ASN 'L-peptide linking' y ASPARAGINE      ? 'C4 H8 N2 O3'    132.118 
ASP 'L-peptide linking' y 'ASPARTIC ACID' ? 'C4 H7 N O4'     133.103 
CYS 'L-peptide linking' y CYSTEINE        ? 'C3 H7 N O2 S'   121.158 
GLN 'L-peptide linking' y GLUTAMINE       ? 'C5 H10 N2 O3'   146.144 
GLU 'L-peptide linking' y 'GLUTAMIC ACID' ? 'C5 H9 N O4'     147.129 
GLY 'peptide linking'   y GLYCINE         ? 'C2 H5 N O2'     75.067  
HIS 'L-peptide linking' y HISTIDINE       ? 'C6 H10 N3 O2 1' 156.162 
HOH non-polymer         . WATER           ? 'H2 O'           18.015  
ILE 'L-peptide linking' y ISOLEUCINE      ? 'C6 H13 N O2'    131.173 
LEU 'L-peptide linking' y LEUCINE         ? 'C6 H13 N O2'    131.173 
LYS 'L-peptide linking' y LYSINE          ? 'C6 H15 N2 O2 1' 147.195 
MET 'L-peptide linking' y METHIONINE      ? 'C5 H11 N O2 S'  149.211 
PHE 'L-peptide linking' y PHENYLALANINE   ? 'C9 H11 N O2'    165.189 
PRO 'L-peptide linking' y PROLINE         ? 'C5 H9 N O2'     115.130 
SER 'L-peptide linking' y SERINE          ? 'C3 H7 N O3'     105.093 
THR 'L-peptide linking' y THREONINE       ? 'C4 H9 N O3'     119.119 
TRP 'L-peptide linking' y TRYPTOPHAN      ? 'C11 H12 N2 O2'  204.225 
TYR 'L-peptide linking' y TYROSINE        ? 'C9 H11 N O3'    181.189 
VAL 'L-peptide linking' y VALINE          ? 'C5 H11 N O2'    117.146 
# 
_exptl.entry_id          3R42 
_exptl.method            'X-RAY DIFFRACTION' 
_exptl.crystals_number   1 
# 
_exptl_crystal.id                    1 
_exptl_crystal.density_meas          ? 
_exptl_crystal.density_Matthews      2.85 
_exptl_crystal.density_percent_sol   56.78 
_exptl_crystal.description           ? 
_exptl_crystal.F_000                 ? 
_exptl_crystal.preparation           ? 
# 
_exptl_crystal_grow.crystal_id      1 
_exptl_crystal_grow.method          'VAPOR DIFFUSION, HANGING DROP' 
_exptl_crystal_grow.temp            288 
_exptl_crystal_grow.temp_details    ? 
_exptl_crystal_grow.pH              7.3 
_exptl_crystal_grow.pdbx_details    
'0.2 M sodium phosphate monobasic, 20% PEG3350, pH 7.3, VAPOR DIFFUSION, HANGING DROP, temperature 288K' 
_exptl_crystal_grow.pdbx_pH_range   ? 
# 
_diffrn.id                     1 
_diffrn.ambient_temp           100 
_diffrn.ambient_temp_details   ? 
_diffrn.crystal_id             1 
# 
_diffrn_detector.diffrn_id              1 
_diffrn_detector.detector               CCD 
_diffrn_detector.type                   'MARMOSAIC 300 mm CCD' 
_diffrn_detector.pdbx_collection_date   2010-10-29 
_diffrn_detector.details                mirrors 
# 
_diffrn_radiation.diffrn_id                        1 
_diffrn_radiation.wavelength_id                    1 
_diffrn_radiation.pdbx_monochromatic_or_laue_m_l   M 
_diffrn_radiation.monochromator                    'Si 111 CHANNEL' 
_diffrn_radiation.pdbx_diffrn_protocol             'SINGLE WAVELENGTH' 
_diffrn_radiation.pdbx_scattering_type             x-ray 
# 
_diffrn_radiation_wavelength.id           1 
_diffrn_radiation_wavelength.wavelength   1.000 
_diffrn_radiation_wavelength.wt           1.0 
# 
_diffrn_source.diffrn_id                   1 
_diffrn_source.source                      SYNCHROTRON 
_diffrn_source.type                        'APS BEAMLINE 22-ID' 
_diffrn_source.pdbx_synchrotron_site       APS 
_diffrn_source.pdbx_synchrotron_beamline   22-ID 
_diffrn_source.pdbx_wavelength             1.000 
_diffrn_source.pdbx_wavelength_list        ? 
# 
_reflns.entry_id                     3R42 
_reflns.observed_criterion_sigma_I   3.0 
_reflns.observed_criterion_sigma_F   3.0 
_reflns.d_resolution_low             50.0 
_reflns.d_resolution_high            1.85 
_reflns.number_obs                   17866 
_reflns.number_all                   18396 
_reflns.percent_possible_obs         99.8 
_reflns.pdbx_Rmerge_I_obs            0.124 
_reflns.pdbx_Rsym_value              ? 
_reflns.pdbx_netI_over_sigmaI        14.3 
_reflns.B_iso_Wilson_estimate        21.0 
_reflns.pdbx_redundancy              3.7 
_reflns.R_free_details               ? 
_reflns.limit_h_max                  ? 
_reflns.limit_h_min                  ? 
_reflns.limit_k_max                  ? 
_reflns.limit_k_min                  ? 
_reflns.limit_l_max                  ? 
_reflns.limit_l_min                  ? 
_reflns.observed_criterion_F_max     ? 
_reflns.observed_criterion_F_min     ? 
_reflns.pdbx_chi_squared             ? 
_reflns.pdbx_scaling_rejects         ? 
_reflns.pdbx_ordinal                 1 
_reflns.pdbx_diffrn_id               1 
# 
_reflns_shell.d_res_high             1.85 
_reflns_shell.d_res_low              1.88 
_reflns_shell.percent_possible_all   98.8 
_reflns_shell.Rmerge_I_obs           0.39 
_reflns_shell.pdbx_Rsym_value        ? 
_reflns_shell.meanI_over_sigI_obs    4.9 
_reflns_shell.pdbx_redundancy        3.0 
_reflns_shell.percent_possible_obs   ? 
_reflns_shell.number_unique_all      ? 
_reflns_shell.number_measured_all    ? 
_reflns_shell.number_measured_obs    ? 
_reflns_shell.number_unique_obs      ? 
_reflns_shell.pdbx_chi_squared       ? 
_reflns_shell.pdbx_ordinal           1 
_reflns_shell.pdbx_diffrn_id         1 
# 
_refine.entry_id                                 3R42 
_refine.ls_number_reflns_obs                     17866 
_refine.ls_number_reflns_all                     18396 
_refine.pdbx_ls_sigma_I                          ? 
_refine.pdbx_ls_sigma_F                          0.12 
_refine.pdbx_data_cutoff_high_absF               ? 
_refine.pdbx_data_cutoff_low_absF                ? 
_refine.pdbx_data_cutoff_high_rms_absF           ? 
_refine.ls_d_res_low                             30.973 
_refine.ls_d_res_high                            1.866 
_refine.ls_percent_reflns_obs                    95.57 
_refine.ls_R_factor_obs                          0.1835 
_refine.ls_R_factor_all                          ? 
_refine.ls_R_factor_R_work                       0.1825 
_refine.ls_R_factor_R_free                       0.2025 
_refine.ls_R_factor_R_free_error                 ? 
_refine.ls_R_factor_R_free_error_details         ? 
_refine.ls_percent_reflns_R_free                 5.04 
_refine.ls_number_reflns_R_free                  900 
_refine.ls_number_parameters                     ? 
_refine.ls_number_restraints                     ? 
_refine.occupancy_min                            ? 
_refine.occupancy_max                            ? 
_refine.correlation_coeff_Fo_to_Fc               ? 
_refine.correlation_coeff_Fo_to_Fc_free          ? 
_refine.B_iso_mean                               ? 
_refine.aniso_B[1][1]                            4.1684 
_refine.aniso_B[2][2]                            -2.0505 
_refine.aniso_B[3][3]                            -2.1180 
_refine.aniso_B[1][2]                            -0.0000 
_refine.aniso_B[1][3]                            -0.0000 
_refine.aniso_B[2][3]                            -0.0000 
_refine.solvent_model_details                    'FLAT BULK SOLVENT MODEL' 
_refine.solvent_model_param_ksol                 0.400 
_refine.solvent_model_param_bsol                 60.740 
_refine.pdbx_solvent_vdw_probe_radii             1.11 
_refine.pdbx_solvent_ion_probe_radii             ? 
_refine.pdbx_solvent_shrinkage_radii             0.90 
_refine.pdbx_ls_cross_valid_method               ? 
_refine.details                                  ? 
_refine.pdbx_starting_model                      'PDB ENTRY 3R3Q' 
_refine.pdbx_method_to_determine_struct          'MOLECULAR REPLACEMENT' 
_refine.pdbx_isotropic_thermal_model             ? 
_refine.pdbx_stereochemistry_target_values       ML 
_refine.pdbx_stereochem_target_val_spec_case     ? 
_refine.pdbx_R_Free_selection_details            RANDOM 
_refine.pdbx_overall_ESU_R_Free                  ? 
_refine.overall_SU_ML                            0.16 
_refine.overall_SU_B                             ? 
_refine.overall_SU_R_Cruickshank_DPI             ? 
_refine.ls_redundancy_reflns_obs                 ? 
_refine.B_iso_min                                ? 
_refine.B_iso_max                                ? 
_refine.overall_SU_R_free                        ? 
_refine.ls_wR_factor_R_free                      ? 
_refine.ls_wR_factor_R_work                      ? 
_refine.overall_FOM_free_R_set                   ? 
_refine.overall_FOM_work_R_set                   ? 
_refine.pdbx_overall_phase_error                 17.96 
_refine.pdbx_refine_id                           'X-RAY DIFFRACTION' 
_refine.pdbx_overall_ESU_R                       ? 
_refine.pdbx_diffrn_id                           1 
_refine.pdbx_TLS_residual_ADP_flag               ? 
_refine.pdbx_overall_SU_R_free_Cruickshank_DPI   ? 
_refine.pdbx_overall_SU_R_Blow_DPI               ? 
_refine.pdbx_overall_SU_R_free_Blow_DPI          ? 
# 
_refine_hist.pdbx_refine_id                   'X-RAY DIFFRACTION' 
_refine_hist.cycle_id                         LAST 
_refine_hist.pdbx_number_atoms_protein        1295 
_refine_hist.pdbx_number_atoms_nucleic_acid   0 
_refine_hist.pdbx_number_atoms_ligand         0 
_refine_hist.number_atoms_solvent             151 
_refine_hist.number_atoms_total               1446 
_refine_hist.d_res_high                       1.866 
_refine_hist.d_res_low                        30.973 
# 
loop_
_refine_ls_restr.type 
_refine_ls_restr.dev_ideal 
_refine_ls_restr.dev_ideal_target 
_refine_ls_restr.weight 
_refine_ls_restr.number 
_refine_ls_restr.pdbx_restraint_function 
_refine_ls_restr.pdbx_refine_id 
f_bond_d           0.007  ? ? 1335 ? 'X-RAY DIFFRACTION' 
f_angle_d          1.113  ? ? 1831 ? 'X-RAY DIFFRACTION' 
f_dihedral_angle_d 15.121 ? ? 480  ? 'X-RAY DIFFRACTION' 
f_chiral_restr     0.074  ? ? 207  ? 'X-RAY DIFFRACTION' 
f_plane_restr      0.006  ? ? 236  ? 'X-RAY DIFFRACTION' 
# 
loop_
_refine_ls_shell.pdbx_total_number_of_bins_used 
_refine_ls_shell.d_res_high 
_refine_ls_shell.d_res_low 
_refine_ls_shell.number_reflns_R_work 
_refine_ls_shell.R_factor_R_work 
_refine_ls_shell.percent_reflns_obs 
_refine_ls_shell.R_factor_R_free 
_refine_ls_shell.R_factor_R_free_error 
_refine_ls_shell.percent_reflns_R_free 
_refine_ls_shell.number_reflns_R_free 
_refine_ls_shell.number_reflns_all 
_refine_ls_shell.R_factor_all 
_refine_ls_shell.number_reflns_obs 
_refine_ls_shell.redundancy_reflns_obs 
_refine_ls_shell.pdbx_refine_id 
. 1.8663 1.9833  2405 0.1804 83.00  0.2341 . . 142 . . . . 'X-RAY DIFFRACTION' 
. 1.9833 2.1364  2787 0.1760 96.00  0.2267 . . 147 . . . . 'X-RAY DIFFRACTION' 
. 2.1364 2.3513  2802 0.1734 97.00  0.2070 . . 152 . . . . 'X-RAY DIFFRACTION' 
. 2.3513 2.6913  2902 0.1808 98.00  0.2191 . . 146 . . . . 'X-RAY DIFFRACTION' 
. 2.6913 3.3901  2943 0.1815 100.00 0.2197 . . 170 . . . . 'X-RAY DIFFRACTION' 
. 3.3901 30.9776 3127 0.1835 100.00 0.1702 . . 143 . . . . 'X-RAY DIFFRACTION' 
# 
_struct.entry_id                  3R42 
_struct.title                     'Crystal structure of the yeast vps23 UEV domain in complex with a vps27 PSDP peptide' 
_struct.pdbx_model_details        ? 
_struct.pdbx_CASP_flag            ? 
_struct.pdbx_model_type_details   ? 
# 
_struct_keywords.entry_id        3R42 
_struct_keywords.pdbx_keywords   'PROTEIN TRANSPORT' 
_struct_keywords.text            'endosomal sorting, ESCRT, PROTEIN TRANSPORT' 
# 
loop_
_struct_asym.id 
_struct_asym.pdbx_blank_PDB_chainid_flag 
_struct_asym.pdbx_modified 
_struct_asym.entity_id 
_struct_asym.details 
A N N 1 ? 
B N N 2 ? 
C N N 3 ? 
D N N 3 ? 
# 
_struct_biol.id        1 
_struct_biol.details   ? 
# 
loop_
_struct_conf.conf_type_id 
_struct_conf.id 
_struct_conf.pdbx_PDB_helix_id 
_struct_conf.beg_label_comp_id 
_struct_conf.beg_label_asym_id 
_struct_conf.beg_label_seq_id 
_struct_conf.pdbx_beg_PDB_ins_code 
_struct_conf.end_label_comp_id 
_struct_conf.end_label_asym_id 
_struct_conf.end_label_seq_id 
_struct_conf.pdbx_end_PDB_ins_code 
_struct_conf.beg_auth_comp_id 
_struct_conf.beg_auth_asym_id 
_struct_conf.beg_auth_seq_id 
_struct_conf.end_auth_comp_id 
_struct_conf.end_auth_asym_id 
_struct_conf.end_auth_seq_id 
_struct_conf.pdbx_PDB_helix_class 
_struct_conf.details 
_struct_conf.pdbx_PDB_helix_length 
HELX_P HELX_P1 1 PRO A 12  ? TYR A 27  ? PRO A 10  TYR A 25  1 ? 16 
HELX_P HELX_P2 2 ASP A 29  ? PHE A 44  ? ASP A 27  PHE A 42  1 ? 16 
HELX_P HELX_P3 3 ASP A 108 ? ILE A 112 ? ASP A 106 ILE A 110 5 ? 5  
HELX_P HELX_P4 4 LEU A 116 ? ILE A 122 ? LEU A 114 ILE A 120 5 ? 7  
HELX_P HELX_P5 5 LEU A 130 ? ALA A 135 ? LEU A 128 ALA A 133 1 ? 6  
HELX_P HELX_P6 6 ASN A 142 ? HIS A 155 ? ASN A 140 HIS A 153 1 ? 14 
# 
_struct_conf_type.id          HELX_P 
_struct_conf_type.criteria    ? 
_struct_conf_type.reference   ? 
# 
_struct_mon_prot_cis.pdbx_id                1 
_struct_mon_prot_cis.label_comp_id          TYR 
_struct_mon_prot_cis.label_seq_id           93 
_struct_mon_prot_cis.label_asym_id          A 
_struct_mon_prot_cis.label_alt_id           . 
_struct_mon_prot_cis.pdbx_PDB_ins_code      ? 
_struct_mon_prot_cis.auth_comp_id           TYR 
_struct_mon_prot_cis.auth_seq_id            91 
_struct_mon_prot_cis.auth_asym_id           A 
_struct_mon_prot_cis.pdbx_label_comp_id_2   PRO 
_struct_mon_prot_cis.pdbx_label_seq_id_2    94 
_struct_mon_prot_cis.pdbx_label_asym_id_2   A 
_struct_mon_prot_cis.pdbx_PDB_ins_code_2    ? 
_struct_mon_prot_cis.pdbx_auth_comp_id_2    PRO 
_struct_mon_prot_cis.pdbx_auth_seq_id_2     92 
_struct_mon_prot_cis.pdbx_auth_asym_id_2    A 
_struct_mon_prot_cis.pdbx_PDB_model_num     1 
_struct_mon_prot_cis.pdbx_omega_angle       3.32 
# 
_struct_sheet.id               A 
_struct_sheet.type             ? 
_struct_sheet.number_strands   4 
_struct_sheet.details          ? 
# 
loop_
_struct_sheet_order.sheet_id 
_struct_sheet_order.range_id_1 
_struct_sheet_order.range_id_2 
_struct_sheet_order.offset 
_struct_sheet_order.sense 
A 1 2 ? anti-parallel 
A 2 3 ? anti-parallel 
A 3 4 ? anti-parallel 
# 
loop_
_struct_sheet_range.sheet_id 
_struct_sheet_range.id 
_struct_sheet_range.beg_label_comp_id 
_struct_sheet_range.beg_label_asym_id 
_struct_sheet_range.beg_label_seq_id 
_struct_sheet_range.pdbx_beg_PDB_ins_code 
_struct_sheet_range.end_label_comp_id 
_struct_sheet_range.end_label_asym_id 
_struct_sheet_range.end_label_seq_id 
_struct_sheet_range.pdbx_end_PDB_ins_code 
_struct_sheet_range.beg_auth_comp_id 
_struct_sheet_range.beg_auth_asym_id 
_struct_sheet_range.beg_auth_seq_id 
_struct_sheet_range.end_auth_comp_id 
_struct_sheet_range.end_auth_asym_id 
_struct_sheet_range.end_auth_seq_id 
A 1 ARG A 48 ? THR A 55  ? ARG A 46 THR A 53  
A 2 PRO A 61 ? SER A 72  ? PRO A 59 SER A 70  
A 3 SER A 82 ? TRP A 88  ? SER A 80 TRP A 86  
A 4 PHE A 99 ? ILE A 102 ? PHE A 97 ILE A 100 
# 
loop_
_pdbx_struct_sheet_hbond.sheet_id 
_pdbx_struct_sheet_hbond.range_id_1 
_pdbx_struct_sheet_hbond.range_id_2 
_pdbx_struct_sheet_hbond.range_1_label_atom_id 
_pdbx_struct_sheet_hbond.range_1_label_comp_id 
_pdbx_struct_sheet_hbond.range_1_label_asym_id 
_pdbx_struct_sheet_hbond.range_1_label_seq_id 
_pdbx_struct_sheet_hbond.range_1_PDB_ins_code 
_pdbx_struct_sheet_hbond.range_1_auth_atom_id 
_pdbx_struct_sheet_hbond.range_1_auth_comp_id 
_pdbx_struct_sheet_hbond.range_1_auth_asym_id 
_pdbx_struct_sheet_hbond.range_1_auth_seq_id 
_pdbx_struct_sheet_hbond.range_2_label_atom_id 
_pdbx_struct_sheet_hbond.range_2_label_comp_id 
_pdbx_struct_sheet_hbond.range_2_label_asym_id 
_pdbx_struct_sheet_hbond.range_2_label_seq_id 
_pdbx_struct_sheet_hbond.range_2_PDB_ins_code 
_pdbx_struct_sheet_hbond.range_2_auth_atom_id 
_pdbx_struct_sheet_hbond.range_2_auth_comp_id 
_pdbx_struct_sheet_hbond.range_2_auth_asym_id 
_pdbx_struct_sheet_hbond.range_2_auth_seq_id 
A 1 2 N ARG A 50 ? N ARG A 48 O SER A 66 ? O SER A 64 
A 2 3 N ILE A 67 ? N ILE A 65 O MET A 87 ? O MET A 85 
A 3 4 N TRP A 88 ? N TRP A 86 O PHE A 99 ? O PHE A 97 
# 
_atom_sites.entry_id                    3R42 
_atom_sites.fract_transf_matrix[1][1]   -0.00066835 
_atom_sites.fract_transf_matrix[1][2]   0.00583353 
_atom_sites.fract_transf_matrix[1][3]   -0.00870961 
_atom_sites.fract_transf_matrix[2][1]   0.00086873 
_atom_sites.fract_transf_matrix[2][2]   -0.00575927 
_atom_sites.fract_transf_matrix[2][3]   -0.00392411 
_atom_sites.fract_transf_matrix[3][1]   -0.03088380 
_atom_sites.fract_transf_matrix[3][2]   -0.00430752 
_atom_sites.fract_transf_matrix[3][3]   -0.00051516 
_atom_sites.fract_transf_vector[1]      0.200067 
_atom_sites.fract_transf_vector[2]      0.135851 
_atom_sites.fract_transf_vector[3]      0.127099 
# 
loop_
_atom_type.symbol 
C 
N 
O 
S 
# 
loop_
_atom_site.group_PDB 
_atom_site.id 
_atom_site.type_symbol 
_atom_site.label_atom_id 
_atom_site.label_alt_id 
_atom_site.label_comp_id 
_atom_site.label_asym_id 
_atom_site.label_entity_id 
_atom_site.label_seq_id 
_atom_site.pdbx_PDB_ins_code 
_atom_site.Cartn_x 
_atom_site.Cartn_y 
_atom_site.Cartn_z 
_atom_site.occupancy 
_atom_site.B_iso_or_equiv 
_atom_site.pdbx_formal_charge 
_atom_site.auth_seq_id 
_atom_site.auth_comp_id 
_atom_site.auth_asym_id 
_atom_site.auth_atom_id 
_atom_site.pdbx_PDB_model_num 
ATOM   1    N N   . GLY A 1 7   ? -9.824  -15.767 7.048   1.00 35.56 ? 5   GLY A N   1 
ATOM   2    C CA  . GLY A 1 7   ? -9.402  -15.272 8.348   1.00 26.05 ? 5   GLY A CA  1 
ATOM   3    C C   . GLY A 1 7   ? -8.058  -15.814 8.795   1.00 27.40 ? 5   GLY A C   1 
ATOM   4    O O   . GLY A 1 7   ? -7.575  -15.473 9.871   1.00 23.34 ? 5   GLY A O   1 
ATOM   5    N N   . LYS A 1 8   ? -7.430  -16.649 7.970   1.00 25.33 ? 6   LYS A N   1 
ATOM   6    C CA  . LYS A 1 8   ? -6.137  -17.209 8.347   1.00 25.62 ? 6   LYS A CA  1 
ATOM   7    C C   . LYS A 1 8   ? -5.050  -16.141 8.368   1.00 25.63 ? 6   LYS A C   1 
ATOM   8    O O   . LYS A 1 8   ? -4.958  -15.310 7.465   1.00 27.39 ? 6   LYS A O   1 
ATOM   9    C CB  . LYS A 1 8   ? -5.723  -18.343 7.412   1.00 33.25 ? 6   LYS A CB  1 
ATOM   10   C CG  . LYS A 1 8   ? -4.363  -18.924 7.762   1.00 34.89 ? 6   LYS A CG  1 
ATOM   11   C CD  . LYS A 1 8   ? -4.067  -20.186 6.965   1.00 49.68 ? 6   LYS A CD  1 
ATOM   12   C CE  . LYS A 1 8   ? -2.751  -20.815 7.400   1.00 50.28 ? 6   LYS A CE  1 
ATOM   13   N NZ  . LYS A 1 8   ? -2.637  -22.231 6.937   1.00 56.17 ? 6   LYS A NZ  1 
ATOM   14   N N   . ILE A 1 9   ? -4.218  -16.173 9.399   1.00 24.22 ? 7   ILE A N   1 
ATOM   15   C CA  . ILE A 1 9   ? -3.162  -15.174 9.557   1.00 22.61 ? 7   ILE A CA  1 
ATOM   16   C C   . ILE A 1 9   ? -1.826  -15.706 9.053   1.00 25.20 ? 7   ILE A C   1 
ATOM   17   O O   . ILE A 1 9   ? -1.381  -16.777 9.462   1.00 27.60 ? 7   ILE A O   1 
ATOM   18   C CB  . ILE A 1 9   ? -3.040  -14.745 11.021  1.00 19.33 ? 7   ILE A CB  1 
ATOM   19   C CG1 . ILE A 1 9   ? -4.376  -14.134 11.479  1.00 21.06 ? 7   ILE A CG1 1 
ATOM   20   C CG2 . ILE A 1 9   ? -1.878  -13.776 11.194  1.00 19.01 ? 7   ILE A CG2 1 
ATOM   21   C CD1 . ILE A 1 9   ? -4.420  -13.769 12.978  1.00 22.17 ? 7   ILE A CD1 1 
ATOM   22   N N   . SER A 1 10  ? -1.189  -14.949 8.164   1.00 23.92 ? 8   SER A N   1 
ATOM   23   C CA  . SER A 1 10  ? 0.047   -15.384 7.511   1.00 23.60 ? 8   SER A CA  1 
ATOM   24   C C   . SER A 1 10  ? 1.293   -14.766 8.132   1.00 27.54 ? 8   SER A C   1 
ATOM   25   O O   . SER A 1 10  ? 2.412   -15.226 7.897   1.00 27.28 ? 8   SER A O   1 
ATOM   26   C CB  . SER A 1 10  ? -0.011  -15.046 6.015   1.00 30.96 ? 8   SER A CB  1 
ATOM   27   O OG  . SER A 1 10  ? -0.214  -13.649 5.820   1.00 25.69 ? 8   SER A OG  1 
ATOM   28   N N   . VAL A 1 11  ? 1.116   -13.713 8.917   1.00 23.53 ? 9   VAL A N   1 
ATOM   29   C CA  . VAL A 1 11  ? 2.265   -13.095 9.565   1.00 24.57 ? 9   VAL A CA  1 
ATOM   30   C C   . VAL A 1 11  ? 2.514   -13.784 10.896  1.00 22.94 ? 9   VAL A C   1 
ATOM   31   O O   . VAL A 1 11  ? 1.589   -14.319 11.491  1.00 23.78 ? 9   VAL A O   1 
ATOM   32   C CB  . VAL A 1 11  ? 2.069   -11.585 9.769   1.00 24.14 ? 9   VAL A CB  1 
ATOM   33   C CG1 . VAL A 1 11  ? 1.975   -10.883 8.429   1.00 29.46 ? 9   VAL A CG1 1 
ATOM   34   C CG2 . VAL A 1 11  ? 0.829   -11.314 10.589  1.00 22.23 ? 9   VAL A CG2 1 
ATOM   35   N N   . PRO A 1 12  ? 3.767   -13.786 11.359  1.00 22.75 ? 10  PRO A N   1 
ATOM   36   C CA  . PRO A 1 12  ? 4.069   -14.474 12.620  1.00 22.24 ? 10  PRO A CA  1 
ATOM   37   C C   . PRO A 1 12  ? 3.677   -13.645 13.837  1.00 22.53 ? 10  PRO A C   1 
ATOM   38   O O   . PRO A 1 12  ? 3.356   -12.454 13.714  1.00 18.02 ? 10  PRO A O   1 
ATOM   39   C CB  . PRO A 1 12  ? 5.583   -14.660 12.566  1.00 24.51 ? 10  PRO A CB  1 
ATOM   40   C CG  . PRO A 1 12  ? 6.075   -13.544 11.685  1.00 24.80 ? 10  PRO A CG  1 
ATOM   41   C CD  . PRO A 1 12  ? 4.981   -13.302 10.671  1.00 21.73 ? 10  PRO A CD  1 
ATOM   42   N N   . GLU A 1 13  ? 3.694   -14.283 15.002  1.00 21.00 ? 11  GLU A N   1 
ATOM   43   C CA  . GLU A 1 13  ? 3.381   -13.601 16.254  1.00 20.95 ? 11  GLU A CA  1 
ATOM   44   C C   . GLU A 1 13  ? 4.165   -12.316 16.447  1.00 21.08 ? 11  GLU A C   1 
ATOM   45   O O   . GLU A 1 13  ? 3.611   -11.328 16.906  1.00 18.34 ? 11  GLU A O   1 
ATOM   46   C CB  . GLU A 1 13  ? 3.642   -14.518 17.458  1.00 24.04 ? 11  GLU A CB  1 
ATOM   47   C CG  . GLU A 1 13  ? 2.605   -15.614 17.629  1.00 23.99 ? 11  GLU A CG  1 
ATOM   48   C CD  . GLU A 1 13  ? 3.029   -16.692 18.621  1.00 31.57 ? 11  GLU A CD  1 
ATOM   49   O OE1 . GLU A 1 13  ? 4.075   -16.531 19.286  1.00 40.11 ? 11  GLU A OE1 1 
ATOM   50   O OE2 . GLU A 1 13  ? 2.314   -17.713 18.731  1.00 28.11 ? 11  GLU A OE2 1 
ATOM   51   N N   . ALA A 1 14  ? 5.455   -12.329 16.132  1.00 19.14 ? 12  ALA A N   1 
ATOM   52   C CA  . ALA A 1 14  ? 6.278   -11.144 16.395  1.00 22.62 ? 12  ALA A CA  1 
ATOM   53   C C   . ALA A 1 14  ? 5.717   -9.923  15.668  1.00 20.52 ? 12  ALA A C   1 
ATOM   54   O O   . ALA A 1 14  ? 5.776   -8.806  16.173  1.00 19.29 ? 12  ALA A O   1 
ATOM   55   C CB  . ALA A 1 14  ? 7.728   -11.385 16.003  1.00 23.04 ? 12  ALA A CB  1 
ATOM   56   N N   . VAL A 1 15  ? 5.158   -10.142 14.483  1.00 16.18 ? 13  VAL A N   1 
ATOM   57   C CA  . VAL A 1 15  ? 4.625   -9.037  13.699  1.00 18.90 ? 13  VAL A CA  1 
ATOM   58   C C   . VAL A 1 15  ? 3.285   -8.538  14.242  1.00 18.13 ? 13  VAL A C   1 
ATOM   59   O O   . VAL A 1 15  ? 3.028   -7.340  14.261  1.00 17.44 ? 13  VAL A O   1 
ATOM   60   C CB  . VAL A 1 15  ? 4.501   -9.420  12.204  1.00 18.88 ? 13  VAL A CB  1 
ATOM   61   C CG1 . VAL A 1 15  ? 3.688   -8.402  11.457  1.00 23.78 ? 13  VAL A CG1 1 
ATOM   62   C CG2 . VAL A 1 15  ? 5.887   -9.574  11.592  1.00 21.12 ? 13  VAL A CG2 1 
ATOM   63   N N   . VAL A 1 16  ? 2.438   -9.453  14.699  1.00 17.07 ? 14  VAL A N   1 
ATOM   64   C CA  . VAL A 1 16  ? 1.169   -9.044  15.306  1.00 19.07 ? 14  VAL A CA  1 
ATOM   65   C C   . VAL A 1 16  ? 1.431   -8.250  16.587  1.00 16.80 ? 14  VAL A C   1 
ATOM   66   O O   . VAL A 1 16  ? 0.814   -7.202  16.828  1.00 15.30 ? 14  VAL A O   1 
ATOM   67   C CB  . VAL A 1 16  ? 0.246   -10.261 15.572  1.00 16.41 ? 14  VAL A CB  1 
ATOM   68   C CG1 . VAL A 1 16  ? -1.014  -9.848  16.328  1.00 17.18 ? 14  VAL A CG1 1 
ATOM   69   C CG2 . VAL A 1 16  ? -0.133  -10.895 14.256  1.00 18.74 ? 14  VAL A CG2 1 
ATOM   70   N N   . ASN A 1 17  ? 2.360   -8.730  17.408  1.00 16.54 ? 15  ASN A N   1 
ATOM   71   C CA  . ASN A 1 17  ? 2.673   -8.003  18.633  1.00 17.38 ? 15  ASN A CA  1 
ATOM   72   C C   . ASN A 1 17  ? 3.253   -6.630  18.339  1.00 19.49 ? 15  ASN A C   1 
ATOM   73   O O   . ASN A 1 17  ? 2.992   -5.657  19.045  1.00 16.63 ? 15  ASN A O   1 
ATOM   74   C CB  . ASN A 1 17  ? 3.622   -8.803  19.518  1.00 17.18 ? 15  ASN A CB  1 
ATOM   75   C CG  . ASN A 1 17  ? 2.921   -9.958  20.206  1.00 19.94 ? 15  ASN A CG  1 
ATOM   76   O OD1 . ASN A 1 17  ? 3.096   -11.124 19.849  1.00 22.84 ? 15  ASN A OD1 1 
ATOM   77   N ND2 . ASN A 1 17  ? 2.115   -9.634  21.187  1.00 17.79 ? 15  ASN A ND2 1 
ATOM   78   N N   . TRP A 1 18  ? 4.049   -6.561  17.287  1.00 15.63 ? 16  TRP A N   1 
ATOM   79   C CA  . TRP A 1 18  ? 4.669   -5.307  16.888  1.00 17.92 ? 16  TRP A CA  1 
ATOM   80   C C   . TRP A 1 18  ? 3.608   -4.326  16.416  1.00 16.29 ? 16  TRP A C   1 
ATOM   81   O O   . TRP A 1 18  ? 3.642   -3.149  16.783  1.00 16.56 ? 16  TRP A O   1 
ATOM   82   C CB  . TRP A 1 18  ? 5.698   -5.573  15.781  1.00 16.40 ? 16  TRP A CB  1 
ATOM   83   C CG  . TRP A 1 18  ? 6.334   -4.335  15.211  1.00 17.21 ? 16  TRP A CG  1 
ATOM   84   C CD1 . TRP A 1 18  ? 7.468   -3.702  15.664  1.00 17.30 ? 16  TRP A CD1 1 
ATOM   85   C CD2 . TRP A 1 18  ? 5.892   -3.600  14.068  1.00 17.25 ? 16  TRP A CD2 1 
ATOM   86   N NE1 . TRP A 1 18  ? 7.745   -2.604  14.873  1.00 15.92 ? 16  TRP A NE1 1 
ATOM   87   C CE2 . TRP A 1 18  ? 6.795   -2.521  13.886  1.00 16.18 ? 16  TRP A CE2 1 
ATOM   88   C CE3 . TRP A 1 18  ? 4.815   -3.734  13.190  1.00 15.32 ? 16  TRP A CE3 1 
ATOM   89   C CZ2 . TRP A 1 18  ? 6.655   -1.595  12.850  1.00 15.63 ? 16  TRP A CZ2 1 
ATOM   90   C CZ3 . TRP A 1 18  ? 4.672   -2.813  12.164  1.00 17.22 ? 16  TRP A CZ3 1 
ATOM   91   C CH2 . TRP A 1 18  ? 5.579   -1.744  12.009  1.00 13.35 ? 16  TRP A CH2 1 
ATOM   92   N N   . LEU A 1 19  ? 2.655   -4.806  15.617  1.00 13.04 ? 17  LEU A N   1 
ATOM   93   C CA  . LEU A 1 19  ? 1.566   -3.959  15.138  1.00 16.81 ? 17  LEU A CA  1 
ATOM   94   C C   . LEU A 1 19  ? 0.763   -3.366  16.293  1.00 17.04 ? 17  LEU A C   1 
ATOM   95   O O   . LEU A 1 19  ? 0.442   -2.189  16.286  1.00 20.69 ? 17  LEU A O   1 
ATOM   96   C CB  . LEU A 1 19  ? 0.598   -4.760  14.265  1.00 18.08 ? 17  LEU A CB  1 
ATOM   97   C CG  . LEU A 1 19  ? 1.002   -4.959  12.813  1.00 20.03 ? 17  LEU A CG  1 
ATOM   98   C CD1 . LEU A 1 19  ? 0.078   -6.002  12.198  1.00 21.81 ? 17  LEU A CD1 1 
ATOM   99   C CD2 . LEU A 1 19  ? 0.898   -3.627  12.068  1.00 19.74 ? 17  LEU A CD2 1 
ATOM   100  N N   . PHE A 1 20  ? 0.411   -4.217  17.247  1.00 17.48 ? 18  PHE A N   1 
ATOM   101  C CA  . PHE A 1 20  ? -0.253  -3.828  18.496  1.00 20.18 ? 18  PHE A CA  1 
ATOM   102  C C   . PHE A 1 20  ? 0.544   -2.669  19.118  1.00 24.72 ? 18  PHE A C   1 
ATOM   103  O O   . PHE A 1 20  ? -0.003  -1.597  19.420  1.00 28.85 ? 18  PHE A O   1 
ATOM   104  C CB  . PHE A 1 20  ? -0.282  -5.068  19.406  1.00 24.69 ? 18  PHE A CB  1 
ATOM   105  C CG  . PHE A 1 20  ? -1.022  -4.898  20.726  1.00 32.56 ? 18  PHE A CG  1 
ATOM   106  C CD1 . PHE A 1 20  ? -2.352  -5.277  20.848  1.00 34.06 ? 18  PHE A CD1 1 
ATOM   107  C CD2 . PHE A 1 20  ? -0.360  -4.447  21.859  1.00 37.89 ? 18  PHE A CD2 1 
ATOM   108  C CE1 . PHE A 1 20  ? -3.026  -5.154  22.064  1.00 39.52 ? 18  PHE A CE1 1 
ATOM   109  C CE2 . PHE A 1 20  ? -1.024  -4.321  23.077  1.00 37.30 ? 18  PHE A CE2 1 
ATOM   110  C CZ  . PHE A 1 20  ? -2.355  -4.674  23.181  1.00 30.40 ? 18  PHE A CZ  1 
ATOM   111  N N   . LYS A 1 21  ? 1.845   -2.869  19.269  1.00 20.79 ? 19  LYS A N   1 
ATOM   112  C CA  . LYS A 1 21  ? 2.698   -1.865  19.916  1.00 20.92 ? 19  LYS A CA  1 
ATOM   113  C C   . LYS A 1 21  ? 2.815   -0.530  19.167  1.00 19.86 ? 19  LYS A C   1 
ATOM   114  O O   . LYS A 1 21  ? 2.701   0.524   19.781  1.00 21.30 ? 19  LYS A O   1 
ATOM   115  C CB  . LYS A 1 21  ? 4.095   -2.447  20.179  1.00 24.49 ? 19  LYS A CB  1 
ATOM   116  C CG  . LYS A 1 21  ? 5.088   -1.465  20.763  1.00 29.70 ? 19  LYS A CG  1 
ATOM   117  C CD  . LYS A 1 21  ? 6.395   -2.168  21.092  1.00 39.72 ? 19  LYS A CD  1 
ATOM   118  C CE  . LYS A 1 21  ? 7.604   -1.282  20.822  1.00 52.42 ? 19  LYS A CE  1 
ATOM   119  N NZ  . LYS A 1 21  ? 8.061   -1.375  19.398  1.00 47.39 ? 19  LYS A NZ  1 
ATOM   120  N N   . VAL A 1 22  ? 3.061   -0.550  17.855  1.00 16.74 ? 20  VAL A N   1 
ATOM   121  C CA  . VAL A 1 22  ? 3.370   0.708   17.167  1.00 17.53 ? 20  VAL A CA  1 
ATOM   122  C C   . VAL A 1 22  ? 2.139   1.538   16.826  1.00 17.58 ? 20  VAL A C   1 
ATOM   123  O O   . VAL A 1 22  ? 2.218   2.759   16.737  1.00 17.74 ? 20  VAL A O   1 
ATOM   124  C CB  . VAL A 1 22  ? 4.222   0.502   15.887  1.00 18.57 ? 20  VAL A CB  1 
ATOM   125  C CG1 . VAL A 1 22  ? 5.559   -0.165  16.236  1.00 16.12 ? 20  VAL A CG1 1 
ATOM   126  C CG2 . VAL A 1 22  ? 3.442   -0.298  14.855  1.00 16.06 ? 20  VAL A CG2 1 
ATOM   127  N N   . ILE A 1 23  ? 1.012   0.870   16.620  1.00 15.83 ? 21  ILE A N   1 
ATOM   128  C CA  . ILE A 1 23  ? -0.218  1.534   16.224  1.00 17.49 ? 21  ILE A CA  1 
ATOM   129  C C   . ILE A 1 23  ? -0.815  2.381   17.356  1.00 21.30 ? 21  ILE A C   1 
ATOM   130  O O   . ILE A 1 23  ? -1.227  3.524   17.138  1.00 17.81 ? 21  ILE A O   1 
ATOM   131  C CB  . ILE A 1 23  ? -1.245  0.498   15.701  1.00 18.73 ? 21  ILE A CB  1 
ATOM   132  C CG1 . ILE A 1 23  ? -0.805  0.006   14.314  1.00 17.86 ? 21  ILE A CG1 1 
ATOM   133  C CG2 . ILE A 1 23  ? -2.654  1.089   15.668  1.00 19.43 ? 21  ILE A CG2 1 
ATOM   134  C CD1 . ILE A 1 23  ? -1.669  -1.124  13.717  1.00 14.97 ? 21  ILE A CD1 1 
ATOM   135  N N   . GLN A 1 24  ? -0.816  1.833   18.565  1.00 21.19 ? 22  GLN A N   1 
ATOM   136  C CA  . GLN A 1 24  ? -1.439  2.498   19.729  1.00 26.30 ? 22  GLN A CA  1 
ATOM   137  C C   . GLN A 1 24  ? -1.153  3.987   19.866  1.00 25.16 ? 22  GLN A C   1 
ATOM   138  O O   . GLN A 1 24  ? -2.081  4.785   19.976  1.00 22.95 ? 22  GLN A O   1 
ATOM   139  C CB  . GLN A 1 24  ? -1.012  1.823   21.031  1.00 32.67 ? 22  GLN A CB  1 
ATOM   140  C CG  . GLN A 1 24  ? -1.324  0.365   21.104  1.00 37.21 ? 22  GLN A CG  1 
ATOM   141  C CD  . GLN A 1 24  ? -2.778  0.092   20.854  1.00 44.21 ? 22  GLN A CD  1 
ATOM   142  O OE1 . GLN A 1 24  ? -3.190  -0.127  19.713  1.00 46.94 ? 22  GLN A OE1 1 
ATOM   143  N NE2 . GLN A 1 24  ? -3.576  0.111   21.918  1.00 49.13 ? 22  GLN A NE2 1 
ATOM   144  N N   . PRO A 1 25  ? 0.137   4.367   19.902  1.00 24.48 ? 23  PRO A N   1 
ATOM   145  C CA  . PRO A 1 25  ? 0.508   5.765   20.167  1.00 27.93 ? 23  PRO A CA  1 
ATOM   146  C C   . PRO A 1 25  ? 0.210   6.719   19.012  1.00 25.65 ? 23  PRO A C   1 
ATOM   147  O O   . PRO A 1 25  ? 0.076   7.925   19.227  1.00 29.29 ? 23  PRO A O   1 
ATOM   148  C CB  . PRO A 1 25  ? 2.024   5.693   20.387  1.00 25.77 ? 23  PRO A CB  1 
ATOM   149  C CG  . PRO A 1 25  ? 2.335   4.254   20.598  1.00 27.61 ? 23  PRO A CG  1 
ATOM   150  C CD  . PRO A 1 25  ? 1.321   3.494   19.832  1.00 23.93 ? 23  PRO A CD  1 
ATOM   151  N N   . ILE A 1 26  ? 0.124   6.186   17.799  1.00 19.83 ? 24  ILE A N   1 
ATOM   152  C CA  . ILE A 1 26  ? -0.002  7.020   16.613  1.00 21.08 ? 24  ILE A CA  1 
ATOM   153  C C   . ILE A 1 26  ? -1.447  7.254   16.171  1.00 22.32 ? 24  ILE A C   1 
ATOM   154  O O   . ILE A 1 26  ? -1.826  8.384   15.858  1.00 21.91 ? 24  ILE A O   1 
ATOM   155  C CB  . ILE A 1 26  ? 0.768   6.414   15.419  1.00 23.05 ? 24  ILE A CB  1 
ATOM   156  C CG1 . ILE A 1 26  ? 2.270   6.361   15.716  1.00 23.88 ? 24  ILE A CG1 1 
ATOM   157  C CG2 . ILE A 1 26  ? 0.496   7.207   14.135  1.00 19.46 ? 24  ILE A CG2 1 
ATOM   158  C CD1 . ILE A 1 26  ? 3.052   5.656   14.637  1.00 22.07 ? 24  ILE A CD1 1 
ATOM   159  N N   . TYR A 1 27  ? -2.246  6.193   16.135  1.00 16.52 ? 25  TYR A N   1 
ATOM   160  C CA  . TYR A 1 27  ? -3.498  6.239   15.378  1.00 18.60 ? 25  TYR A CA  1 
ATOM   161  C C   . TYR A 1 27  ? -4.729  6.686   16.166  1.00 20.51 ? 25  TYR A C   1 
ATOM   162  O O   . TYR A 1 27  ? -4.990  6.210   17.256  1.00 20.85 ? 25  TYR A O   1 
ATOM   163  C CB  . TYR A 1 27  ? -3.737  4.913   14.630  1.00 17.78 ? 25  TYR A CB  1 
ATOM   164  C CG  . TYR A 1 27  ? -2.732  4.810   13.517  1.00 12.99 ? 25  TYR A CG  1 
ATOM   165  C CD1 . TYR A 1 27  ? -1.471  4.267   13.741  1.00 16.64 ? 25  TYR A CD1 1 
ATOM   166  C CD2 . TYR A 1 27  ? -3.008  5.349   12.270  1.00 11.73 ? 25  TYR A CD2 1 
ATOM   167  C CE1 . TYR A 1 27  ? -0.522  4.218   12.718  1.00 11.99 ? 25  TYR A CE1 1 
ATOM   168  C CE2 . TYR A 1 27  ? -2.063  5.330   11.257  1.00 13.29 ? 25  TYR A CE2 1 
ATOM   169  C CZ  . TYR A 1 27  ? -0.833  4.760   11.488  1.00 11.90 ? 25  TYR A CZ  1 
ATOM   170  O OH  . TYR A 1 27  ? 0.087   4.772   10.464  1.00 13.44 ? 25  TYR A OH  1 
ATOM   171  N N   . ASN A 1 28  ? -5.471  7.608   15.578  1.00 17.53 ? 26  ASN A N   1 
ATOM   172  C CA  . ASN A 1 28  ? -6.723  8.076   16.156  1.00 20.98 ? 26  ASN A CA  1 
ATOM   173  C C   . ASN A 1 28  ? -7.690  6.915   16.335  1.00 23.86 ? 26  ASN A C   1 
ATOM   174  O O   . ASN A 1 28  ? -8.412  6.848   17.325  1.00 24.00 ? 26  ASN A O   1 
ATOM   175  C CB  . ASN A 1 28  ? -7.326  9.129   15.233  1.00 20.41 ? 26  ASN A CB  1 
ATOM   176  C CG  . ASN A 1 28  ? -8.555  9.781   15.816  1.00 29.83 ? 26  ASN A CG  1 
ATOM   177  O OD1 . ASN A 1 28  ? -8.479  10.431  16.853  1.00 25.98 ? 26  ASN A OD1 1 
ATOM   178  N ND2 . ASN A 1 28  ? -9.697  9.626   15.136  1.00 24.70 ? 26  ASN A ND2 1 
ATOM   179  N N   . ASP A 1 29  ? -7.713  6.009   15.361  1.00 20.05 ? 27  ASP A N   1 
ATOM   180  C CA  . ASP A 1 29  ? -8.554  4.822   15.433  1.00 21.75 ? 27  ASP A CA  1 
ATOM   181  C C   . ASP A 1 29  ? -7.677  3.590   15.308  1.00 21.31 ? 27  ASP A C   1 
ATOM   182  O O   . ASP A 1 29  ? -7.556  3.005   14.226  1.00 19.12 ? 27  ASP A O   1 
ATOM   183  C CB  . ASP A 1 29  ? -9.579  4.842   14.304  1.00 24.50 ? 27  ASP A CB  1 
ATOM   184  C CG  . ASP A 1 29  ? -10.598 3.718   14.406  1.00 26.37 ? 27  ASP A CG  1 
ATOM   185  O OD1 . ASP A 1 29  ? -10.404 2.769   15.191  1.00 25.85 ? 27  ASP A OD1 1 
ATOM   186  O OD2 . ASP A 1 29  ? -11.600 3.779   13.664  1.00 28.64 ? 27  ASP A OD2 1 
ATOM   187  N N   . GLY A 1 30  ? -7.071  3.197   16.420  1.00 21.99 ? 28  GLY A N   1 
ATOM   188  C CA  . GLY A 1 30  ? -6.142  2.082   16.433  1.00 23.30 ? 28  GLY A CA  1 
ATOM   189  C C   . GLY A 1 30  ? -6.828  0.778   16.093  1.00 19.94 ? 28  GLY A C   1 
ATOM   190  O O   . GLY A 1 30  ? -6.257  -0.065  15.422  1.00 20.37 ? 28  GLY A O   1 
ATOM   191  N N   . ARG A 1 31  ? -8.061  0.607   16.556  1.00 22.20 ? 29  ARG A N   1 
ATOM   192  C CA  . ARG A 1 31  ? -8.803  -0.623  16.290  1.00 23.55 ? 29  ARG A CA  1 
ATOM   193  C C   . ARG A 1 31  ? -8.989  -0.886  14.795  1.00 21.40 ? 29  ARG A C   1 
ATOM   194  O O   . ARG A 1 31  ? -8.750  -1.987  14.312  1.00 18.38 ? 29  ARG A O   1 
ATOM   195  C CB  . ARG A 1 31  ? -10.172 -0.564  16.967  1.00 27.74 ? 29  ARG A CB  1 
ATOM   196  C CG  . ARG A 1 31  ? -10.957 -1.855  16.899  1.00 36.83 ? 29  ARG A CG  1 
ATOM   197  C CD  . ARG A 1 31  ? -11.884 -1.934  18.101  1.00 44.61 ? 29  ARG A CD  1 
ATOM   198  N NE  . ARG A 1 31  ? -11.142 -1.592  19.311  1.00 47.97 ? 29  ARG A NE  1 
ATOM   199  C CZ  . ARG A 1 31  ? -11.673 -1.013  20.383  1.00 50.84 ? 29  ARG A CZ  1 
ATOM   200  N NH1 . ARG A 1 31  ? -12.968 -0.713  20.412  1.00 46.95 ? 29  ARG A NH1 1 
ATOM   201  N NH2 . ARG A 1 31  ? -10.902 -0.733  21.428  1.00 45.16 ? 29  ARG A NH2 1 
ATOM   202  N N   . THR A 1 32  ? -9.433  0.127   14.064  1.00 18.23 ? 30  THR A N   1 
ATOM   203  C CA  . THR A 1 32  ? -9.639  -0.025  12.627  1.00 18.58 ? 30  THR A CA  1 
ATOM   204  C C   . THR A 1 32  ? -8.308  -0.162  11.890  1.00 15.51 ? 30  THR A C   1 
ATOM   205  O O   . THR A 1 32  ? -8.175  -0.977  10.969  1.00 14.79 ? 30  THR A O   1 
ATOM   206  C CB  . THR A 1 32  ? -10.437 1.148   12.051  1.00 21.16 ? 30  THR A CB  1 
ATOM   207  O OG1 . THR A 1 32  ? -11.725 1.183   12.678  1.00 22.91 ? 30  THR A OG1 1 
ATOM   208  C CG2 . THR A 1 32  ? -10.604 0.997   10.538  1.00 19.53 ? 30  THR A CG2 1 
ATOM   209  N N   . THR A 1 33  ? -7.322  0.633   12.295  1.00 15.60 ? 31  THR A N   1 
ATOM   210  C CA  . THR A 1 33  ? -6.013  0.593   11.651  1.00 15.56 ? 31  THR A CA  1 
ATOM   211  C C   . THR A 1 33  ? -5.370  -0.770  11.832  1.00 15.68 ? 31  THR A C   1 
ATOM   212  O O   . THR A 1 33  ? -4.816  -1.326  10.887  1.00 14.72 ? 31  THR A O   1 
ATOM   213  C CB  . THR A 1 33  ? -5.075  1.680   12.190  1.00 14.16 ? 31  THR A CB  1 
ATOM   214  O OG1 . THR A 1 33  ? -5.660  2.956   11.916  1.00 16.53 ? 31  THR A OG1 1 
ATOM   215  C CG2 . THR A 1 33  ? -3.688  1.588   11.514  1.00 14.22 ? 31  THR A CG2 1 
ATOM   216  N N   . PHE A 1 34  ? -5.455  -1.320  13.039  1.00 14.96 ? 32  PHE A N   1 
ATOM   217  C CA  . PHE A 1 34  ? -4.912  -2.661  13.280  1.00 16.09 ? 32  PHE A CA  1 
ATOM   218  C C   . PHE A 1 34  ? -5.645  -3.708  12.436  1.00 16.89 ? 32  PHE A C   1 
ATOM   219  O O   . PHE A 1 34  ? -5.021  -4.526  11.745  1.00 15.93 ? 32  PHE A O   1 
ATOM   220  C CB  . PHE A 1 34  ? -5.003  -2.995  14.769  1.00 18.31 ? 32  PHE A CB  1 
ATOM   221  C CG  . PHE A 1 34  ? -4.500  -4.370  15.125  1.00 16.62 ? 32  PHE A CG  1 
ATOM   222  C CD1 . PHE A 1 34  ? -3.165  -4.578  15.430  1.00 17.96 ? 32  PHE A CD1 1 
ATOM   223  C CD2 . PHE A 1 34  ? -5.366  -5.442  15.176  1.00 20.73 ? 32  PHE A CD2 1 
ATOM   224  C CE1 . PHE A 1 34  ? -2.694  -5.838  15.780  1.00 21.35 ? 32  PHE A CE1 1 
ATOM   225  C CE2 . PHE A 1 34  ? -4.906  -6.715  15.516  1.00 21.70 ? 32  PHE A CE2 1 
ATOM   226  C CZ  . PHE A 1 34  ? -3.575  -6.913  15.816  1.00 21.72 ? 32  PHE A CZ  1 
ATOM   227  N N   . HIS A 1 35  ? -6.968  -3.654  12.473  1.00 13.70 ? 33  HIS A N   1 
ATOM   228  C CA  . HIS A 1 35  ? -7.796  -4.609  11.746  1.00 17.04 ? 33  HIS A CA  1 
ATOM   229  C C   . HIS A 1 35  ? -7.474  -4.593  10.252  1.00 17.11 ? 33  HIS A C   1 
ATOM   230  O O   . HIS A 1 35  ? -7.266  -5.643  9.629   1.00 14.67 ? 33  HIS A O   1 
ATOM   231  C CB  . HIS A 1 35  ? -9.284  -4.294  11.950  1.00 16.42 ? 33  HIS A CB  1 
ATOM   232  C CG  . HIS A 1 35  ? -10.196 -5.141  11.119  1.00 22.50 ? 33  HIS A CG  1 
ATOM   233  N ND1 . HIS A 1 35  ? -10.484 -4.856  9.802   1.00 22.15 ? 33  HIS A ND1 1 
ATOM   234  C CD2 . HIS A 1 35  ? -10.879 -6.274  11.416  1.00 21.64 ? 33  HIS A CD2 1 
ATOM   235  C CE1 . HIS A 1 35  ? -11.305 -5.775  9.322   1.00 26.13 ? 33  HIS A CE1 1 
ATOM   236  N NE2 . HIS A 1 35  ? -11.559 -6.648  10.281  1.00 24.84 ? 33  HIS A NE2 1 
ATOM   237  N N   . ASP A 1 36  ? -7.455  -3.400  9.669   1.00 15.59 ? 34  ASP A N   1 
ATOM   238  C CA  . ASP A 1 36  ? -7.264  -3.267  8.220   1.00 15.85 ? 34  ASP A CA  1 
ATOM   239  C C   . ASP A 1 36  ? -5.831  -3.597  7.792   1.00 13.94 ? 34  ASP A C   1 
ATOM   240  O O   . ASP A 1 36  ? -5.604  -4.120  6.696   1.00 13.60 ? 34  ASP A O   1 
ATOM   241  C CB  . ASP A 1 36  ? -7.642  -1.866  7.741   1.00 13.66 ? 34  ASP A CB  1 
ATOM   242  C CG  . ASP A 1 36  ? -9.136  -1.617  7.787   1.00 22.62 ? 34  ASP A CG  1 
ATOM   243  O OD1 . ASP A 1 36  ? -9.877  -2.514  8.255   1.00 23.10 ? 34  ASP A OD1 1 
ATOM   244  O OD2 . ASP A 1 36  ? -9.565  -0.533  7.345   1.00 19.04 ? 34  ASP A OD2 1 
ATOM   245  N N   . SER A 1 37  ? -4.866  -3.275  8.648   1.00 14.09 ? 35  SER A N   1 
ATOM   246  C CA  . SER A 1 37  ? -3.468  -3.582  8.374   1.00 14.73 ? 35  SER A CA  1 
ATOM   247  C C   . SER A 1 37  ? -3.186  -5.076  8.434   1.00 16.97 ? 35  SER A C   1 
ATOM   248  O O   . SER A 1 37  ? -2.564  -5.644  7.525   1.00 16.87 ? 35  SER A O   1 
ATOM   249  C CB  . SER A 1 37  ? -2.554  -2.823  9.349   1.00 15.34 ? 35  SER A CB  1 
ATOM   250  O OG  . SER A 1 37  ? -2.673  -1.434  9.097   1.00 22.49 ? 35  SER A OG  1 
ATOM   251  N N   . LEU A 1 38  ? -3.649  -5.723  9.495   1.00 15.31 ? 36  LEU A N   1 
ATOM   252  C CA  . LEU A 1 38  ? -3.509  -7.172  9.598   1.00 16.76 ? 36  LEU A CA  1 
ATOM   253  C C   . LEU A 1 38  ? -4.177  -7.868  8.411   1.00 18.88 ? 36  LEU A C   1 
ATOM   254  O O   . LEU A 1 38  ? -3.603  -8.785  7.821   1.00 18.09 ? 36  LEU A O   1 
ATOM   255  C CB  . LEU A 1 38  ? -4.090  -7.690  10.914  1.00 16.73 ? 36  LEU A CB  1 
ATOM   256  C CG  . LEU A 1 38  ? -3.960  -9.198  11.154  1.00 22.87 ? 36  LEU A CG  1 
ATOM   257  C CD1 . LEU A 1 38  ? -2.497  -9.611  11.143  1.00 24.22 ? 36  LEU A CD1 1 
ATOM   258  C CD2 . LEU A 1 38  ? -4.638  -9.594  12.472  1.00 20.76 ? 36  LEU A CD2 1 
ATOM   259  N N   . ALA A 1 39  ? -5.376  -7.430  8.052   1.00 15.85 ? 37  ALA A N   1 
ATOM   260  C CA  . ALA A 1 39  ? -6.089  -8.057  6.942   1.00 18.90 ? 37  ALA A CA  1 
ATOM   261  C C   . ALA A 1 39  ? -5.338  -7.898  5.626   1.00 17.08 ? 37  ALA A C   1 
ATOM   262  O O   . ALA A 1 39  ? -5.303  -8.823  4.806   1.00 18.38 ? 37  ALA A O   1 
ATOM   263  C CB  . ALA A 1 39  ? -7.486  -7.496  6.806   1.00 18.72 ? 37  ALA A CB  1 
ATOM   264  N N   . LEU A 1 40  ? -4.766  -6.717  5.412   1.00 14.48 ? 38  LEU A N   1 
ATOM   265  C CA  . LEU A 1 40  ? -4.001  -6.452  4.193   1.00 18.94 ? 38  LEU A CA  1 
ATOM   266  C C   . LEU A 1 40  ? -2.823  -7.402  4.088   1.00 16.91 ? 38  LEU A C   1 
ATOM   267  O O   . LEU A 1 40  ? -2.619  -8.058  3.053   1.00 19.34 ? 38  LEU A O   1 
ATOM   268  C CB  . LEU A 1 40  ? -3.487  -4.998  4.166   1.00 18.42 ? 38  LEU A CB  1 
ATOM   269  C CG  . LEU A 1 40  ? -2.664  -4.622  2.923   1.00 15.84 ? 38  LEU A CG  1 
ATOM   270  C CD1 . LEU A 1 40  ? -3.533  -4.700  1.673   1.00 18.77 ? 38  LEU A CD1 1 
ATOM   271  C CD2 . LEU A 1 40  ? -2.071  -3.232  3.037   1.00 16.75 ? 38  LEU A CD2 1 
ATOM   272  N N   . LEU A 1 41  ? -2.030  -7.467  5.157   1.00 13.88 ? 39  LEU A N   1 
ATOM   273  C CA  . LEU A 1 41  ? -0.868  -8.337  5.185   1.00 17.08 ? 39  LEU A CA  1 
ATOM   274  C C   . LEU A 1 41  ? -1.262  -9.790  4.989   1.00 19.63 ? 39  LEU A C   1 
ATOM   275  O O   . LEU A 1 41  ? -0.528  -10.547 4.368   1.00 17.95 ? 39  LEU A O   1 
ATOM   276  C CB  . LEU A 1 41  ? -0.097  -8.196  6.495   1.00 15.79 ? 39  LEU A CB  1 
ATOM   277  C CG  . LEU A 1 41  ? 0.487   -6.803  6.733   1.00 16.33 ? 39  LEU A CG  1 
ATOM   278  C CD1 . LEU A 1 41  ? 0.992   -6.666  8.172   1.00 18.83 ? 39  LEU A CD1 1 
ATOM   279  C CD2 . LEU A 1 41  ? 1.610   -6.511  5.719   1.00 17.62 ? 39  LEU A CD2 1 
ATOM   280  N N   . ASP A 1 42  ? -2.405  -10.182 5.534   1.00 16.65 ? 40  ASP A N   1 
ATOM   281  C CA  . ASP A 1 42  ? -2.849  -11.566 5.389   1.00 18.74 ? 40  ASP A CA  1 
ATOM   282  C C   . ASP A 1 42  ? -3.314  -11.880 3.971   1.00 21.26 ? 40  ASP A C   1 
ATOM   283  O O   . ASP A 1 42  ? -3.315  -13.040 3.544   1.00 24.46 ? 40  ASP A O   1 
ATOM   284  C CB  . ASP A 1 42  ? -3.992  -11.868 6.361   1.00 20.14 ? 40  ASP A CB  1 
ATOM   285  C CG  . ASP A 1 42  ? -3.509  -12.009 7.793   1.00 24.53 ? 40  ASP A CG  1 
ATOM   286  O OD1 . ASP A 1 42  ? -2.295  -12.215 7.989   1.00 27.17 ? 40  ASP A OD1 1 
ATOM   287  O OD2 . ASP A 1 42  ? -4.347  -11.930 8.711   1.00 28.57 ? 40  ASP A OD2 1 
ATOM   288  N N   . ASN A 1 43  ? -3.734  -10.856 3.246   1.00 18.78 ? 41  ASN A N   1 
ATOM   289  C CA  . ASN A 1 43  ? -4.220  -11.072 1.884   1.00 18.50 ? 41  ASN A CA  1 
ATOM   290  C C   . ASN A 1 43  ? -3.159  -10.895 0.797   1.00 24.97 ? 41  ASN A C   1 
ATOM   291  O O   . ASN A 1 43  ? -3.316  -11.401 -0.312  1.00 22.54 ? 41  ASN A O   1 
ATOM   292  C CB  . ASN A 1 43  ? -5.434  -10.202 1.611   1.00 23.91 ? 41  ASN A CB  1 
ATOM   293  C CG  . ASN A 1 43  ? -6.701  -10.796 2.200   1.00 35.06 ? 41  ASN A CG  1 
ATOM   294  O OD1 . ASN A 1 43  ? -7.471  -11.447 1.497   1.00 40.13 ? 41  ASN A OD1 1 
ATOM   295  N ND2 . ASN A 1 43  ? -6.904  -10.608 3.507   1.00 27.33 ? 41  ASN A ND2 1 
ATOM   296  N N   . PHE A 1 44  ? -2.088  -10.171 1.114   1.00 18.03 ? 42  PHE A N   1 
ATOM   297  C CA  . PHE A 1 44  ? -1.014  -9.933  0.149   1.00 21.03 ? 42  PHE A CA  1 
ATOM   298  C C   . PHE A 1 44  ? 0.308   -10.272 0.785   1.00 23.37 ? 42  PHE A C   1 
ATOM   299  O O   . PHE A 1 44  ? 0.927   -9.432  1.464   1.00 18.14 ? 42  PHE A O   1 
ATOM   300  C CB  . PHE A 1 44  ? -1.035  -8.489  -0.350  1.00 21.79 ? 42  PHE A CB  1 
ATOM   301  C CG  . PHE A 1 44  ? -2.286  -8.148  -1.102  1.00 26.30 ? 42  PHE A CG  1 
ATOM   302  C CD1 . PHE A 1 44  ? -2.399  -8.436  -2.456  1.00 28.23 ? 42  PHE A CD1 1 
ATOM   303  C CD2 . PHE A 1 44  ? -3.365  -7.577  -0.450  1.00 22.74 ? 42  PHE A CD2 1 
ATOM   304  C CE1 . PHE A 1 44  ? -3.567  -8.147  -3.146  1.00 28.74 ? 42  PHE A CE1 1 
ATOM   305  C CE2 . PHE A 1 44  ? -4.530  -7.280  -1.139  1.00 26.81 ? 42  PHE A CE2 1 
ATOM   306  C CZ  . PHE A 1 44  ? -4.626  -7.565  -2.492  1.00 28.06 ? 42  PHE A CZ  1 
ATOM   307  N N   . HIS A 1 45  ? 0.728   -11.520 0.567   1.00 17.68 ? 43  HIS A N   1 
ATOM   308  C CA  . HIS A 1 45  ? 1.878   -12.085 1.249   1.00 18.87 ? 43  HIS A CA  1 
ATOM   309  C C   . HIS A 1 45  ? 3.215   -11.435 0.880   1.00 19.80 ? 43  HIS A C   1 
ATOM   310  O O   . HIS A 1 45  ? 4.205   -11.658 1.563   1.00 22.38 ? 43  HIS A O   1 
ATOM   311  C CB  . HIS A 1 45  ? 1.954   -13.601 1.022   1.00 26.24 ? 43  HIS A CB  1 
ATOM   312  C CG  . HIS A 1 45  ? 0.799   -14.362 1.607   1.00 26.99 ? 43  HIS A CG  1 
ATOM   313  N ND1 . HIS A 1 45  ? -0.241  -13.750 2.270   1.00 27.85 ? 43  HIS A ND1 1 
ATOM   314  C CD2 . HIS A 1 45  ? 0.529   -15.690 1.626   1.00 29.70 ? 43  HIS A CD2 1 
ATOM   315  C CE1 . HIS A 1 45  ? -1.109  -14.666 2.671   1.00 28.59 ? 43  HIS A CE1 1 
ATOM   316  N NE2 . HIS A 1 45  ? -0.666  -15.850 2.290   1.00 37.48 ? 43  HIS A NE2 1 
ATOM   317  N N   . SER A 1 46  ? 3.253   -10.637 -0.184  1.00 19.43 ? 44  SER A N   1 
ATOM   318  C CA  . SER A 1 46  ? 4.505   -9.971  -0.547  1.00 21.40 ? 44  SER A CA  1 
ATOM   319  C C   . SER A 1 46  ? 4.717   -8.677  0.232   1.00 18.90 ? 44  SER A C   1 
ATOM   320  O O   . SER A 1 46  ? 5.762   -8.054  0.105   1.00 18.64 ? 44  SER A O   1 
ATOM   321  C CB  . SER A 1 46  ? 4.571   -9.668  -2.048  1.00 22.33 ? 44  SER A CB  1 
ATOM   322  O OG  . SER A 1 46  ? 3.630   -8.665  -2.408  1.00 22.57 ? 44  SER A OG  1 
ATOM   323  N N   . LEU A 1 47  ? 3.725   -8.275  1.025   1.00 17.47 ? 45  LEU A N   1 
ATOM   324  C CA  . LEU A 1 47  ? 3.804   -7.003  1.754   1.00 14.20 ? 45  LEU A CA  1 
ATOM   325  C C   . LEU A 1 47  ? 4.317   -7.193  3.179   1.00 15.53 ? 45  LEU A C   1 
ATOM   326  O O   . LEU A 1 47  ? 4.090   -8.221  3.807   1.00 16.73 ? 45  LEU A O   1 
ATOM   327  C CB  . LEU A 1 47  ? 2.439   -6.297  1.781   1.00 16.13 ? 45  LEU A CB  1 
ATOM   328  C CG  . LEU A 1 47  ? 1.838   -5.954  0.422   1.00 19.68 ? 45  LEU A CG  1 
ATOM   329  C CD1 . LEU A 1 47  ? 0.470   -5.316  0.577   1.00 17.21 ? 45  LEU A CD1 1 
ATOM   330  C CD2 . LEU A 1 47  ? 2.782   -5.028  -0.346  1.00 21.38 ? 45  LEU A CD2 1 
ATOM   331  N N   . ARG A 1 48  ? 5.002   -6.173  3.684   1.00 13.30 ? 46  ARG A N   1 
ATOM   332  C CA  . ARG A 1 48  ? 5.514   -6.172  5.047   1.00 13.74 ? 46  ARG A CA  1 
ATOM   333  C C   . ARG A 1 48  ? 5.278   -4.781  5.624   1.00 12.26 ? 46  ARG A C   1 
ATOM   334  O O   . ARG A 1 48  ? 5.154   -3.830  4.873   1.00 12.54 ? 46  ARG A O   1 
ATOM   335  C CB  . ARG A 1 48  ? 7.008   -6.493  5.055   1.00 15.92 ? 46  ARG A CB  1 
ATOM   336  C CG  . ARG A 1 48  ? 7.300   -7.956  4.798   1.00 20.16 ? 46  ARG A CG  1 
ATOM   337  C CD  . ARG A 1 48  ? 8.758   -8.162  4.496   1.00 23.33 ? 46  ARG A CD  1 
ATOM   338  N NE  . ARG A 1 48  ? 9.025   -9.580  4.308   1.00 29.59 ? 46  ARG A NE  1 
ATOM   339  C CZ  . ARG A 1 48  ? 10.217  -10.135 4.491   1.00 37.70 ? 46  ARG A CZ  1 
ATOM   340  N NH1 . ARG A 1 48  ? 11.245  -9.377  4.855   1.00 32.88 ? 46  ARG A NH1 1 
ATOM   341  N NH2 . ARG A 1 48  ? 10.379  -11.441 4.313   1.00 36.97 ? 46  ARG A NH2 1 
ATOM   342  N N   . PRO A 1 49  ? 5.195   -4.679  6.959   1.00 13.38 ? 47  PRO A N   1 
ATOM   343  C CA  . PRO A 1 49  ? 4.998   -3.385  7.629   1.00 12.78 ? 47  PRO A CA  1 
ATOM   344  C C   . PRO A 1 49  ? 6.288   -2.838  8.251   1.00 13.70 ? 47  PRO A C   1 
ATOM   345  O O   . PRO A 1 49  ? 7.192   -3.588  8.617   1.00 13.13 ? 47  PRO A O   1 
ATOM   346  C CB  . PRO A 1 49  ? 4.024   -3.756  8.751   1.00 12.94 ? 47  PRO A CB  1 
ATOM   347  C CG  . PRO A 1 49  ? 4.551   -5.124  9.192   1.00 14.34 ? 47  PRO A CG  1 
ATOM   348  C CD  . PRO A 1 49  ? 5.059   -5.800  7.901   1.00 13.52 ? 47  PRO A CD  1 
ATOM   349  N N   . ARG A 1 50  ? 6.357   -1.517  8.392   1.00 12.76 ? 48  ARG A N   1 
ATOM   350  C CA  . ARG A 1 50  ? 7.420   -0.888  9.161   1.00 12.25 ? 48  ARG A CA  1 
ATOM   351  C C   . ARG A 1 50  ? 6.902   0.489   9.553   1.00 13.37 ? 48  ARG A C   1 
ATOM   352  O O   . ARG A 1 50  ? 5.930   0.967   8.970   1.00 15.04 ? 48  ARG A O   1 
ATOM   353  C CB  . ARG A 1 50  ? 8.708   -0.749  8.328   1.00 14.79 ? 48  ARG A CB  1 
ATOM   354  C CG  . ARG A 1 50  ? 8.544   0.069   7.055   1.00 15.09 ? 48  ARG A CG  1 
ATOM   355  C CD  . ARG A 1 50  ? 9.825   0.072   6.220   1.00 17.21 ? 48  ARG A CD  1 
ATOM   356  N NE  . ARG A 1 50  ? 9.608   0.764   4.955   1.00 19.16 ? 48  ARG A NE  1 
ATOM   357  C CZ  . ARG A 1 50  ? 10.288  0.503   3.840   1.00 21.94 ? 48  ARG A CZ  1 
ATOM   358  N NH1 . ARG A 1 50  ? 11.228  -0.430  3.838   1.00 20.10 ? 48  ARG A NH1 1 
ATOM   359  N NH2 . ARG A 1 50  ? 10.023  1.178   2.731   1.00 22.68 ? 48  ARG A NH2 1 
ATOM   360  N N   . THR A 1 51  ? 7.510   1.114   10.558  1.00 12.87 ? 49  THR A N   1 
ATOM   361  C CA  . THR A 1 51  ? 7.226   2.525   10.788  1.00 12.82 ? 49  THR A CA  1 
ATOM   362  C C   . THR A 1 51  ? 8.396   3.344   10.275  1.00 13.62 ? 49  THR A C   1 
ATOM   363  O O   . THR A 1 51  ? 9.556   2.963   10.446  1.00 13.27 ? 49  THR A O   1 
ATOM   364  C CB  . THR A 1 51  ? 6.964   2.863   12.269  1.00 14.30 ? 49  THR A CB  1 
ATOM   365  O OG1 . THR A 1 51  ? 8.047   2.385   13.074  1.00 16.21 ? 49  THR A OG1 1 
ATOM   366  C CG2 . THR A 1 51  ? 5.640   2.246   12.749  1.00 14.90 ? 49  THR A CG2 1 
ATOM   367  N N   . ARG A 1 52  ? 8.073   4.467   9.649   1.00 12.55 ? 50  ARG A N   1 
ATOM   368  C CA  . ARG A 1 52  ? 9.053   5.358   9.072   1.00 12.94 ? 50  ARG A CA  1 
ATOM   369  C C   . ARG A 1 52  ? 8.530   6.760   9.210   1.00 13.80 ? 50  ARG A C   1 
ATOM   370  O O   . ARG A 1 52  ? 7.318   6.979   9.310   1.00 13.90 ? 50  ARG A O   1 
ATOM   371  C CB  . ARG A 1 52  ? 9.242   5.052   7.589   1.00 12.91 ? 50  ARG A CB  1 
ATOM   372  C CG  . ARG A 1 52  ? 9.920   3.725   7.321   1.00 17.59 ? 50  ARG A CG  1 
ATOM   373  C CD  . ARG A 1 52  ? 11.427  3.905   7.449   1.00 20.43 ? 50  ARG A CD  1 
ATOM   374  N NE  . ARG A 1 52  ? 12.204  2.706   7.136   1.00 22.18 ? 50  ARG A NE  1 
ATOM   375  C CZ  . ARG A 1 52  ? 12.663  2.394   5.921   1.00 24.04 ? 50  ARG A CZ  1 
ATOM   376  N NH1 . ARG A 1 52  ? 12.385  3.151   4.867   1.00 21.15 ? 50  ARG A NH1 1 
ATOM   377  N NH2 . ARG A 1 52  ? 13.396  1.297   5.757   1.00 26.11 ? 50  ARG A NH2 1 
ATOM   378  N N   . VAL A 1 53  ? 9.442   7.723   9.197   1.00 14.00 ? 51  VAL A N   1 
ATOM   379  C CA  . VAL A 1 53  ? 9.046   9.122   9.243   1.00 12.56 ? 51  VAL A CA  1 
ATOM   380  C C   . VAL A 1 53  ? 8.656   9.636   7.863   1.00 15.73 ? 51  VAL A C   1 
ATOM   381  O O   . VAL A 1 53  ? 9.435   9.568   6.893   1.00 17.34 ? 51  VAL A O   1 
ATOM   382  C CB  . VAL A 1 53  ? 10.188  10.001  9.808   1.00 17.38 ? 51  VAL A CB  1 
ATOM   383  C CG1 . VAL A 1 53  ? 9.741   11.463  9.867   1.00 16.09 ? 51  VAL A CG1 1 
ATOM   384  C CG2 . VAL A 1 53  ? 10.593  9.499   11.169  1.00 16.61 ? 51  VAL A CG2 1 
ATOM   385  N N   . PHE A 1 54  ? 7.432   10.141  7.780   1.00 13.98 ? 52  PHE A N   1 
ATOM   386  C CA  . PHE A 1 54  ? 6.940   10.756  6.573   1.00 15.79 ? 52  PHE A CA  1 
ATOM   387  C C   . PHE A 1 54  ? 6.997   12.258  6.767   1.00 16.08 ? 52  PHE A C   1 
ATOM   388  O O   . PHE A 1 54  ? 6.524   12.753  7.775   1.00 14.91 ? 52  PHE A O   1 
ATOM   389  C CB  . PHE A 1 54  ? 5.483   10.337  6.299   1.00 16.19 ? 52  PHE A CB  1 
ATOM   390  C CG  . PHE A 1 54  ? 4.915   11.001  5.102   1.00 17.91 ? 52  PHE A CG  1 
ATOM   391  C CD1 . PHE A 1 54  ? 5.300   10.596  3.837   1.00 23.71 ? 52  PHE A CD1 1 
ATOM   392  C CD2 . PHE A 1 54  ? 4.064   12.084  5.229   1.00 16.98 ? 52  PHE A CD2 1 
ATOM   393  C CE1 . PHE A 1 54  ? 4.811   11.238  2.723   1.00 26.26 ? 52  PHE A CE1 1 
ATOM   394  C CE2 . PHE A 1 54  ? 3.575   12.728  4.115   1.00 21.40 ? 52  PHE A CE2 1 
ATOM   395  C CZ  . PHE A 1 54  ? 3.950   12.306  2.864   1.00 23.12 ? 52  PHE A CZ  1 
ATOM   396  N N   . THR A 1 55  ? 7.562   12.982  5.805   1.00 17.40 ? 53  THR A N   1 
ATOM   397  C CA  . THR A 1 55  ? 7.646   14.442  5.918   1.00 16.11 ? 53  THR A CA  1 
ATOM   398  C C   . THR A 1 55  ? 6.572   15.118  5.077   1.00 16.92 ? 53  THR A C   1 
ATOM   399  O O   . THR A 1 55  ? 6.533   14.966  3.854   1.00 17.96 ? 53  THR A O   1 
ATOM   400  C CB  . THR A 1 55  ? 9.042   14.971  5.548   1.00 20.54 ? 53  THR A CB  1 
ATOM   401  O OG1 . THR A 1 55  ? 9.995   14.418  6.457   1.00 20.04 ? 53  THR A OG1 1 
ATOM   402  C CG2 . THR A 1 55  ? 9.075   16.506  5.666   1.00 19.94 ? 53  THR A CG2 1 
ATOM   403  N N   . HIS A 1 56  ? 5.680   15.836  5.753   1.00 16.98 ? 54  HIS A N   1 
ATOM   404  C CA  . HIS A 1 56  ? 4.547   16.481  5.101   1.00 17.24 ? 54  HIS A CA  1 
ATOM   405  C C   . HIS A 1 56  ? 4.979   17.687  4.271   1.00 22.71 ? 54  HIS A C   1 
ATOM   406  O O   . HIS A 1 56  ? 6.121   18.158  4.386   1.00 20.87 ? 54  HIS A O   1 
ATOM   407  C CB  . HIS A 1 56  ? 3.519   16.894  6.156   1.00 16.33 ? 54  HIS A CB  1 
ATOM   408  C CG  . HIS A 1 56  ? 2.889   15.728  6.852   1.00 20.82 ? 54  HIS A CG  1 
ATOM   409  N ND1 . HIS A 1 56  ? 1.636   15.256  6.525   1.00 23.82 ? 54  HIS A ND1 1 
ATOM   410  C CD2 . HIS A 1 56  ? 3.361   14.900  7.813   1.00 18.97 ? 54  HIS A CD2 1 
ATOM   411  C CE1 . HIS A 1 56  ? 1.349   14.210  7.279   1.00 22.59 ? 54  HIS A CE1 1 
ATOM   412  N NE2 . HIS A 1 56  ? 2.378   13.975  8.075   1.00 21.77 ? 54  HIS A NE2 1 
ATOM   413  N N   . SER A 1 57  ? 4.059   18.185  3.450   1.00 21.70 ? 55  SER A N   1 
ATOM   414  C CA  . SER A 1 57  ? 4.341   19.302  2.550   1.00 25.50 ? 55  SER A CA  1 
ATOM   415  C C   . SER A 1 57  ? 4.856   20.552  3.281   1.00 27.98 ? 55  SER A C   1 
ATOM   416  O O   . SER A 1 57  ? 5.674   21.306  2.739   1.00 26.99 ? 55  SER A O   1 
ATOM   417  C CB  . SER A 1 57  ? 3.104   19.638  1.710   1.00 23.62 ? 55  SER A CB  1 
ATOM   418  O OG  . SER A 1 57  ? 2.018   20.034  2.537   1.00 32.30 ? 55  SER A OG  1 
ATOM   419  N N   . ASP A 1 58  ? 4.395   20.778  4.506   1.00 22.84 ? 56  ASP A N   1 
ATOM   420  C CA  . ASP A 1 58  ? 4.848   21.954  5.252   1.00 21.86 ? 56  ASP A CA  1 
ATOM   421  C C   . ASP A 1 58  ? 6.109   21.692  6.079   1.00 23.23 ? 56  ASP A C   1 
ATOM   422  O O   . ASP A 1 58  ? 6.511   22.532  6.888   1.00 23.98 ? 56  ASP A O   1 
ATOM   423  C CB  . ASP A 1 58  ? 3.734   22.512  6.147   1.00 26.57 ? 56  ASP A CB  1 
ATOM   424  C CG  . ASP A 1 58  ? 3.404   21.604  7.323   1.00 26.90 ? 56  ASP A CG  1 
ATOM   425  O OD1 . ASP A 1 58  ? 3.961   20.479  7.419   1.00 23.65 ? 56  ASP A OD1 1 
ATOM   426  O OD2 . ASP A 1 58  ? 2.575   22.030  8.164   1.00 26.29 ? 56  ASP A OD2 1 
ATOM   427  N N   . GLY A 1 59  ? 6.725   20.529  5.887   1.00 20.12 ? 57  GLY A N   1 
ATOM   428  C CA  . GLY A 1 59  ? 7.985   20.228  6.536   1.00 22.10 ? 57  GLY A CA  1 
ATOM   429  C C   . GLY A 1 59  ? 7.853   19.430  7.820   1.00 20.38 ? 57  GLY A C   1 
ATOM   430  O O   . GLY A 1 59  ? 8.859   19.042  8.410   1.00 21.10 ? 57  GLY A O   1 
ATOM   431  N N   . THR A 1 60  ? 6.620   19.175  8.256   1.00 18.61 ? 58  THR A N   1 
ATOM   432  C CA  . THR A 1 60  ? 6.396   18.475  9.514   1.00 16.18 ? 58  THR A CA  1 
ATOM   433  C C   . THR A 1 60  ? 6.658   16.982  9.347   1.00 14.96 ? 58  THR A C   1 
ATOM   434  O O   . THR A 1 60  ? 6.032   16.330  8.518   1.00 14.61 ? 58  THR A O   1 
ATOM   435  C CB  . THR A 1 60  ? 4.956   18.656  10.017  1.00 17.32 ? 58  THR A CB  1 
ATOM   436  O OG1 . THR A 1 60  ? 4.664   20.054  10.137  1.00 18.19 ? 58  THR A OG1 1 
ATOM   437  C CG2 . THR A 1 60  ? 4.776   17.972  11.368  1.00 18.66 ? 58  THR A CG2 1 
ATOM   438  N N   . PRO A 1 61  ? 7.588   16.441  10.134  1.00 15.74 ? 59  PRO A N   1 
ATOM   439  C CA  . PRO A 1 61  ? 7.820   14.993  10.086  1.00 15.86 ? 59  PRO A CA  1 
ATOM   440  C C   . PRO A 1 61  ? 6.817   14.254  10.967  1.00 18.38 ? 59  PRO A C   1 
ATOM   441  O O   . PRO A 1 61  ? 6.452   14.733  12.033  1.00 17.40 ? 59  PRO A O   1 
ATOM   442  C CB  . PRO A 1 61  ? 9.239   14.843  10.632  1.00 18.52 ? 59  PRO A CB  1 
ATOM   443  C CG  . PRO A 1 61  ? 9.460   16.076  11.502  1.00 20.30 ? 59  PRO A CG  1 
ATOM   444  C CD  . PRO A 1 61  ? 8.496   17.141  11.064  1.00 16.86 ? 59  PRO A CD  1 
ATOM   445  N N   . GLN A 1 62  ? 6.370   13.081  10.528  1.00 13.23 ? 60  GLN A N   1 
ATOM   446  C CA  . GLN A 1 62  ? 5.436   12.321  11.322  1.00 12.57 ? 60  GLN A CA  1 
ATOM   447  C C   . GLN A 1 62  ? 5.740   10.832  11.174  1.00 12.59 ? 60  GLN A C   1 
ATOM   448  O O   . GLN A 1 62  ? 5.786   10.325  10.059  1.00 12.69 ? 60  GLN A O   1 
ATOM   449  C CB  . GLN A 1 62  ? 4.003   12.611  10.869  1.00 12.91 ? 60  GLN A CB  1 
ATOM   450  C CG  . GLN A 1 62  ? 2.957   11.821  11.648  1.00 13.12 ? 60  GLN A CG  1 
ATOM   451  C CD  . GLN A 1 62  ? 1.550   12.074  11.135  1.00 15.02 ? 60  GLN A CD  1 
ATOM   452  O OE1 . GLN A 1 62  ? 1.349   12.357  9.951   1.00 15.61 ? 60  GLN A OE1 1 
ATOM   453  N NE2 . GLN A 1 62  ? 0.569   11.970  12.025  1.00 16.53 ? 60  GLN A NE2 1 
ATOM   454  N N   . LEU A 1 63  ? 5.953   10.151  12.291  1.00 11.09 ? 61  LEU A N   1 
ATOM   455  C CA  . LEU A 1 63  ? 6.166   8.705   12.267  1.00 11.67 ? 61  LEU A CA  1 
ATOM   456  C C   . LEU A 1 63  ? 4.847   8.028   11.902  1.00 13.90 ? 61  LEU A C   1 
ATOM   457  O O   . LEU A 1 63  ? 3.833   8.289   12.548  1.00 13.87 ? 61  LEU A O   1 
ATOM   458  C CB  . LEU A 1 63  ? 6.606   8.214   13.640  1.00 13.24 ? 61  LEU A CB  1 
ATOM   459  C CG  . LEU A 1 63  ? 6.943   6.715   13.616  1.00 16.11 ? 61  LEU A CG  1 
ATOM   460  C CD1 . LEU A 1 63  ? 8.235   6.500   12.835  1.00 15.24 ? 61  LEU A CD1 1 
ATOM   461  C CD2 . LEU A 1 63  ? 7.079   6.177   15.005  1.00 21.40 ? 61  LEU A CD2 1 
ATOM   462  N N   . LEU A 1 64  ? 4.848   7.154   10.901  1.00 13.21 ? 62  LEU A N   1 
ATOM   463  C CA  . LEU A 1 64  ? 3.601   6.502   10.485  1.00 11.62 ? 62  LEU A CA  1 
ATOM   464  C C   . LEU A 1 64  ? 3.865   5.035   10.175  1.00 13.01 ? 62  LEU A C   1 
ATOM   465  O O   . LEU A 1 64  ? 4.985   4.657   9.875   1.00 12.25 ? 62  LEU A O   1 
ATOM   466  C CB  . LEU A 1 64  ? 3.028   7.158   9.219   1.00 10.57 ? 62  LEU A CB  1 
ATOM   467  C CG  . LEU A 1 64  ? 2.457   8.575   9.268   1.00 11.06 ? 62  LEU A CG  1 
ATOM   468  C CD1 . LEU A 1 64  ? 2.022   8.986   7.855   1.00 13.46 ? 62  LEU A CD1 1 
ATOM   469  C CD2 . LEU A 1 64  ? 1.288   8.661   10.247  1.00 12.43 ? 62  LEU A CD2 1 
ATOM   470  N N   . LEU A 1 65  ? 2.811   4.234   10.213  1.00 11.25 ? 63  LEU A N   1 
ATOM   471  C CA  . LEU A 1 65  ? 2.910   2.861   9.740   1.00 11.87 ? 63  LEU A CA  1 
ATOM   472  C C   . LEU A 1 65  ? 2.931   2.892   8.217   1.00 11.93 ? 63  LEU A C   1 
ATOM   473  O O   . LEU A 1 65  ? 2.163   3.618   7.587   1.00 13.79 ? 63  LEU A O   1 
ATOM   474  C CB  . LEU A 1 65  ? 1.717   2.071   10.248  1.00 12.07 ? 63  LEU A CB  1 
ATOM   475  C CG  . LEU A 1 65  ? 1.537   0.670   9.665   1.00 14.22 ? 63  LEU A CG  1 
ATOM   476  C CD1 . LEU A 1 65  ? 2.662   -0.234  10.129  1.00 12.93 ? 63  LEU A CD1 1 
ATOM   477  C CD2 . LEU A 1 65  ? 0.175   0.155   10.095  1.00 16.78 ? 63  LEU A CD2 1 
ATOM   478  N N   . SER A 1 66  ? 3.822   2.107   7.630   1.00 12.09 ? 64  SER A N   1 
ATOM   479  C CA  . SER A 1 66  ? 3.981   2.062   6.190   1.00 12.01 ? 64  SER A CA  1 
ATOM   480  C C   . SER A 1 66  ? 3.957   0.585   5.807   1.00 14.50 ? 64  SER A C   1 
ATOM   481  O O   . SER A 1 66  ? 4.498   -0.261  6.523   1.00 16.05 ? 64  SER A O   1 
ATOM   482  C CB  . SER A 1 66  ? 5.336   2.682   5.828   1.00 15.86 ? 64  SER A CB  1 
ATOM   483  O OG  . SER A 1 66  ? 5.513   2.765   4.423   1.00 24.99 ? 64  SER A OG  1 
ATOM   484  N N   . ILE A 1 67  ? 3.312   0.256   4.702   1.00 13.80 ? 65  ILE A N   1 
ATOM   485  C CA  . ILE A 1 67  ? 3.284   -1.138  4.278   1.00 12.00 ? 65  ILE A CA  1 
ATOM   486  C C   . ILE A 1 67  ? 3.890   -1.144  2.879   1.00 13.62 ? 65  ILE A C   1 
ATOM   487  O O   . ILE A 1 67  ? 3.528   -0.313  2.045   1.00 16.68 ? 65  ILE A O   1 
ATOM   488  C CB  . ILE A 1 67  ? 1.841   -1.727  4.335   1.00 15.15 ? 65  ILE A CB  1 
ATOM   489  C CG1 . ILE A 1 67  ? 1.420   -1.874  5.809   1.00 17.53 ? 65  ILE A CG1 1 
ATOM   490  C CG2 . ILE A 1 67  ? 1.797   -3.090  3.660   1.00 16.19 ? 65  ILE A CG2 1 
ATOM   491  C CD1 . ILE A 1 67  ? -0.061  -2.038  6.018   1.00 24.74 ? 65  ILE A CD1 1 
ATOM   492  N N   . TYR A 1 68  ? 4.845   -2.037  2.643   1.00 14.22 ? 66  TYR A N   1 
ATOM   493  C CA  . TYR A 1 68  ? 5.646   -1.953  1.424   1.00 15.32 ? 66  TYR A CA  1 
ATOM   494  C C   . TYR A 1 68  ? 5.903   -3.333  0.845   1.00 15.49 ? 66  TYR A C   1 
ATOM   495  O O   . TYR A 1 68  ? 5.927   -4.317  1.561   1.00 15.29 ? 66  TYR A O   1 
ATOM   496  C CB  . TYR A 1 68  ? 7.000   -1.277  1.705   1.00 15.44 ? 66  TYR A CB  1 
ATOM   497  C CG  . TYR A 1 68  ? 7.866   -2.114  2.598   1.00 15.90 ? 66  TYR A CG  1 
ATOM   498  C CD1 . TYR A 1 68  ? 7.675   -2.120  3.978   1.00 15.41 ? 66  TYR A CD1 1 
ATOM   499  C CD2 . TYR A 1 68  ? 8.855   -2.929  2.065   1.00 20.11 ? 66  TYR A CD2 1 
ATOM   500  C CE1 . TYR A 1 68  ? 8.453   -2.922  4.797   1.00 16.15 ? 66  TYR A CE1 1 
ATOM   501  C CE2 . TYR A 1 68  ? 9.629   -3.728  2.860   1.00 22.19 ? 66  TYR A CE2 1 
ATOM   502  C CZ  . TYR A 1 68  ? 9.434   -3.721  4.220   1.00 21.01 ? 66  TYR A CZ  1 
ATOM   503  O OH  . TYR A 1 68  ? 10.206  -4.531  5.002   1.00 23.46 ? 66  TYR A OH  1 
ATOM   504  N N   . GLY A 1 69  ? 6.133   -3.378  -0.459  1.00 19.70 ? 67  GLY A N   1 
ATOM   505  C CA  . GLY A 1 69  ? 6.532   -4.616  -1.104  1.00 15.70 ? 67  GLY A CA  1 
ATOM   506  C C   . GLY A 1 69  ? 6.195   -4.530  -2.579  1.00 17.77 ? 67  GLY A C   1 
ATOM   507  O O   . GLY A 1 69  ? 5.764   -3.493  -3.074  1.00 18.24 ? 67  GLY A O   1 
ATOM   508  N N   . THR A 1 70  ? 6.376   -5.638  -3.278  1.00 20.43 ? 68  THR A N   1 
ATOM   509  C CA  . THR A 1 70  ? 6.131   -5.659  -4.706  1.00 21.79 ? 68  THR A CA  1 
ATOM   510  C C   . THR A 1 70  ? 4.833   -6.384  -4.993  1.00 24.50 ? 68  THR A C   1 
ATOM   511  O O   . THR A 1 70  ? 4.671   -7.540  -4.616  1.00 24.25 ? 68  THR A O   1 
ATOM   512  C CB  . THR A 1 70  ? 7.279   -6.392  -5.431  1.00 26.42 ? 68  THR A CB  1 
ATOM   513  O OG1 . THR A 1 70  ? 8.496   -5.674  -5.220  1.00 25.06 ? 68  THR A OG1 1 
ATOM   514  C CG2 . THR A 1 70  ? 6.995   -6.508  -6.930  1.00 25.10 ? 68  THR A CG2 1 
ATOM   515  N N   . ILE A 1 71  ? 3.917   -5.684  -5.655  1.00 20.89 ? 69  ILE A N   1 
ATOM   516  C CA  . ILE A 1 71  ? 2.638   -6.225  -6.078  1.00 21.97 ? 69  ILE A CA  1 
ATOM   517  C C   . ILE A 1 71  ? 2.793   -6.737  -7.502  1.00 29.42 ? 69  ILE A C   1 
ATOM   518  O O   . ILE A 1 71  ? 3.321   -6.036  -8.365  1.00 23.29 ? 69  ILE A O   1 
ATOM   519  C CB  . ILE A 1 71  ? 1.561   -5.129  -6.031  1.00 27.15 ? 69  ILE A CB  1 
ATOM   520  C CG1 . ILE A 1 71  ? 1.388   -4.642  -4.587  1.00 25.35 ? 69  ILE A CG1 1 
ATOM   521  C CG2 . ILE A 1 71  ? 0.245   -5.635  -6.571  1.00 32.83 ? 69  ILE A CG2 1 
ATOM   522  C CD1 . ILE A 1 71  ? 1.082   -5.773  -3.633  1.00 28.27 ? 69  ILE A CD1 1 
ATOM   523  N N   . SER A 1 72  ? 2.356   -7.967  -7.740  1.00 25.75 ? 70  SER A N   1 
ATOM   524  C CA  . SER A 1 72  ? 2.533   -8.592  -9.052  1.00 31.08 ? 70  SER A CA  1 
ATOM   525  C C   . SER A 1 72  ? 1.251   -9.248  -9.515  1.00 34.45 ? 70  SER A C   1 
ATOM   526  O O   . SER A 1 72  ? 0.540   -9.853  -8.720  1.00 34.21 ? 70  SER A O   1 
ATOM   527  C CB  . SER A 1 72  ? 3.616   -9.671  -8.992  1.00 32.03 ? 70  SER A CB  1 
ATOM   528  O OG  . SER A 1 72  ? 4.828   -9.168  -8.474  1.00 38.89 ? 70  SER A OG  1 
ATOM   529  N N   . THR A 1 73  ? 0.970   -9.141  -10.809 1.00 35.56 ? 71  THR A N   1 
ATOM   530  C CA  . THR A 1 73  ? -0.122  -9.890  -11.414 1.00 37.05 ? 71  THR A CA  1 
ATOM   531  C C   . THR A 1 73  ? 0.075   -11.364 -11.099 1.00 42.83 ? 71  THR A C   1 
ATOM   532  O O   . THR A 1 73  ? 1.209   -11.826 -10.963 1.00 49.16 ? 71  THR A O   1 
ATOM   533  C CB  . THR A 1 73  ? -0.100  -9.737  -12.933 1.00 36.68 ? 71  THR A CB  1 
ATOM   534  O OG1 . THR A 1 73  ? 1.198   -10.102 -13.413 1.00 36.34 ? 71  THR A OG1 1 
ATOM   535  C CG2 . THR A 1 73  ? -0.397  -8.301  -13.329 1.00 34.65 ? 71  THR A CG2 1 
ATOM   536  N N   . GLY A 1 74  ? -1.022  -12.108 -10.993 1.00 53.26 ? 72  GLY A N   1 
ATOM   537  C CA  . GLY A 1 74  ? -0.935  -13.534 -10.714 1.00 58.72 ? 72  GLY A CA  1 
ATOM   538  C C   . GLY A 1 74  ? -0.602  -14.353 -11.949 1.00 61.55 ? 72  GLY A C   1 
ATOM   539  O O   . GLY A 1 74  ? -0.765  -13.877 -13.074 1.00 59.78 ? 72  GLY A O   1 
ATOM   540  N N   . GLU A 1 75  ? -0.119  -15.579 -11.744 1.00 66.67 ? 73  GLU A N   1 
ATOM   541  C CA  . GLU A 1 75  ? 0.118   -16.497 -12.854 1.00 65.96 ? 73  GLU A CA  1 
ATOM   542  C C   . GLU A 1 75  ? -1.227  -16.939 -13.397 1.00 59.86 ? 73  GLU A C   1 
ATOM   543  O O   . GLU A 1 75  ? -1.723  -18.013 -13.048 1.00 59.75 ? 73  GLU A O   1 
ATOM   544  C CB  . GLU A 1 75  ? 0.918   -17.726 -12.409 1.00 68.21 ? 73  GLU A CB  1 
ATOM   545  C CG  . GLU A 1 75  ? 2.321   -17.430 -11.900 1.00 74.12 ? 73  GLU A CG  1 
ATOM   546  C CD  . GLU A 1 75  ? 2.430   -17.535 -10.388 1.00 81.36 ? 73  GLU A CD  1 
ATOM   547  O OE1 . GLU A 1 75  ? 1.469   -18.020 -9.751  1.00 80.62 ? 73  GLU A OE1 1 
ATOM   548  O OE2 . GLU A 1 75  ? 3.480   -17.135 -9.836  1.00 85.04 ? 73  GLU A OE2 1 
ATOM   549  N N   . ASP A 1 76  ? -1.822  -16.098 -14.239 1.00 54.72 ? 74  ASP A N   1 
ATOM   550  C CA  . ASP A 1 76  ? -3.136  -16.381 -14.804 1.00 56.44 ? 74  ASP A CA  1 
ATOM   551  C C   . ASP A 1 76  ? -3.094  -16.382 -16.330 1.00 48.41 ? 74  ASP A C   1 
ATOM   552  O O   . ASP A 1 76  ? -4.087  -16.066 -16.984 1.00 48.76 ? 74  ASP A O   1 
ATOM   553  C CB  . ASP A 1 76  ? -4.170  -15.368 -14.303 1.00 54.25 ? 74  ASP A CB  1 
ATOM   554  C CG  . ASP A 1 76  ? -3.910  -13.963 -14.822 1.00 55.23 ? 74  ASP A CG  1 
ATOM   555  O OD1 . ASP A 1 76  ? -4.841  -13.133 -14.774 1.00 56.03 ? 74  ASP A OD1 1 
ATOM   556  O OD2 . ASP A 1 76  ? -2.782  -13.688 -15.283 1.00 52.96 ? 74  ASP A OD2 1 
ATOM   557  N N   . GLY A 1 77  ? -1.938  -16.727 -16.887 1.00 49.74 ? 75  GLY A N   1 
ATOM   558  C CA  . GLY A 1 77  ? -1.789  -16.844 -18.327 1.00 51.58 ? 75  GLY A CA  1 
ATOM   559  C C   . GLY A 1 77  ? -1.493  -15.525 -19.011 1.00 50.17 ? 75  GLY A C   1 
ATOM   560  O O   . GLY A 1 77  ? -1.146  -15.494 -20.194 1.00 45.42 ? 75  GLY A O   1 
ATOM   561  N N   . SER A 1 78  ? -1.642  -14.431 -18.269 1.00 52.15 ? 76  SER A N   1 
ATOM   562  C CA  . SER A 1 78  ? -1.328  -13.109 -18.800 1.00 49.89 ? 76  SER A CA  1 
ATOM   563  C C   . SER A 1 78  ? 0.123   -12.779 -18.490 1.00 50.28 ? 76  SER A C   1 
ATOM   564  O O   . SER A 1 78  ? 0.699   -13.314 -17.537 1.00 51.07 ? 76  SER A O   1 
ATOM   565  C CB  . SER A 1 78  ? -2.262  -12.040 -18.219 1.00 50.38 ? 76  SER A CB  1 
ATOM   566  O OG  . SER A 1 78  ? -1.930  -11.733 -16.873 1.00 48.95 ? 76  SER A OG  1 
ATOM   567  N N   . SER A 1 79  ? 0.717   -11.915 -19.307 1.00 45.01 ? 77  SER A N   1 
ATOM   568  C CA  . SER A 1 79  ? 2.100   -11.506 -19.103 1.00 48.32 ? 77  SER A CA  1 
ATOM   569  C C   . SER A 1 79  ? 2.238   -10.808 -17.750 1.00 42.41 ? 77  SER A C   1 
ATOM   570  O O   . SER A 1 79  ? 1.481   -9.888  -17.445 1.00 43.92 ? 77  SER A O   1 
ATOM   571  C CB  . SER A 1 79  ? 2.555   -10.585 -20.236 1.00 51.64 ? 77  SER A CB  1 
ATOM   572  O OG  . SER A 1 79  ? 1.646   -9.509  -20.411 1.00 53.37 ? 77  SER A OG  1 
ATOM   573  N N   . PRO A 1 80  ? 3.200   -11.258 -16.935 1.00 41.61 ? 78  PRO A N   1 
ATOM   574  C CA  . PRO A 1 80  ? 3.371   -10.762 -15.562 1.00 42.84 ? 78  PRO A CA  1 
ATOM   575  C C   . PRO A 1 80  ? 3.864   -9.320  -15.511 1.00 39.85 ? 78  PRO A C   1 
ATOM   576  O O   . PRO A 1 80  ? 4.735   -8.929  -16.291 1.00 35.33 ? 78  PRO A O   1 
ATOM   577  C CB  . PRO A 1 80  ? 4.433   -11.700 -14.984 1.00 40.49 ? 78  PRO A CB  1 
ATOM   578  C CG  . PRO A 1 80  ? 5.224   -12.151 -16.174 1.00 46.64 ? 78  PRO A CG  1 
ATOM   579  C CD  . PRO A 1 80  ? 4.229   -12.247 -17.305 1.00 46.85 ? 78  PRO A CD  1 
ATOM   580  N N   . HIS A 1 81  ? 3.293   -8.534  -14.604 1.00 36.20 ? 79  HIS A N   1 
ATOM   581  C CA  . HIS A 1 81  ? 3.780   -7.185  -14.343 1.00 31.56 ? 79  HIS A CA  1 
ATOM   582  C C   . HIS A 1 81  ? 3.889   -6.996  -12.837 1.00 32.26 ? 79  HIS A C   1 
ATOM   583  O O   . HIS A 1 81  ? 3.053   -7.503  -12.086 1.00 30.45 ? 79  HIS A O   1 
ATOM   584  C CB  . HIS A 1 81  ? 2.844   -6.132  -14.933 1.00 30.64 ? 79  HIS A CB  1 
ATOM   585  C CG  . HIS A 1 81  ? 2.651   -6.261  -16.409 1.00 44.82 ? 79  HIS A CG  1 
ATOM   586  N ND1 . HIS A 1 81  ? 3.681   -6.098  -17.312 1.00 45.88 ? 79  HIS A ND1 1 
ATOM   587  C CD2 . HIS A 1 81  ? 1.547   -6.537  -17.144 1.00 41.81 ? 79  HIS A CD2 1 
ATOM   588  C CE1 . HIS A 1 81  ? 3.220   -6.273  -18.537 1.00 44.62 ? 79  HIS A CE1 1 
ATOM   589  N NE2 . HIS A 1 81  ? 1.928   -6.538  -18.463 1.00 44.70 ? 79  HIS A NE2 1 
ATOM   590  N N   . SER A 1 82  ? 4.924   -6.281  -12.409 1.00 32.90 ? 80  SER A N   1 
ATOM   591  C CA  . SER A 1 82  ? 5.200   -6.072  -10.990 1.00 27.42 ? 80  SER A CA  1 
ATOM   592  C C   . SER A 1 82  ? 5.506   -4.606  -10.774 1.00 32.21 ? 80  SER A C   1 
ATOM   593  O O   . SER A 1 82  ? 6.076   -3.957  -11.648 1.00 27.12 ? 80  SER A O   1 
ATOM   594  C CB  . SER A 1 82  ? 6.422   -6.881  -10.553 1.00 31.01 ? 80  SER A CB  1 
ATOM   595  O OG  . SER A 1 82  ? 6.149   -8.271  -10.511 1.00 39.96 ? 80  SER A OG  1 
ATOM   596  N N   . ILE A 1 83  ? 5.140   -4.091  -9.604  1.00 27.40 ? 81  ILE A N   1 
ATOM   597  C CA  . ILE A 1 83  ? 5.483   -2.719  -9.234  1.00 26.49 ? 81  ILE A CA  1 
ATOM   598  C C   . ILE A 1 83  ? 5.796   -2.706  -7.737  1.00 24.26 ? 81  ILE A C   1 
ATOM   599  O O   . ILE A 1 83  ? 5.026   -3.244  -6.955  1.00 22.99 ? 81  ILE A O   1 
ATOM   600  C CB  . ILE A 1 83  ? 4.335   -1.753  -9.596  1.00 25.32 ? 81  ILE A CB  1 
ATOM   601  C CG1 . ILE A 1 83  ? 4.758   -0.300  -9.440  1.00 31.25 ? 81  ILE A CG1 1 
ATOM   602  C CG2 . ILE A 1 83  ? 3.093   -2.025  -8.765  1.00 31.85 ? 81  ILE A CG2 1 
ATOM   603  C CD1 . ILE A 1 83  ? 3.702   0.652   -9.943  1.00 34.43 ? 81  ILE A CD1 1 
ATOM   604  N N   . PRO A 1 84  ? 6.968   -2.167  -7.349  1.00 25.08 ? 82  PRO A N   1 
ATOM   605  C CA  . PRO A 1 84  ? 7.282   -2.031  -5.921  1.00 20.67 ? 82  PRO A CA  1 
ATOM   606  C C   . PRO A 1 84  ? 6.658   -0.744  -5.388  1.00 20.43 ? 82  PRO A C   1 
ATOM   607  O O   . PRO A 1 84  ? 6.807   0.321   -6.005  1.00 20.23 ? 82  PRO A O   1 
ATOM   608  C CB  . PRO A 1 84  ? 8.813   -1.929  -5.911  1.00 22.71 ? 82  PRO A CB  1 
ATOM   609  C CG  . PRO A 1 84  ? 9.136   -1.249  -7.210  1.00 27.62 ? 82  PRO A CG  1 
ATOM   610  C CD  . PRO A 1 84  ? 8.099   -1.753  -8.204  1.00 26.89 ? 82  PRO A CD  1 
ATOM   611  N N   . VAL A 1 85  ? 5.941   -0.849  -4.272  1.00 18.26 ? 83  VAL A N   1 
ATOM   612  C CA  . VAL A 1 85  ? 5.184   0.278   -3.758  1.00 16.80 ? 83  VAL A CA  1 
ATOM   613  C C   . VAL A 1 85  ? 5.405   0.463   -2.264  1.00 16.87 ? 83  VAL A C   1 
ATOM   614  O O   . VAL A 1 85  ? 5.844   -0.446  -1.570  1.00 14.48 ? 83  VAL A O   1 
ATOM   615  C CB  . VAL A 1 85  ? 3.666   0.095   -3.991  1.00 20.22 ? 83  VAL A CB  1 
ATOM   616  C CG1 . VAL A 1 85  ? 3.336   0.116   -5.481  1.00 21.41 ? 83  VAL A CG1 1 
ATOM   617  C CG2 . VAL A 1 85  ? 3.174   -1.195  -3.349  1.00 19.30 ? 83  VAL A CG2 1 
ATOM   618  N N   . ILE A 1 86  ? 5.091   1.659   -1.788  1.00 16.11 ? 84  ILE A N   1 
ATOM   619  C CA  . ILE A 1 86  ? 5.105   1.964   -0.364  1.00 16.45 ? 84  ILE A CA  1 
ATOM   620  C C   . ILE A 1 86  ? 3.774   2.640   -0.057  1.00 16.04 ? 84  ILE A C   1 
ATOM   621  O O   . ILE A 1 86  ? 3.467   3.679   -0.623  1.00 18.01 ? 84  ILE A O   1 
ATOM   622  C CB  . ILE A 1 86  ? 6.249   2.945   -0.033  1.00 16.49 ? 84  ILE A CB  1 
ATOM   623  C CG1 . ILE A 1 86  ? 7.607   2.316   -0.399  1.00 17.55 ? 84  ILE A CG1 1 
ATOM   624  C CG2 . ILE A 1 86  ? 6.209   3.347   1.431   1.00 17.43 ? 84  ILE A CG2 1 
ATOM   625  C CD1 . ILE A 1 86  ? 8.779   3.278   -0.273  1.00 26.75 ? 84  ILE A CD1 1 
ATOM   626  N N   . MET A 1 87  ? 2.980   2.039   0.818   1.00 13.38 ? 85  MET A N   1 
ATOM   627  C CA  . MET A 1 87  ? 1.705   2.618   1.194   1.00 13.85 ? 85  MET A CA  1 
ATOM   628  C C   . MET A 1 87  ? 1.857   3.214   2.587   1.00 15.34 ? 85  MET A C   1 
ATOM   629  O O   . MET A 1 87  ? 2.499   2.622   3.444   1.00 19.06 ? 85  MET A O   1 
ATOM   630  C CB  . MET A 1 87  ? 0.620   1.552   1.229   1.00 15.19 ? 85  MET A CB  1 
ATOM   631  C CG  . MET A 1 87  ? -0.550  1.943   2.133   1.00 23.55 ? 85  MET A CG  1 
ATOM   632  S SD  . MET A 1 87  ? -1.857  0.704   2.061   1.00 40.97 ? 85  MET A SD  1 
ATOM   633  C CE  . MET A 1 87  ? -2.426  1.133   0.460   1.00 16.66 ? 85  MET A CE  1 
ATOM   634  N N   . TRP A 1 88  ? 1.307   4.401   2.795   1.00 12.86 ? 86  TRP A N   1 
ATOM   635  C CA  . TRP A 1 88  ? 1.389   5.054   4.097   1.00 11.52 ? 86  TRP A CA  1 
ATOM   636  C C   . TRP A 1 88  ? -0.014  5.117   4.664   1.00 12.63 ? 86  TRP A C   1 
ATOM   637  O O   . TRP A 1 88  ? -0.955  5.423   3.933   1.00 14.57 ? 86  TRP A O   1 
ATOM   638  C CB  . TRP A 1 88  ? 1.893   6.481   3.912   1.00 15.68 ? 86  TRP A CB  1 
ATOM   639  C CG  . TRP A 1 88  ? 3.306   6.579   3.444   1.00 15.38 ? 86  TRP A CG  1 
ATOM   640  C CD1 . TRP A 1 88  ? 3.746   6.652   2.149   1.00 15.71 ? 86  TRP A CD1 1 
ATOM   641  C CD2 . TRP A 1 88  ? 4.472   6.637   4.276   1.00 15.34 ? 86  TRP A CD2 1 
ATOM   642  N NE1 . TRP A 1 88  ? 5.125   6.761   2.129   1.00 15.94 ? 86  TRP A NE1 1 
ATOM   643  C CE2 . TRP A 1 88  ? 5.590   6.753   3.419   1.00 17.64 ? 86  TRP A CE2 1 
ATOM   644  C CE3 . TRP A 1 88  ? 4.674   6.619   5.665   1.00 14.28 ? 86  TRP A CE3 1 
ATOM   645  C CZ2 . TRP A 1 88  ? 6.896   6.836   3.906   1.00 19.54 ? 86  TRP A CZ2 1 
ATOM   646  C CZ3 . TRP A 1 88  ? 5.972   6.699   6.147   1.00 15.76 ? 86  TRP A CZ3 1 
ATOM   647  C CH2 . TRP A 1 88  ? 7.067   6.815   5.264   1.00 15.92 ? 86  TRP A CH2 1 
ATOM   648  N N   . VAL A 1 89  ? -0.171  4.829   5.956   1.00 12.40 ? 87  VAL A N   1 
ATOM   649  C CA  . VAL A 1 89  ? -1.491  4.943   6.600   1.00 10.72 ? 87  VAL A CA  1 
ATOM   650  C C   . VAL A 1 89  ? -1.516  6.208   7.458   1.00 11.42 ? 87  VAL A C   1 
ATOM   651  O O   . VAL A 1 89  ? -0.788  6.290   8.441   1.00 11.94 ? 87  VAL A O   1 
ATOM   652  C CB  . VAL A 1 89  ? -1.768  3.718   7.487   1.00 12.70 ? 87  VAL A CB  1 
ATOM   653  C CG1 . VAL A 1 89  ? -3.232  3.707   7.982   1.00 13.55 ? 87  VAL A CG1 1 
ATOM   654  C CG2 . VAL A 1 89  ? -1.471  2.446   6.706   1.00 14.86 ? 87  VAL A CG2 1 
ATOM   655  N N   . PRO A 1 90  ? -2.337  7.204   7.081   1.00 13.79 ? 88  PRO A N   1 
ATOM   656  C CA  . PRO A 1 90  ? -2.328  8.471   7.831   1.00 12.46 ? 88  PRO A CA  1 
ATOM   657  C C   . PRO A 1 90  ? -2.905  8.299   9.238   1.00 14.15 ? 88  PRO A C   1 
ATOM   658  O O   . PRO A 1 90  ? -3.725  7.408   9.486   1.00 12.60 ? 88  PRO A O   1 
ATOM   659  C CB  . PRO A 1 90  ? -3.221  9.383   6.997   1.00 15.27 ? 88  PRO A CB  1 
ATOM   660  C CG  . PRO A 1 90  ? -4.222  8.436   6.372   1.00 16.50 ? 88  PRO A CG  1 
ATOM   661  C CD  . PRO A 1 90  ? -3.388  7.187   6.042   1.00 14.10 ? 88  PRO A CD  1 
ATOM   662  N N   . SER A 1 91  ? -2.485  9.154   10.160  1.00 11.39 ? 89  SER A N   1 
ATOM   663  C CA  . SER A 1 91  ? -2.881  8.973   11.551  1.00 13.64 ? 89  SER A CA  1 
ATOM   664  C C   . SER A 1 91  ? -4.395  9.055   11.761  1.00 13.95 ? 89  SER A C   1 
ATOM   665  O O   . SER A 1 91  ? -4.906  8.535   12.750  1.00 16.36 ? 89  SER A O   1 
ATOM   666  C CB  . SER A 1 91  ? -2.171  9.994   12.451  1.00 14.45 ? 89  SER A CB  1 
ATOM   667  O OG  . SER A 1 91  ? -2.445  11.309  12.004  1.00 16.35 ? 89  SER A OG  1 
ATOM   668  N N   . MET A 1 92  ? -5.108  9.684   10.837  1.00 14.20 ? 90  MET A N   1 
ATOM   669  C CA  . MET A 1 92  ? -6.574  9.785   10.966  1.00 13.89 ? 90  MET A CA  1 
ATOM   670  C C   . MET A 1 92  ? -7.305  8.683   10.184  1.00 18.08 ? 90  MET A C   1 
ATOM   671  O O   . MET A 1 92  ? -8.529  8.733   10.039  1.00 19.26 ? 90  MET A O   1 
ATOM   672  C CB  . MET A 1 92  ? -7.086  11.138  10.481  1.00 14.67 ? 90  MET A CB  1 
ATOM   673  C CG  . MET A 1 92  ? -6.836  12.290  11.428  1.00 21.11 ? 90  MET A CG  1 
ATOM   674  S SD  . MET A 1 92  ? -7.706  12.051  12.993  1.00 24.61 ? 90  MET A SD  1 
ATOM   675  C CE  . MET A 1 92  ? -9.417  12.149  12.462  1.00 24.34 ? 90  MET A CE  1 
ATOM   676  N N   . TYR A 1 93  ? -6.575  7.693   9.686   1.00 12.37 ? 91  TYR A N   1 
ATOM   677  C CA  . TYR A 1 93  ? -7.220  6.573   8.976   1.00 13.45 ? 91  TYR A CA  1 
ATOM   678  C C   . TYR A 1 93  ? -8.369  5.957   9.819   1.00 16.35 ? 91  TYR A C   1 
ATOM   679  O O   . TYR A 1 93  ? -8.207  5.749   11.018  1.00 16.75 ? 91  TYR A O   1 
ATOM   680  C CB  . TYR A 1 93  ? -6.176  5.499   8.652   1.00 14.16 ? 91  TYR A CB  1 
ATOM   681  C CG  . TYR A 1 93  ? -6.768  4.313   7.916   1.00 14.32 ? 91  TYR A CG  1 
ATOM   682  C CD1 . TYR A 1 93  ? -6.953  4.356   6.539   1.00 13.93 ? 91  TYR A CD1 1 
ATOM   683  C CD2 . TYR A 1 93  ? -7.163  3.170   8.601   1.00 13.40 ? 91  TYR A CD2 1 
ATOM   684  C CE1 . TYR A 1 93  ? -7.507  3.294   5.857   1.00 15.92 ? 91  TYR A CE1 1 
ATOM   685  C CE2 . TYR A 1 93  ? -7.728  2.090   7.924   1.00 14.46 ? 91  TYR A CE2 1 
ATOM   686  C CZ  . TYR A 1 93  ? -7.879  2.162   6.549   1.00 17.27 ? 91  TYR A CZ  1 
ATOM   687  O OH  . TYR A 1 93  ? -8.448  1.107   5.871   1.00 15.93 ? 91  TYR A OH  1 
ATOM   688  N N   . PRO A 1 94  ? -9.523  5.617   9.196   1.00 13.93 ? 92  PRO A N   1 
ATOM   689  C CA  . PRO A 1 94  ? -9.911  5.662   7.781   1.00 14.02 ? 92  PRO A CA  1 
ATOM   690  C C   . PRO A 1 94  ? -10.629 6.955   7.380   1.00 15.04 ? 92  PRO A C   1 
ATOM   691  O O   . PRO A 1 94  ? -11.110 7.065   6.251   1.00 18.46 ? 92  PRO A O   1 
ATOM   692  C CB  . PRO A 1 94  ? -10.885 4.486   7.668   1.00 16.39 ? 92  PRO A CB  1 
ATOM   693  C CG  . PRO A 1 94  ? -11.606 4.530   8.967   1.00 20.70 ? 92  PRO A CG  1 
ATOM   694  C CD  . PRO A 1 94  ? -10.543 4.923   10.003  1.00 20.31 ? 92  PRO A CD  1 
ATOM   695  N N   . VAL A 1 95  ? -10.684 7.928   8.278   1.00 15.89 ? 93  VAL A N   1 
ATOM   696  C CA  . VAL A 1 95  ? -11.260 9.222   7.934   1.00 16.23 ? 93  VAL A CA  1 
ATOM   697  C C   . VAL A 1 95  ? -10.496 9.856   6.776   1.00 20.89 ? 93  VAL A C   1 
ATOM   698  O O   . VAL A 1 95  ? -11.088 10.504  5.918   1.00 19.97 ? 93  VAL A O   1 
ATOM   699  C CB  . VAL A 1 95  ? -11.284 10.175  9.154   1.00 19.03 ? 93  VAL A CB  1 
ATOM   700  C CG1 . VAL A 1 95  ? -11.710 11.571  8.734   1.00 21.82 ? 93  VAL A CG1 1 
ATOM   701  C CG2 . VAL A 1 95  ? -12.212 9.623   10.218  1.00 21.84 ? 93  VAL A CG2 1 
ATOM   702  N N   . LYS A 1 96  ? -9.183  9.642   6.749   1.00 17.29 ? 94  LYS A N   1 
ATOM   703  C CA  . LYS A 1 96  ? -8.336  10.098  5.647   1.00 18.46 ? 94  LYS A CA  1 
ATOM   704  C C   . LYS A 1 96  ? -7.818  8.853   4.944   1.00 15.90 ? 94  LYS A C   1 
ATOM   705  O O   . LYS A 1 96  ? -7.557  7.838   5.592   1.00 16.21 ? 94  LYS A O   1 
ATOM   706  C CB  . LYS A 1 96  ? -7.133  10.889  6.179   1.00 22.59 ? 94  LYS A CB  1 
ATOM   707  C CG  . LYS A 1 96  ? -7.465  12.218  6.829   1.00 26.11 ? 94  LYS A CG  1 
ATOM   708  C CD  . LYS A 1 96  ? -8.218  13.125  5.883   1.00 28.96 ? 94  LYS A CD  1 
ATOM   709  C CE  . LYS A 1 96  ? -8.300  14.545  6.460   1.00 38.91 ? 94  LYS A CE  1 
ATOM   710  N NZ  . LYS A 1 96  ? -9.107  15.443  5.591   1.00 39.14 ? 94  LYS A NZ  1 
ATOM   711  N N   . PRO A 1 97  ? -7.652  8.926   3.619   1.00 16.57 ? 95  PRO A N   1 
ATOM   712  C CA  . PRO A 1 97  ? -7.188  7.779   2.838   1.00 16.82 ? 95  PRO A CA  1 
ATOM   713  C C   . PRO A 1 97  ? -5.682  7.514   2.941   1.00 17.80 ? 95  PRO A C   1 
ATOM   714  O O   . PRO A 1 97  ? -4.894  8.425   3.196   1.00 14.47 ? 95  PRO A O   1 
ATOM   715  C CB  . PRO A 1 97  ? -7.553  8.172   1.395   1.00 18.54 ? 95  PRO A CB  1 
ATOM   716  C CG  . PRO A 1 97  ? -7.554  9.652   1.391   1.00 21.47 ? 95  PRO A CG  1 
ATOM   717  C CD  . PRO A 1 97  ? -8.039  10.066  2.767   1.00 18.70 ? 95  PRO A CD  1 
ATOM   718  N N   . PRO A 1 98  ? -5.282  6.263   2.716   1.00 15.26 ? 96  PRO A N   1 
ATOM   719  C CA  . PRO A 1 98  ? -3.845  6.001   2.614   1.00 16.23 ? 96  PRO A CA  1 
ATOM   720  C C   . PRO A 1 98  ? -3.277  6.717   1.391   1.00 16.05 ? 96  PRO A C   1 
ATOM   721  O O   . PRO A 1 98  ? -4.041  7.147   0.526   1.00 17.48 ? 96  PRO A O   1 
ATOM   722  C CB  . PRO A 1 98  ? -3.773  4.488   2.416   1.00 19.39 ? 96  PRO A CB  1 
ATOM   723  C CG  . PRO A 1 98  ? -5.107  4.100   1.895   1.00 18.08 ? 96  PRO A CG  1 
ATOM   724  C CD  . PRO A 1 98  ? -6.103  5.068   2.432   1.00 15.84 ? 96  PRO A CD  1 
ATOM   725  N N   . PHE A 1 99  ? -1.960  6.861   1.333   1.00 15.98 ? 97  PHE A N   1 
ATOM   726  C CA  . PHE A 1 99  ? -1.311  7.378   0.140   1.00 15.55 ? 97  PHE A CA  1 
ATOM   727  C C   . PHE A 1 99  ? -0.177  6.439   -0.256  1.00 15.15 ? 97  PHE A C   1 
ATOM   728  O O   . PHE A 1 99  ? 0.461   5.815   0.593   1.00 15.58 ? 97  PHE A O   1 
ATOM   729  C CB  . PHE A 1 99  ? -0.845  8.829   0.306   1.00 17.78 ? 97  PHE A CB  1 
ATOM   730  C CG  . PHE A 1 99  ? -0.360  9.178   1.694   1.00 18.38 ? 97  PHE A CG  1 
ATOM   731  C CD1 . PHE A 1 99  ? 0.993   9.335   1.950   1.00 19.54 ? 97  PHE A CD1 1 
ATOM   732  C CD2 . PHE A 1 99  ? -1.262  9.414   2.721   1.00 21.55 ? 97  PHE A CD2 1 
ATOM   733  C CE1 . PHE A 1 99  ? 1.449   9.685   3.223   1.00 21.13 ? 97  PHE A CE1 1 
ATOM   734  C CE2 . PHE A 1 99  ? -0.822  9.763   3.992   1.00 23.24 ? 97  PHE A CE2 1 
ATOM   735  C CZ  . PHE A 1 99  ? 0.535   9.899   4.244   1.00 21.74 ? 97  PHE A CZ  1 
ATOM   736  N N   . ILE A 1 100 ? 0.044   6.303   -1.554  1.00 14.00 ? 98  ILE A N   1 
ATOM   737  C CA  . ILE A 1 100 ? 0.916   5.245   -2.030  1.00 14.52 ? 98  ILE A CA  1 
ATOM   738  C C   . ILE A 1 100 ? 1.854   5.765   -3.111  1.00 17.35 ? 98  ILE A C   1 
ATOM   739  O O   . ILE A 1 100 ? 1.446   6.520   -3.985  1.00 18.47 ? 98  ILE A O   1 
ATOM   740  C CB  . ILE A 1 100 ? 0.075   4.028   -2.505  1.00 19.44 ? 98  ILE A CB  1 
ATOM   741  C CG1 . ILE A 1 100 ? 0.963   2.877   -2.998  1.00 18.68 ? 98  ILE A CG1 1 
ATOM   742  C CG2 . ILE A 1 100 ? -0.926  4.432   -3.572  1.00 27.32 ? 98  ILE A CG2 1 
ATOM   743  C CD1 . ILE A 1 100 ? 0.187   1.560   -3.132  1.00 26.33 ? 98  ILE A CD1 1 
ATOM   744  N N   . SER A 1 101 ? 3.122   5.388   -3.008  1.00 16.39 ? 99  SER A N   1 
ATOM   745  C CA  . SER A 1 101 ? 4.112   5.787   -3.987  1.00 19.83 ? 99  SER A CA  1 
ATOM   746  C C   . SER A 1 101 ? 4.793   4.555   -4.547  1.00 20.42 ? 99  SER A C   1 
ATOM   747  O O   . SER A 1 101 ? 4.724   3.461   -3.981  1.00 19.40 ? 99  SER A O   1 
ATOM   748  C CB  . SER A 1 101 ? 5.164   6.712   -3.371  1.00 23.07 ? 99  SER A CB  1 
ATOM   749  O OG  . SER A 1 101 ? 6.000   5.998   -2.475  1.00 26.19 ? 99  SER A OG  1 
ATOM   750  N N   . ILE A 1 102 ? 5.435   4.730   -5.687  1.00 19.77 ? 100 ILE A N   1 
ATOM   751  C CA  . ILE A 1 102 ? 6.344   3.710   -6.169  1.00 22.23 ? 100 ILE A CA  1 
ATOM   752  C C   . ILE A 1 102 ? 7.609   3.762   -5.327  1.00 24.25 ? 100 ILE A C   1 
ATOM   753  O O   . ILE A 1 102 ? 8.000   4.827   -4.851  1.00 25.52 ? 100 ILE A O   1 
ATOM   754  C CB  . ILE A 1 102 ? 6.668   3.943   -7.635  1.00 26.73 ? 100 ILE A CB  1 
ATOM   755  C CG1 . ILE A 1 102 ? 5.404   3.724   -8.457  1.00 24.44 ? 100 ILE A CG1 1 
ATOM   756  C CG2 . ILE A 1 102 ? 7.791   3.016   -8.085  1.00 29.66 ? 100 ILE A CG2 1 
ATOM   757  C CD1 . ILE A 1 102 ? 5.553   4.058   -9.914  1.00 40.38 ? 100 ILE A CD1 1 
ATOM   758  N N   . ASN A 1 103 ? 8.228   2.610   -5.109  1.00 20.75 ? 101 ASN A N   1 
ATOM   759  C CA  . ASN A 1 103 ? 9.484   2.552   -4.383  1.00 24.45 ? 101 ASN A CA  1 
ATOM   760  C C   . ASN A 1 103 ? 10.618  2.585   -5.407  1.00 32.19 ? 101 ASN A C   1 
ATOM   761  O O   . ASN A 1 103 ? 10.755  1.665   -6.200  1.00 25.42 ? 101 ASN A O   1 
ATOM   762  C CB  . ASN A 1 103 ? 9.547   1.268   -3.542  1.00 23.32 ? 101 ASN A CB  1 
ATOM   763  C CG  . ASN A 1 103 ? 10.816  1.169   -2.715  1.00 32.21 ? 101 ASN A CG  1 
ATOM   764  O OD1 . ASN A 1 103 ? 11.758  1.932   -2.917  1.00 36.42 ? 101 ASN A OD1 1 
ATOM   765  N ND2 . ASN A 1 103 ? 10.849  0.219   -1.784  1.00 26.80 ? 101 ASN A ND2 1 
ATOM   766  N N   . LEU A 1 104 ? 11.416  3.646   -5.403  1.00 31.72 ? 102 LEU A N   1 
ATOM   767  C CA  . LEU A 1 104 ? 12.361  3.866   -6.499  1.00 36.85 ? 102 LEU A CA  1 
ATOM   768  C C   . LEU A 1 104 ? 13.717  3.167   -6.357  1.00 44.07 ? 102 LEU A C   1 
ATOM   769  O O   . LEU A 1 104 ? 14.667  3.512   -7.054  1.00 49.48 ? 102 LEU A O   1 
ATOM   770  C CB  . LEU A 1 104 ? 12.547  5.362   -6.759  1.00 41.94 ? 102 LEU A CB  1 
ATOM   771  C CG  . LEU A 1 104 ? 11.309  6.025   -7.362  1.00 43.42 ? 102 LEU A CG  1 
ATOM   772  C CD1 . LEU A 1 104 ? 11.484  7.532   -7.471  1.00 52.36 ? 102 LEU A CD1 1 
ATOM   773  C CD2 . LEU A 1 104 ? 11.000  5.416   -8.718  1.00 40.21 ? 102 LEU A CD2 1 
ATOM   774  N N   . GLU A 1 105 ? 13.797  2.171   -5.485  1.00 45.51 ? 103 GLU A N   1 
ATOM   775  C CA  . GLU A 1 105 ? 15.033  1.401   -5.330  1.00 47.74 ? 103 GLU A CA  1 
ATOM   776  C C   . GLU A 1 105 ? 15.070  0.173   -6.245  1.00 51.28 ? 103 GLU A C   1 
ATOM   777  O O   . GLU A 1 105 ? 14.265  -0.740  -6.099  1.00 52.02 ? 103 GLU A O   1 
ATOM   778  C CB  . GLU A 1 105 ? 15.205  0.975   -3.879  1.00 48.48 ? 103 GLU A CB  1 
ATOM   779  C CG  . GLU A 1 105 ? 16.557  0.360   -3.583  1.00 54.39 ? 103 GLU A CG  1 
ATOM   780  C CD  . GLU A 1 105 ? 16.614  -0.269  -2.206  1.00 54.79 ? 103 GLU A CD  1 
ATOM   781  O OE1 . GLU A 1 105 ? 15.675  -0.049  -1.407  1.00 54.29 ? 103 GLU A OE1 1 
ATOM   782  O OE2 . GLU A 1 105 ? 17.596  -0.990  -1.925  1.00 59.94 ? 103 GLU A OE2 1 
ATOM   783  N N   . ASN A 1 106 ? 16.015  0.154   -7.184  1.00 56.39 ? 104 ASN A N   1 
ATOM   784  C CA  . ASN A 1 106 ? 16.124  -0.933  -8.162  1.00 50.18 ? 104 ASN A CA  1 
ATOM   785  C C   . ASN A 1 106 ? 14.942  -0.961  -9.112  1.00 54.18 ? 104 ASN A C   1 
ATOM   786  O O   . ASN A 1 106 ? 14.692  -1.965  -9.782  1.00 57.55 ? 104 ASN A O   1 
ATOM   787  C CB  . ASN A 1 106 ? 16.261  -2.302  -7.481  1.00 55.64 ? 104 ASN A CB  1 
ATOM   788  C CG  . ASN A 1 106 ? 17.529  -2.421  -6.654  1.00 59.99 ? 104 ASN A CG  1 
ATOM   789  O OD1 . ASN A 1 106 ? 18.259  -1.445  -6.477  1.00 61.92 ? 104 ASN A OD1 1 
ATOM   790  N ND2 . ASN A 1 106 ? 17.793  -3.620  -6.135  1.00 52.14 ? 104 ASN A ND2 1 
ATOM   791  N N   . PHE A 1 107 ? 14.207  0.142   -9.162  1.00 51.71 ? 105 PHE A N   1 
ATOM   792  C CA  . PHE A 1 107 ? 13.077  0.232   -10.066 1.00 52.19 ? 105 PHE A CA  1 
ATOM   793  C C   . PHE A 1 107 ? 13.220  1.424   -10.992 1.00 54.02 ? 105 PHE A C   1 
ATOM   794  O O   . PHE A 1 107 ? 13.567  2.523   -10.560 1.00 53.68 ? 105 PHE A O   1 
ATOM   795  C CB  . PHE A 1 107 ? 11.760  0.325   -9.295  1.00 40.47 ? 105 PHE A CB  1 
ATOM   796  C CG  . PHE A 1 107 ? 10.547  0.287   -10.180 1.00 45.92 ? 105 PHE A CG  1 
ATOM   797  C CD1 . PHE A 1 107 ? 10.144  -0.899  -10.771 1.00 42.26 ? 105 PHE A CD1 1 
ATOM   798  C CD2 . PHE A 1 107 ? 9.825   1.436   -10.437 1.00 43.51 ? 105 PHE A CD2 1 
ATOM   799  C CE1 . PHE A 1 107 ? 9.034   -0.939  -11.588 1.00 45.10 ? 105 PHE A CE1 1 
ATOM   800  C CE2 . PHE A 1 107 ? 8.715   1.402   -11.259 1.00 49.28 ? 105 PHE A CE2 1 
ATOM   801  C CZ  . PHE A 1 107 ? 8.322   0.212   -11.835 1.00 44.09 ? 105 PHE A CZ  1 
ATOM   802  N N   . ASP A 1 108 ? 12.958  1.194   -12.272 1.00 58.28 ? 106 ASP A N   1 
ATOM   803  C CA  . ASP A 1 108 ? 12.863  2.276   -13.237 1.00 61.34 ? 106 ASP A CA  1 
ATOM   804  C C   . ASP A 1 108 ? 11.402  2.440   -13.636 1.00 61.04 ? 106 ASP A C   1 
ATOM   805  O O   . ASP A 1 108 ? 10.820  1.544   -14.253 1.00 60.74 ? 106 ASP A O   1 
ATOM   806  C CB  . ASP A 1 108 ? 13.718  1.977   -14.469 1.00 68.28 ? 106 ASP A CB  1 
ATOM   807  C CG  . ASP A 1 108 ? 13.541  3.012   -15.564 1.00 70.31 ? 106 ASP A CG  1 
ATOM   808  O OD1 . ASP A 1 108 ? 13.513  4.222   -15.243 1.00 70.44 ? 106 ASP A OD1 1 
ATOM   809  O OD2 . ASP A 1 108 ? 13.426  2.615   -16.744 1.00 70.76 ? 106 ASP A OD2 1 
ATOM   810  N N   . MET A 1 109 ? 10.814  3.579   -13.272 1.00 60.91 ? 107 MET A N   1 
ATOM   811  C CA  . MET A 1 109 ? 9.404   3.842   -13.550 1.00 63.34 ? 107 MET A CA  1 
ATOM   812  C C   . MET A 1 109 ? 9.088   3.662   -15.030 1.00 66.06 ? 107 MET A C   1 
ATOM   813  O O   . MET A 1 109 ? 7.926   3.684   -15.434 1.00 66.38 ? 107 MET A O   1 
ATOM   814  C CB  . MET A 1 109 ? 9.002   5.251   -13.091 1.00 59.54 ? 107 MET A CB  1 
ATOM   815  C CG  . MET A 1 109 ? 8.965   5.442   -11.580 1.00 57.43 ? 107 MET A CG  1 
ATOM   816  S SD  . MET A 1 109 ? 8.315   7.055   -11.050 1.00 61.37 ? 107 MET A SD  1 
ATOM   817  C CE  . MET A 1 109 ? 9.679   8.150   -11.448 1.00 51.28 ? 107 MET A CE  1 
ATOM   818  N N   . ASN A 1 110 ? 10.133  3.472   -15.831 1.00 69.48 ? 108 ASN A N   1 
ATOM   819  C CA  . ASN A 1 110 ? 9.988   3.307   -17.270 1.00 67.93 ? 108 ASN A CA  1 
ATOM   820  C C   . ASN A 1 110 ? 10.084  1.848   -17.714 1.00 65.44 ? 108 ASN A C   1 
ATOM   821  O O   . ASN A 1 110 ? 10.523  1.549   -18.820 1.00 68.72 ? 108 ASN A O   1 
ATOM   822  C CB  . ASN A 1 110 ? 11.016  4.171   -17.999 1.00 69.62 ? 108 ASN A CB  1 
ATOM   823  C CG  . ASN A 1 110 ? 10.975  5.620   -17.548 1.00 72.88 ? 108 ASN A CG  1 
ATOM   824  O OD1 . ASN A 1 110 ? 10.192  6.421   -18.062 1.00 73.05 ? 108 ASN A OD1 1 
ATOM   825  N ND2 . ASN A 1 110 ? 11.810  5.962   -16.570 1.00 71.71 ? 108 ASN A ND2 1 
ATOM   826  N N   . THR A 1 111 ? 9.669   0.948   -16.831 1.00 65.23 ? 109 THR A N   1 
ATOM   827  C CA  . THR A 1 111 ? 9.560   -0.468  -17.150 1.00 63.24 ? 109 THR A CA  1 
ATOM   828  C C   . THR A 1 111 ? 8.076   -0.803  -17.115 1.00 65.41 ? 109 THR A C   1 
ATOM   829  O O   . THR A 1 111 ? 7.665   -1.966  -17.094 1.00 64.18 ? 109 THR A O   1 
ATOM   830  C CB  . THR A 1 111 ? 10.333  -1.323  -16.133 1.00 66.73 ? 109 THR A CB  1 
ATOM   831  O OG1 . THR A 1 111 ? 11.690  -0.866  -16.072 1.00 70.53 ? 109 THR A OG1 1 
ATOM   832  C CG2 . THR A 1 111 ? 10.314  -2.796  -16.524 1.00 63.47 ? 109 THR A CG2 1 
ATOM   833  N N   . ILE A 1 112 ? 7.274   0.255   -17.116 1.00 65.25 ? 110 ILE A N   1 
ATOM   834  C CA  . ILE A 1 112 ? 5.832   0.142   -17.027 1.00 62.13 ? 110 ILE A CA  1 
ATOM   835  C C   . ILE A 1 112 ? 5.219   0.633   -18.331 1.00 61.74 ? 110 ILE A C   1 
ATOM   836  O O   . ILE A 1 112 ? 5.142   1.839   -18.569 1.00 63.97 ? 110 ILE A O   1 
ATOM   837  C CB  . ILE A 1 112 ? 5.296   1.000   -15.861 1.00 59.98 ? 110 ILE A CB  1 
ATOM   838  C CG1 . ILE A 1 112 ? 6.163   0.804   -14.616 1.00 58.36 ? 110 ILE A CG1 1 
ATOM   839  C CG2 . ILE A 1 112 ? 3.838   0.682   -15.580 1.00 53.96 ? 110 ILE A CG2 1 
ATOM   840  C CD1 . ILE A 1 112 ? 6.024   1.910   -13.590 1.00 57.17 ? 110 ILE A CD1 1 
ATOM   841  N N   . SER A 1 113 ? 4.793   -0.300  -19.179 1.00 60.60 ? 111 SER A N   1 
ATOM   842  C CA  . SER A 1 113 ? 4.179   0.051   -20.457 1.00 62.60 ? 111 SER A CA  1 
ATOM   843  C C   . SER A 1 113 ? 3.166   1.178   -20.293 1.00 60.23 ? 111 SER A C   1 
ATOM   844  O O   . SER A 1 113 ? 2.407   1.210   -19.321 1.00 57.93 ? 111 SER A O   1 
ATOM   845  C CB  . SER A 1 113 ? 3.486   -1.166  -21.074 1.00 52.45 ? 111 SER A CB  1 
ATOM   846  O OG  . SER A 1 113 ? 4.374   -2.264  -21.157 1.00 60.95 ? 111 SER A OG  1 
ATOM   847  N N   . SER A 1 114 ? 3.157   2.104   -21.245 1.00 57.27 ? 112 SER A N   1 
ATOM   848  C CA  . SER A 1 114 ? 2.157   3.159   -21.266 1.00 55.28 ? 112 SER A CA  1 
ATOM   849  C C   . SER A 1 114 ? 0.801   2.533   -21.550 1.00 53.93 ? 112 SER A C   1 
ATOM   850  O O   . SER A 1 114 ? -0.238  3.184   -21.431 1.00 53.23 ? 112 SER A O   1 
ATOM   851  C CB  . SER A 1 114 ? 2.496   4.197   -22.336 1.00 65.16 ? 112 SER A CB  1 
ATOM   852  O OG  . SER A 1 114 ? 3.813   4.697   -22.159 1.00 64.77 ? 112 SER A OG  1 
ATOM   853  N N   . SER A 1 115 ? 0.828   1.255   -21.921 1.00 50.76 ? 113 SER A N   1 
ATOM   854  C CA  . SER A 1 115 ? -0.385  0.489   -22.180 1.00 55.79 ? 113 SER A CA  1 
ATOM   855  C C   . SER A 1 115 ? -1.026  0.005   -20.881 1.00 50.44 ? 113 SER A C   1 
ATOM   856  O O   . SER A 1 115 ? -2.204  -0.350  -20.860 1.00 52.89 ? 113 SER A O   1 
ATOM   857  C CB  . SER A 1 115 ? -0.081  -0.708  -23.089 1.00 57.69 ? 113 SER A CB  1 
ATOM   858  O OG  . SER A 1 115 ? 0.727   -1.671  -22.428 1.00 59.91 ? 113 SER A OG  1 
ATOM   859  N N   . LEU A 1 116 ? -0.244  -0.025  -19.806 1.00 50.46 ? 114 LEU A N   1 
ATOM   860  C CA  . LEU A 1 116 ? -0.772  -0.400  -18.498 1.00 42.28 ? 114 LEU A CA  1 
ATOM   861  C C   . LEU A 1 116 ? -1.641  0.714   -17.943 1.00 41.65 ? 114 LEU A C   1 
ATOM   862  O O   . LEU A 1 116 ? -1.198  1.857   -17.823 1.00 43.18 ? 114 LEU A O   1 
ATOM   863  C CB  . LEU A 1 116 ? 0.355   -0.719  -17.524 1.00 43.52 ? 114 LEU A CB  1 
ATOM   864  C CG  . LEU A 1 116 ? 1.052   -2.052  -17.775 1.00 45.02 ? 114 LEU A CG  1 
ATOM   865  C CD1 . LEU A 1 116 ? 1.972   -2.383  -16.619 1.00 44.39 ? 114 LEU A CD1 1 
ATOM   866  C CD2 . LEU A 1 116 ? 0.009   -3.137  -17.966 1.00 43.33 ? 114 LEU A CD2 1 
ATOM   867  N N   . PRO A 1 117 ? -2.890  0.382   -17.601 1.00 35.60 ? 115 PRO A N   1 
ATOM   868  C CA  . PRO A 1 117 ? -3.854  1.363   -17.099 1.00 35.72 ? 115 PRO A CA  1 
ATOM   869  C C   . PRO A 1 117 ? -3.314  2.145   -15.893 1.00 37.32 ? 115 PRO A C   1 
ATOM   870  O O   . PRO A 1 117 ? -3.730  3.281   -15.667 1.00 38.89 ? 115 PRO A O   1 
ATOM   871  C CB  . PRO A 1 117 ? -5.051  0.501   -16.697 1.00 35.91 ? 115 PRO A CB  1 
ATOM   872  C CG  . PRO A 1 117 ? -4.928  -0.742  -17.544 1.00 37.91 ? 115 PRO A CG  1 
ATOM   873  C CD  . PRO A 1 117 ? -3.457  -0.977  -17.692 1.00 40.34 ? 115 PRO A CD  1 
ATOM   874  N N   . ILE A 1 118 ? -2.389  1.549   -15.145 1.00 37.42 ? 116 ILE A N   1 
ATOM   875  C CA  . ILE A 1 118 ? -1.850  2.197   -13.951 1.00 35.69 ? 116 ILE A CA  1 
ATOM   876  C C   . ILE A 1 118 ? -0.929  3.376   -14.276 1.00 40.00 ? 116 ILE A C   1 
ATOM   877  O O   . ILE A 1 118 ? -0.797  4.307   -13.476 1.00 32.39 ? 116 ILE A O   1 
ATOM   878  C CB  . ILE A 1 118 ? -1.092  1.203   -13.048 1.00 32.66 ? 116 ILE A CB  1 
ATOM   879  C CG1 . ILE A 1 118 ? -0.933  1.786   -11.636 1.00 27.97 ? 116 ILE A CG1 1 
ATOM   880  C CG2 . ILE A 1 118 ? 0.258   0.815   -13.666 1.00 35.35 ? 116 ILE A CG2 1 
ATOM   881  C CD1 . ILE A 1 118 ? 0.107   1.085   -10.832 1.00 33.25 ? 116 ILE A CD1 1 
ATOM   882  N N   . GLN A 1 119 ? -0.301  3.324   -15.449 1.00 37.81 ? 117 GLN A N   1 
ATOM   883  C CA  . GLN A 1 119 ? 0.634   4.351   -15.897 1.00 38.35 ? 117 GLN A CA  1 
ATOM   884  C C   . GLN A 1 119 ? 0.034   5.743   -15.810 1.00 35.64 ? 117 GLN A C   1 
ATOM   885  O O   . GLN A 1 119 ? 0.698   6.704   -15.425 1.00 40.16 ? 117 GLN A O   1 
ATOM   886  C CB  . GLN A 1 119 ? 1.033   4.083   -17.346 1.00 47.42 ? 117 GLN A CB  1 
ATOM   887  C CG  . GLN A 1 119 ? 2.036   5.065   -17.906 1.00 49.95 ? 117 GLN A CG  1 
ATOM   888  C CD  . GLN A 1 119 ? 3.446   4.529   -17.826 1.00 59.87 ? 117 GLN A CD  1 
ATOM   889  O OE1 . GLN A 1 119 ? 3.728   3.611   -17.055 1.00 59.93 ? 117 GLN A OE1 1 
ATOM   890  N NE2 . GLN A 1 119 ? 4.342   5.092   -18.631 1.00 65.36 ? 117 GLN A NE2 1 
ATOM   891  N N   . GLU A 1 120 ? -1.232  5.834   -16.187 1.00 33.36 ? 118 GLU A N   1 
ATOM   892  C CA  . GLU A 1 120 ? -1.982  7.080   -16.187 1.00 38.26 ? 118 GLU A CA  1 
ATOM   893  C C   . GLU A 1 120 ? -1.992  7.783   -14.825 1.00 42.06 ? 118 GLU A C   1 
ATOM   894  O O   . GLU A 1 120 ? -2.152  9.003   -14.749 1.00 40.35 ? 118 GLU A O   1 
ATOM   895  C CB  . GLU A 1 120 ? -3.422  6.786   -16.621 1.00 43.15 ? 118 GLU A CB  1 
ATOM   896  C CG  . GLU A 1 120 ? -4.408  7.922   -16.408 1.00 47.97 ? 118 GLU A CG  1 
ATOM   897  C CD  . GLU A 1 120 ? -5.821  7.543   -16.825 1.00 51.63 ? 118 GLU A CD  1 
ATOM   898  O OE1 . GLU A 1 120 ? -6.691  8.443   -16.892 1.00 57.73 ? 118 GLU A OE1 1 
ATOM   899  O OE2 . GLU A 1 120 ? -6.059  6.342   -17.086 1.00 52.64 ? 118 GLU A OE2 1 
ATOM   900  N N   . TYR A 1 121 ? -1.822  7.012   -13.755 1.00 35.16 ? 119 TYR A N   1 
ATOM   901  C CA  . TYR A 1 121 ? -2.055  7.520   -12.404 1.00 32.47 ? 119 TYR A CA  1 
ATOM   902  C C   . TYR A 1 121 ? -0.786  7.806   -11.617 1.00 29.35 ? 119 TYR A C   1 
ATOM   903  O O   . TYR A 1 121 ? -0.836  8.322   -10.497 1.00 28.17 ? 119 TYR A O   1 
ATOM   904  C CB  . TYR A 1 121 ? -2.927  6.535   -11.636 1.00 28.63 ? 119 TYR A CB  1 
ATOM   905  C CG  . TYR A 1 121 ? -4.297  6.372   -12.235 1.00 31.96 ? 119 TYR A CG  1 
ATOM   906  C CD1 . TYR A 1 121 ? -5.234  7.391   -12.143 1.00 30.81 ? 119 TYR A CD1 1 
ATOM   907  C CD2 . TYR A 1 121 ? -4.660  5.205   -12.893 1.00 34.63 ? 119 TYR A CD2 1 
ATOM   908  C CE1 . TYR A 1 121 ? -6.490  7.257   -12.685 1.00 36.86 ? 119 TYR A CE1 1 
ATOM   909  C CE2 . TYR A 1 121 ? -5.922  5.061   -13.437 1.00 36.21 ? 119 TYR A CE2 1 
ATOM   910  C CZ  . TYR A 1 121 ? -6.830  6.091   -13.331 1.00 36.88 ? 119 TYR A CZ  1 
ATOM   911  O OH  . TYR A 1 121 ? -8.091  5.967   -13.869 1.00 40.27 ? 119 TYR A OH  1 
ATOM   912  N N   . ILE A 1 122 ? 0.351   7.473   -12.202 1.00 29.33 ? 120 ILE A N   1 
ATOM   913  C CA  . ILE A 1 122 ? 1.638   7.698   -11.561 1.00 31.68 ? 120 ILE A CA  1 
ATOM   914  C C   . ILE A 1 122 ? 2.173   9.069   -11.935 1.00 37.00 ? 120 ILE A C   1 
ATOM   915  O O   . ILE A 1 122 ? 2.413   9.339   -13.112 1.00 35.96 ? 120 ILE A O   1 
ATOM   916  C CB  . ILE A 1 122 ? 2.645   6.634   -12.008 1.00 29.05 ? 120 ILE A CB  1 
ATOM   917  C CG1 . ILE A 1 122 ? 2.110   5.240   -11.655 1.00 31.88 ? 120 ILE A CG1 1 
ATOM   918  C CG2 . ILE A 1 122 ? 3.999   6.876   -11.374 1.00 34.54 ? 120 ILE A CG2 1 
ATOM   919  C CD1 . ILE A 1 122 ? 3.016   4.102   -12.106 1.00 34.57 ? 120 ILE A CD1 1 
ATOM   920  N N   . ASP A 1 123 ? 2.360   9.937   -10.945 1.00 32.02 ? 121 ASP A N   1 
ATOM   921  C CA  . ASP A 1 123 ? 2.890   11.274  -11.228 1.00 38.99 ? 121 ASP A CA  1 
ATOM   922  C C   . ASP A 1 123 ? 4.421   11.316  -11.313 1.00 38.56 ? 121 ASP A C   1 
ATOM   923  O O   . ASP A 1 123 ? 5.103   10.339  -11.003 1.00 37.06 ? 121 ASP A O   1 
ATOM   924  C CB  . ASP A 1 123 ? 2.334   12.325  -10.255 1.00 40.24 ? 121 ASP A CB  1 
ATOM   925  C CG  . ASP A 1 123 ? 3.017   12.309  -8.894  1.00 38.87 ? 121 ASP A CG  1 
ATOM   926  O OD1 . ASP A 1 123 ? 4.075   11.669  -8.735  1.00 40.78 ? 121 ASP A OD1 1 
ATOM   927  O OD2 . ASP A 1 123 ? 2.485   12.962  -7.971  1.00 41.92 ? 121 ASP A OD2 1 
ATOM   928  N N   . SER A 1 124 ? 4.956   12.453  -11.748 1.00 43.10 ? 122 SER A N   1 
ATOM   929  C CA  . SER A 1 124 ? 6.398   12.605  -11.921 1.00 47.10 ? 122 SER A CA  1 
ATOM   930  C C   . SER A 1 124 ? 7.185   12.243  -10.660 1.00 44.00 ? 122 SER A C   1 
ATOM   931  O O   . SER A 1 124 ? 8.303   11.735  -10.745 1.00 46.26 ? 122 SER A O   1 
ATOM   932  C CB  . SER A 1 124 ? 6.738   14.035  -12.360 1.00 49.48 ? 122 SER A CB  1 
ATOM   933  O OG  . SER A 1 124 ? 6.242   14.988  -11.431 1.00 54.70 ? 122 SER A OG  1 
ATOM   934  N N   . ASN A 1 125 ? 6.597   12.499  -9.495  1.00 43.41 ? 123 ASN A N   1 
ATOM   935  C CA  . ASN A 1 125 ? 7.262   12.206  -8.225  1.00 40.99 ? 123 ASN A CA  1 
ATOM   936  C C   . ASN A 1 125 ? 7.141   10.764  -7.726  1.00 39.74 ? 123 ASN A C   1 
ATOM   937  O O   . ASN A 1 125 ? 7.800   10.378  -6.762  1.00 40.50 ? 123 ASN A O   1 
ATOM   938  C CB  . ASN A 1 125 ? 6.791   13.173  -7.145  1.00 43.38 ? 123 ASN A CB  1 
ATOM   939  C CG  . ASN A 1 125 ? 7.663   14.402  -7.061  1.00 52.72 ? 123 ASN A CG  1 
ATOM   940  O OD1 . ASN A 1 125 ? 8.886   14.321  -7.210  1.00 51.70 ? 123 ASN A OD1 1 
ATOM   941  N ND2 . ASN A 1 125 ? 7.045   15.552  -6.825  1.00 54.14 ? 123 ASN A ND2 1 
ATOM   942  N N   . GLY A 1 126 ? 6.309   9.965   -8.383  1.00 35.94 ? 124 GLY A N   1 
ATOM   943  C CA  . GLY A 1 126 ? 6.156   8.576   -7.995  1.00 32.85 ? 124 GLY A CA  1 
ATOM   944  C C   . GLY A 1 126 ? 4.904   8.295   -7.179  1.00 27.03 ? 124 GLY A C   1 
ATOM   945  O O   . GLY A 1 126 ? 4.631   7.141   -6.868  1.00 25.01 ? 124 GLY A O   1 
ATOM   946  N N   . TRP A 1 127 ? 4.145   9.334   -6.828  1.00 23.76 ? 125 TRP A N   1 
ATOM   947  C CA  . TRP A 1 127 ? 2.877   9.124   -6.136  1.00 24.41 ? 125 TRP A CA  1 
ATOM   948  C C   . TRP A 1 127 ? 1.839   8.553   -7.095  1.00 27.01 ? 125 TRP A C   1 
ATOM   949  O O   . TRP A 1 127 ? 1.764   8.961   -8.250  1.00 28.08 ? 125 TRP A O   1 
ATOM   950  C CB  . TRP A 1 127 ? 2.379   10.411  -5.474  1.00 24.01 ? 125 TRP A CB  1 
ATOM   951  C CG  . TRP A 1 127 ? 3.314   10.806  -4.383  1.00 27.40 ? 125 TRP A CG  1 
ATOM   952  C CD1 . TRP A 1 127 ? 4.283   11.766  -4.437  1.00 29.74 ? 125 TRP A CD1 1 
ATOM   953  C CD2 . TRP A 1 127 ? 3.429   10.187  -3.098  1.00 26.08 ? 125 TRP A CD2 1 
ATOM   954  N NE1 . TRP A 1 127 ? 4.972   11.804  -3.247  1.00 28.25 ? 125 TRP A NE1 1 
ATOM   955  C CE2 . TRP A 1 127 ? 4.467   10.840  -2.411  1.00 26.18 ? 125 TRP A CE2 1 
ATOM   956  C CE3 . TRP A 1 127 ? 2.739   9.152   -2.454  1.00 23.24 ? 125 TRP A CE3 1 
ATOM   957  C CZ2 . TRP A 1 127 ? 4.836   10.495  -1.110  1.00 24.02 ? 125 TRP A CZ2 1 
ATOM   958  C CZ3 . TRP A 1 127 ? 3.114   8.807   -1.158  1.00 20.29 ? 125 TRP A CZ3 1 
ATOM   959  C CH2 . TRP A 1 127 ? 4.149   9.476   -0.506  1.00 24.03 ? 125 TRP A CH2 1 
ATOM   960  N N   . ILE A 1 128 ? 1.052   7.597   -6.615  1.00 21.72 ? 126 ILE A N   1 
ATOM   961  C CA  . ILE A 1 128 ? 0.065   6.939   -7.461  1.00 19.90 ? 126 ILE A CA  1 
ATOM   962  C C   . ILE A 1 128 ? -1.320  7.428   -7.080  1.00 24.19 ? 126 ILE A C   1 
ATOM   963  O O   . ILE A 1 128 ? -1.838  7.087   -6.015  1.00 22.00 ? 126 ILE A O   1 
ATOM   964  C CB  . ILE A 1 128 ? 0.122   5.407   -7.313  1.00 19.70 ? 126 ILE A CB  1 
ATOM   965  C CG1 . ILE A 1 128 ? 1.548   4.907   -7.481  1.00 22.87 ? 126 ILE A CG1 1 
ATOM   966  C CG2 . ILE A 1 128 ? -0.813  4.740   -8.319  1.00 25.37 ? 126 ILE A CG2 1 
ATOM   967  C CD1 . ILE A 1 128 ? 1.705   3.409   -7.257  1.00 22.09 ? 126 ILE A CD1 1 
ATOM   968  N N   . ALA A 1 129 ? -1.911  8.242   -7.942  1.00 20.94 ? 127 ALA A N   1 
ATOM   969  C CA  . ALA A 1 129 ? -3.216  8.827   -7.652  1.00 26.28 ? 127 ALA A CA  1 
ATOM   970  C C   . ALA A 1 129 ? -4.332  7.874   -8.052  1.00 28.53 ? 127 ALA A C   1 
ATOM   971  O O   . ALA A 1 129 ? -5.048  8.116   -9.023  1.00 29.37 ? 127 ALA A O   1 
ATOM   972  C CB  . ALA A 1 129 ? -3.370  10.166  -8.370  1.00 29.17 ? 127 ALA A CB  1 
ATOM   973  N N   . LEU A 1 130 ? -4.478  6.784   -7.308  1.00 24.05 ? 128 LEU A N   1 
ATOM   974  C CA  . LEU A 1 130 ? -5.528  5.810   -7.604  1.00 25.33 ? 128 LEU A CA  1 
ATOM   975  C C   . LEU A 1 130 ? -6.920  6.429   -7.476  1.00 25.81 ? 128 LEU A C   1 
ATOM   976  O O   . LEU A 1 130 ? -7.190  7.193   -6.550  1.00 26.17 ? 128 LEU A O   1 
ATOM   977  C CB  . LEU A 1 130 ? -5.415  4.599   -6.677  1.00 24.42 ? 128 LEU A CB  1 
ATOM   978  C CG  . LEU A 1 130 ? -4.145  3.758   -6.761  1.00 24.45 ? 128 LEU A CG  1 
ATOM   979  C CD1 . LEU A 1 130 ? -4.112  2.758   -5.617  1.00 25.54 ? 128 LEU A CD1 1 
ATOM   980  C CD2 . LEU A 1 130 ? -4.063  3.042   -8.101  1.00 24.25 ? 128 LEU A CD2 1 
ATOM   981  N N   . PRO A 1 131 ? -7.818  6.097   -8.413  1.00 25.87 ? 129 PRO A N   1 
ATOM   982  C CA  . PRO A 1 131 ? -9.196  6.597   -8.359  1.00 26.42 ? 129 PRO A CA  1 
ATOM   983  C C   . PRO A 1 131 ? -9.893  6.339   -7.010  1.00 25.02 ? 129 PRO A C   1 
ATOM   984  O O   . PRO A 1 131 ? -10.631 7.204   -6.533  1.00 24.11 ? 129 PRO A O   1 
ATOM   985  C CB  . PRO A 1 131 ? -9.888  5.816   -9.476  1.00 28.40 ? 129 PRO A CB  1 
ATOM   986  C CG  . PRO A 1 131 ? -8.792  5.539   -10.466 1.00 30.28 ? 129 PRO A CG  1 
ATOM   987  C CD  . PRO A 1 131 ? -7.535  5.356   -9.657  1.00 29.70 ? 129 PRO A CD  1 
ATOM   988  N N   . ILE A 1 132 ? -9.669  5.173   -6.412  1.00 24.98 ? 130 ILE A N   1 
ATOM   989  C CA  . ILE A 1 132 ? -10.316 4.846   -5.141  1.00 23.95 ? 130 ILE A CA  1 
ATOM   990  C C   . ILE A 1 132 ? -9.905  5.831   -4.046  1.00 21.48 ? 130 ILE A C   1 
ATOM   991  O O   . ILE A 1 132 ? -10.705 6.173   -3.181  1.00 22.86 ? 130 ILE A O   1 
ATOM   992  C CB  . ILE A 1 132 ? -10.038 3.375   -4.710  1.00 23.38 ? 130 ILE A CB  1 
ATOM   993  C CG1 . ILE A 1 132 ? -10.882 2.990   -3.487  1.00 24.99 ? 130 ILE A CG1 1 
ATOM   994  C CG2 . ILE A 1 132 ? -8.550  3.157   -4.438  1.00 21.18 ? 130 ILE A CG2 1 
ATOM   995  C CD1 . ILE A 1 132 ? -10.791 1.496   -3.119  1.00 23.00 ? 130 ILE A CD1 1 
ATOM   996  N N   . LEU A 1 133 ? -8.662  6.308   -4.094  1.00 20.06 ? 131 LEU A N   1 
ATOM   997  C CA  . LEU A 1 133 ? -8.180  7.265   -3.091  1.00 21.00 ? 131 LEU A CA  1 
ATOM   998  C C   . LEU A 1 133 ? -8.827  8.634   -3.288  1.00 25.35 ? 131 LEU A C   1 
ATOM   999  O O   . LEU A 1 133 ? -9.090  9.365   -2.331  1.00 25.16 ? 131 LEU A O   1 
ATOM   1000 C CB  . LEU A 1 133 ? -6.653  7.377   -3.159  1.00 19.55 ? 131 LEU A CB  1 
ATOM   1001 C CG  . LEU A 1 133 ? -5.947  6.043   -2.935  1.00 20.08 ? 131 LEU A CG  1 
ATOM   1002 C CD1 . LEU A 1 133 ? -4.434  6.178   -3.150  1.00 21.25 ? 131 LEU A CD1 1 
ATOM   1003 C CD2 . LEU A 1 133 ? -6.276  5.498   -1.543  1.00 18.36 ? 131 LEU A CD2 1 
ATOM   1004 N N   . HIS A 1 134 ? -9.089  8.984   -4.542  1.00 25.80 ? 132 HIS A N   1 
ATOM   1005 C CA  . HIS A 1 134 ? -9.741  10.252  -4.837  1.00 30.07 ? 132 HIS A CA  1 
ATOM   1006 C C   . HIS A 1 134 ? -11.212 10.232  -4.413  1.00 30.92 ? 132 HIS A C   1 
ATOM   1007 O O   . HIS A 1 134 ? -11.791 11.268  -4.083  1.00 36.42 ? 132 HIS A O   1 
ATOM   1008 C CB  . HIS A 1 134 ? -9.617  10.578  -6.331  1.00 37.52 ? 132 HIS A CB  1 
ATOM   1009 C CG  . HIS A 1 134 ? -10.316 11.839  -6.732  1.00 42.17 ? 132 HIS A CG  1 
ATOM   1010 N ND1 . HIS A 1 134 ? -9.852  13.092  -6.386  1.00 48.31 ? 132 HIS A ND1 1 
ATOM   1011 C CD2 . HIS A 1 134 ? -11.445 12.042  -7.453  1.00 45.41 ? 132 HIS A CD2 1 
ATOM   1012 C CE1 . HIS A 1 134 ? -10.666 14.012  -6.874  1.00 51.84 ? 132 HIS A CE1 1 
ATOM   1013 N NE2 . HIS A 1 134 ? -11.641 13.402  -7.527  1.00 50.22 ? 132 HIS A NE2 1 
ATOM   1014 N N   . ALA A 1 135 ? -11.813 9.048   -4.417  1.00 27.44 ? 133 ALA A N   1 
ATOM   1015 C CA  . ALA A 1 135 ? -13.223 8.913   -4.062  1.00 26.81 ? 133 ALA A CA  1 
ATOM   1016 C C   . ALA A 1 135 ? -13.358 8.131   -2.758  1.00 25.69 ? 133 ALA A C   1 
ATOM   1017 O O   . ALA A 1 135 ? -14.284 7.345   -2.584  1.00 27.87 ? 133 ALA A O   1 
ATOM   1018 C CB  . ALA A 1 135 ? -13.978 8.218   -5.179  1.00 30.97 ? 133 ALA A CB  1 
ATOM   1019 N N   . TRP A 1 136 ? -12.424 8.353   -1.840  1.00 24.18 ? 134 TRP A N   1 
ATOM   1020 C CA  . TRP A 1 136 ? -12.378 7.598   -0.587  1.00 23.48 ? 134 TRP A CA  1 
ATOM   1021 C C   . TRP A 1 136 ? -13.659 7.742   0.230   1.00 22.38 ? 134 TRP A C   1 
ATOM   1022 O O   . TRP A 1 136 ? -14.126 8.851   0.466   1.00 21.12 ? 134 TRP A O   1 
ATOM   1023 C CB  . TRP A 1 136 ? -11.188 8.062   0.253   1.00 21.20 ? 134 TRP A CB  1 
ATOM   1024 C CG  . TRP A 1 136 ? -10.971 7.265   1.498   1.00 16.74 ? 134 TRP A CG  1 
ATOM   1025 C CD1 . TRP A 1 136 ? -11.183 7.679   2.786   1.00 17.70 ? 134 TRP A CD1 1 
ATOM   1026 C CD2 . TRP A 1 136 ? -10.462 5.926   1.583   1.00 19.40 ? 134 TRP A CD2 1 
ATOM   1027 N NE1 . TRP A 1 136 ? -10.848 6.672   3.657   1.00 17.38 ? 134 TRP A NE1 1 
ATOM   1028 C CE2 . TRP A 1 136 ? -10.403 5.590   2.948   1.00 16.48 ? 134 TRP A CE2 1 
ATOM   1029 C CE3 . TRP A 1 136 ? -10.061 4.974   0.636   1.00 18.01 ? 134 TRP A CE3 1 
ATOM   1030 C CZ2 . TRP A 1 136 ? -9.949  4.347   3.391   1.00 18.17 ? 134 TRP A CZ2 1 
ATOM   1031 C CZ3 . TRP A 1 136 ? -9.604  3.748   1.076   1.00 16.78 ? 134 TRP A CZ3 1 
ATOM   1032 C CH2 . TRP A 1 136 ? -9.559  3.441   2.442   1.00 16.50 ? 134 TRP A CH2 1 
ATOM   1033 N N   . ASP A 1 137 ? -14.206 6.608   0.659   1.00 22.10 ? 135 ASP A N   1 
ATOM   1034 C CA  . ASP A 1 137 ? -15.388 6.572   1.517   1.00 20.15 ? 135 ASP A CA  1 
ATOM   1035 C C   . ASP A 1 137 ? -14.984 5.920   2.843   1.00 18.51 ? 135 ASP A C   1 
ATOM   1036 O O   . ASP A 1 137 ? -14.842 4.702   2.925   1.00 19.45 ? 135 ASP A O   1 
ATOM   1037 C CB  . ASP A 1 137 ? -16.501 5.767   0.828   1.00 21.22 ? 135 ASP A CB  1 
ATOM   1038 C CG  . ASP A 1 137 ? -17.805 5.768   1.610   1.00 26.25 ? 135 ASP A CG  1 
ATOM   1039 O OD1 . ASP A 1 137 ? -17.788 6.080   2.815   1.00 22.29 ? 135 ASP A OD1 1 
ATOM   1040 O OD2 . ASP A 1 137 ? -18.853 5.443   1.017   1.00 27.64 ? 135 ASP A OD2 1 
ATOM   1041 N N   . PRO A 1 138 ? -14.762 6.736   3.886   1.00 20.29 ? 136 PRO A N   1 
ATOM   1042 C CA  . PRO A 1 138 ? -14.267 6.216   5.165   1.00 17.16 ? 136 PRO A CA  1 
ATOM   1043 C C   . PRO A 1 138 ? -15.178 5.143   5.734   1.00 22.67 ? 136 PRO A C   1 
ATOM   1044 O O   . PRO A 1 138 ? -14.717 4.268   6.463   1.00 21.92 ? 136 PRO A O   1 
ATOM   1045 C CB  . PRO A 1 138 ? -14.308 7.445   6.079   1.00 20.43 ? 136 PRO A CB  1 
ATOM   1046 C CG  . PRO A 1 138 ? -14.151 8.595   5.159   1.00 22.58 ? 136 PRO A CG  1 
ATOM   1047 C CD  . PRO A 1 138 ? -14.909 8.201   3.911   1.00 20.67 ? 136 PRO A CD  1 
ATOM   1048 N N   . ALA A 1 139 ? -16.465 5.209   5.396   1.00 20.42 ? 137 ALA A N   1 
ATOM   1049 C CA  . ALA A 1 139 ? -17.443 4.313   5.997   1.00 18.83 ? 137 ALA A CA  1 
ATOM   1050 C C   . ALA A 1 139 ? -17.548 2.970   5.290   1.00 21.28 ? 137 ALA A C   1 
ATOM   1051 O O   . ALA A 1 139 ? -18.203 2.057   5.793   1.00 23.77 ? 137 ALA A O   1 
ATOM   1052 C CB  . ALA A 1 139 ? -18.820 5.002   6.050   1.00 20.53 ? 137 ALA A CB  1 
ATOM   1053 N N   . ALA A 1 140 ? -16.894 2.821   4.138   1.00 20.10 ? 138 ALA A N   1 
ATOM   1054 C CA  . ALA A 1 140 ? -17.099 1.615   3.334   1.00 20.26 ? 138 ALA A CA  1 
ATOM   1055 C C   . ALA A 1 140 ? -15.838 1.033   2.705   1.00 26.49 ? 138 ALA A C   1 
ATOM   1056 O O   . ALA A 1 140 ? -15.904 0.010   2.043   1.00 25.84 ? 138 ALA A O   1 
ATOM   1057 C CB  . ALA A 1 140 ? -18.131 1.872   2.249   1.00 21.66 ? 138 ALA A CB  1 
ATOM   1058 N N   . MET A 1 141 ? -14.697 1.675   2.894   1.00 18.19 ? 139 MET A N   1 
ATOM   1059 C CA  . MET A 1 141 ? -13.490 1.219   2.217   1.00 19.47 ? 139 MET A CA  1 
ATOM   1060 C C   . MET A 1 141 ? -12.396 0.791   3.186   1.00 20.99 ? 139 MET A C   1 
ATOM   1061 O O   . MET A 1 141 ? -12.412 1.154   4.356   1.00 23.44 ? 139 MET A O   1 
ATOM   1062 C CB  . MET A 1 141 ? -12.975 2.311   1.286   1.00 19.39 ? 139 MET A CB  1 
ATOM   1063 C CG  . MET A 1 141 ? -13.952 2.636   0.173   1.00 21.54 ? 139 MET A CG  1 
ATOM   1064 S SD  . MET A 1 141 ? -13.255 3.847   -0.957  1.00 24.07 ? 139 MET A SD  1 
ATOM   1065 C CE  . MET A 1 141 ? -14.641 4.076   -2.073  1.00 25.65 ? 139 MET A CE  1 
ATOM   1066 N N   . ASN A 1 142 ? -11.433 0.027   2.687   1.00 17.86 ? 140 ASN A N   1 
ATOM   1067 C CA  . ASN A 1 142 ? -10.330 -0.411  3.526   1.00 17.39 ? 140 ASN A CA  1 
ATOM   1068 C C   . ASN A 1 142 ? -9.046  -0.517  2.704   1.00 17.77 ? 140 ASN A C   1 
ATOM   1069 O O   . ASN A 1 142 ? -9.035  -0.168  1.527   1.00 16.13 ? 140 ASN A O   1 
ATOM   1070 C CB  . ASN A 1 142 ? -10.691 -1.740  4.210   1.00 17.62 ? 140 ASN A CB  1 
ATOM   1071 C CG  . ASN A 1 142 ? -10.997 -2.843  3.219   1.00 22.56 ? 140 ASN A CG  1 
ATOM   1072 O OD1 . ASN A 1 142 ? -10.346 -2.954  2.180   1.00 21.50 ? 140 ASN A OD1 1 
ATOM   1073 N ND2 . ASN A 1 142 ? -11.990 -3.670  3.535   1.00 25.98 ? 140 ASN A ND2 1 
ATOM   1074 N N   . LEU A 1 143 ? -7.965  -0.972  3.330   1.00 17.61 ? 141 LEU A N   1 
ATOM   1075 C CA  . LEU A 1 143 ? -6.663  -1.043  2.657   1.00 16.20 ? 141 LEU A CA  1 
ATOM   1076 C C   . LEU A 1 143 ? -6.610  -2.109  1.578   1.00 17.06 ? 141 LEU A C   1 
ATOM   1077 O O   . LEU A 1 143 ? -6.017  -1.904  0.528   1.00 17.00 ? 141 LEU A O   1 
ATOM   1078 C CB  . LEU A 1 143 ? -5.549  -1.294  3.673   1.00 15.44 ? 141 LEU A CB  1 
ATOM   1079 C CG  . LEU A 1 143 ? -5.427  -0.219  4.757   1.00 16.24 ? 141 LEU A CG  1 
ATOM   1080 C CD1 . LEU A 1 143 ? -4.257  -0.542  5.680   1.00 17.52 ? 141 LEU A CD1 1 
ATOM   1081 C CD2 . LEU A 1 143 ? -5.238  1.154   4.134   1.00 17.75 ? 141 LEU A CD2 1 
ATOM   1082 N N   . ILE A 1 144 ? -7.214  -3.256  1.844   1.00 16.11 ? 142 ILE A N   1 
ATOM   1083 C CA  . ILE A 1 144 ? -7.305  -4.304  0.841   1.00 17.57 ? 142 ILE A CA  1 
ATOM   1084 C C   . ILE A 1 144 ? -7.873  -3.788  -0.473  1.00 15.36 ? 142 ILE A C   1 
ATOM   1085 O O   . ILE A 1 144 ? -7.349  -4.106  -1.540  1.00 19.75 ? 142 ILE A O   1 
ATOM   1086 C CB  . ILE A 1 144 ? -8.185  -5.475  1.319   1.00 19.91 ? 142 ILE A CB  1 
ATOM   1087 C CG1 . ILE A 1 144 ? -7.429  -6.304  2.354   1.00 21.69 ? 142 ILE A CG1 1 
ATOM   1088 C CG2 . ILE A 1 144 ? -8.577  -6.353  0.138   1.00 21.82 ? 142 ILE A CG2 1 
ATOM   1089 C CD1 . ILE A 1 144 ? -8.343  -7.159  3.222   1.00 22.13 ? 142 ILE A CD1 1 
ATOM   1090 N N   . MET A 1 145 ? -8.940  -2.994  -0.408  1.00 18.38 ? 143 MET A N   1 
ATOM   1091 C CA  . MET A 1 145 ? -9.566  -2.485  -1.630  1.00 18.66 ? 143 MET A CA  1 
ATOM   1092 C C   . MET A 1 145 ? -8.629  -1.608  -2.438  1.00 20.71 ? 143 MET A C   1 
ATOM   1093 O O   . MET A 1 145 ? -8.679  -1.593  -3.672  1.00 18.89 ? 143 MET A O   1 
ATOM   1094 C CB  . MET A 1 145 ? -10.837 -1.708  -1.321  1.00 20.87 ? 143 MET A CB  1 
ATOM   1095 C CG  . MET A 1 145 ? -11.935 -2.570  -0.737  1.00 21.27 ? 143 MET A CG  1 
ATOM   1096 S SD  . MET A 1 145 ? -13.316 -1.511  -0.323  1.00 27.84 ? 143 MET A SD  1 
ATOM   1097 C CE  . MET A 1 145 ? -14.298 -2.633  0.672   1.00 38.17 ? 143 MET A CE  1 
ATOM   1098 N N   . VAL A 1 146 ? -7.776  -0.869  -1.742  1.00 17.35 ? 144 VAL A N   1 
ATOM   1099 C CA  . VAL A 1 146 ? -6.803  -0.031  -2.412  1.00 15.23 ? 144 VAL A CA  1 
ATOM   1100 C C   . VAL A 1 146 ? -5.814  -0.881  -3.202  1.00 17.55 ? 144 VAL A C   1 
ATOM   1101 O O   . VAL A 1 146 ? -5.538  -0.616  -4.373  1.00 19.82 ? 144 VAL A O   1 
ATOM   1102 C CB  . VAL A 1 146 ? -6.051  0.849   -1.396  1.00 13.73 ? 144 VAL A CB  1 
ATOM   1103 C CG1 . VAL A 1 146 ? -4.952  1.625   -2.102  1.00 16.86 ? 144 VAL A CG1 1 
ATOM   1104 C CG2 . VAL A 1 146 ? -7.039  1.805   -0.724  1.00 16.27 ? 144 VAL A CG2 1 
ATOM   1105 N N   . VAL A 1 147 ? -5.290  -1.916  -2.570  1.00 16.21 ? 145 VAL A N   1 
ATOM   1106 C CA  . VAL A 1 147 ? -4.293  -2.743  -3.238  1.00 17.79 ? 145 VAL A CA  1 
ATOM   1107 C C   . VAL A 1 147 ? -4.937  -3.582  -4.339  1.00 20.84 ? 145 VAL A C   1 
ATOM   1108 O O   . VAL A 1 147 ? -4.315  -3.850  -5.363  1.00 22.79 ? 145 VAL A O   1 
ATOM   1109 C CB  . VAL A 1 147 ? -3.508  -3.615  -2.254  1.00 20.38 ? 145 VAL A CB  1 
ATOM   1110 C CG1 . VAL A 1 147 ? -2.468  -4.463  -2.993  1.00 22.12 ? 145 VAL A CG1 1 
ATOM   1111 C CG2 . VAL A 1 147 ? -2.812  -2.724  -1.210  1.00 20.97 ? 145 VAL A CG2 1 
ATOM   1112 N N   . GLN A 1 148 ? -6.194  -3.962  -4.146  1.00 19.42 ? 146 GLN A N   1 
ATOM   1113 C CA  . GLN A 1 148 ? -6.917  -4.683  -5.194  1.00 23.17 ? 146 GLN A CA  1 
ATOM   1114 C C   . GLN A 1 148 ? -7.084  -3.821  -6.443  1.00 24.38 ? 146 GLN A C   1 
ATOM   1115 O O   . GLN A 1 148 ? -6.916  -4.294  -7.569  1.00 24.87 ? 146 GLN A O   1 
ATOM   1116 C CB  . GLN A 1 148 ? -8.277  -5.160  -4.685  1.00 22.42 ? 146 GLN A CB  1 
ATOM   1117 C CG  . GLN A 1 148 ? -8.167  -6.347  -3.765  1.00 27.39 ? 146 GLN A CG  1 
ATOM   1118 C CD  . GLN A 1 148 ? -9.502  -6.795  -3.207  1.00 33.33 ? 146 GLN A CD  1 
ATOM   1119 O OE1 . GLN A 1 148 ? -10.417 -5.992  -3.024  1.00 32.99 ? 146 GLN A OE1 1 
ATOM   1120 N NE2 . GLN A 1 148 ? -9.612  -8.086  -2.916  1.00 35.78 ? 146 GLN A NE2 1 
ATOM   1121 N N   . GLU A 1 149 ? -7.412  -2.552  -6.254  1.00 21.81 ? 147 GLU A N   1 
ATOM   1122 C CA  . GLU A 1 149 ? -7.532  -1.668  -7.401  1.00 24.12 ? 147 GLU A CA  1 
ATOM   1123 C C   . GLU A 1 149 ? -6.180  -1.498  -8.073  1.00 25.28 ? 147 GLU A C   1 
ATOM   1124 O O   . GLU A 1 149 ? -6.081  -1.540  -9.300  1.00 26.67 ? 147 GLU A O   1 
ATOM   1125 C CB  . GLU A 1 149 ? -8.119  -0.313  -7.018  1.00 25.48 ? 147 GLU A CB  1 
ATOM   1126 C CG  . GLU A 1 149 ? -8.065  0.690   -8.165  1.00 27.35 ? 147 GLU A CG  1 
ATOM   1127 C CD  . GLU A 1 149 ? -8.951  1.889   -7.924  1.00 29.84 ? 147 GLU A CD  1 
ATOM   1128 O OE1 . GLU A 1 149 ? -10.191 1.739   -7.993  1.00 39.34 ? 147 GLU A OE1 1 
ATOM   1129 O OE2 . GLU A 1 149 ? -8.413  2.981   -7.653  1.00 30.52 ? 147 GLU A OE2 1 
ATOM   1130 N N   . LEU A 1 150 ? -5.131  -1.326  -7.273  1.00 22.17 ? 148 LEU A N   1 
ATOM   1131 C CA  . LEU A 1 150 ? -3.791  -1.239  -7.827  1.00 22.12 ? 148 LEU A CA  1 
ATOM   1132 C C   . LEU A 1 150 ? -3.500  -2.460  -8.702  1.00 26.84 ? 148 LEU A C   1 
ATOM   1133 O O   . LEU A 1 150 ? -3.031  -2.331  -9.830  1.00 25.47 ? 148 LEU A O   1 
ATOM   1134 C CB  . LEU A 1 150 ? -2.755  -1.107  -6.712  1.00 26.03 ? 148 LEU A CB  1 
ATOM   1135 C CG  . LEU A 1 150 ? -1.294  -1.137  -7.148  1.00 31.27 ? 148 LEU A CG  1 
ATOM   1136 C CD1 . LEU A 1 150 ? -1.015  0.029   -8.063  1.00 30.64 ? 148 LEU A CD1 1 
ATOM   1137 C CD2 . LEU A 1 150 ? -0.387  -1.080  -5.929  1.00 35.29 ? 148 LEU A CD2 1 
ATOM   1138 N N   . MET A 1 151 ? -3.797  -3.644  -8.177  1.00 25.87 ? 149 MET A N   1 
ATOM   1139 C CA  . MET A 1 151 ? -3.584  -4.887  -8.906  1.00 27.66 ? 149 MET A CA  1 
ATOM   1140 C C   . MET A 1 151 ? -4.352  -4.937  -10.218 1.00 26.62 ? 149 MET A C   1 
ATOM   1141 O O   . MET A 1 151 ? -3.833  -5.406  -11.229 1.00 29.95 ? 149 MET A O   1 
ATOM   1142 C CB  . MET A 1 151 ? -3.976  -6.082  -8.043  1.00 28.38 ? 149 MET A CB  1 
ATOM   1143 C CG  . MET A 1 151 ? -2.895  -6.520  -7.093  1.00 32.38 ? 149 MET A CG  1 
ATOM   1144 S SD  . MET A 1 151 ? -2.516  -8.263  -7.334  1.00 59.60 ? 149 MET A SD  1 
ATOM   1145 C CE  . MET A 1 151 ? -3.979  -8.986  -6.617  1.00 52.19 ? 149 MET A CE  1 
ATOM   1146 N N   . SER A 1 152 ? -5.590  -4.460  -10.195 1.00 27.47 ? 150 SER A N   1 
ATOM   1147 C CA  . SER A 1 152 ? -6.431  -4.472  -11.386 1.00 33.69 ? 150 SER A CA  1 
ATOM   1148 C C   . SER A 1 152 ? -5.943  -3.495  -12.456 1.00 36.48 ? 150 SER A C   1 
ATOM   1149 O O   . SER A 1 152 ? -6.255  -3.654  -13.637 1.00 32.92 ? 150 SER A O   1 
ATOM   1150 C CB  . SER A 1 152 ? -7.881  -4.148  -11.020 1.00 30.96 ? 150 SER A CB  1 
ATOM   1151 O OG  . SER A 1 152 ? -8.081  -2.746  -10.955 1.00 38.05 ? 150 SER A OG  1 
ATOM   1152 N N   . LEU A 1 153 ? -5.183  -2.482  -12.052 1.00 31.28 ? 151 LEU A N   1 
ATOM   1153 C CA  . LEU A 1 153 ? -4.636  -1.530  -13.017 1.00 30.34 ? 151 LEU A CA  1 
ATOM   1154 C C   . LEU A 1 153 ? -3.281  -1.974  -13.564 1.00 30.56 ? 151 LEU A C   1 
ATOM   1155 O O   . LEU A 1 153 ? -2.800  -1.442  -14.561 1.00 32.60 ? 151 LEU A O   1 
ATOM   1156 C CB  . LEU A 1 153 ? -4.534  -0.128  -12.406 1.00 28.38 ? 151 LEU A CB  1 
ATOM   1157 C CG  . LEU A 1 153 ? -5.847  0.573   -12.080 1.00 29.78 ? 151 LEU A CG  1 
ATOM   1158 C CD1 . LEU A 1 153 ? -5.581  1.770   -11.163 1.00 30.60 ? 151 LEU A CD1 1 
ATOM   1159 C CD2 . LEU A 1 153 ? -6.549  1.015   -13.358 1.00 31.04 ? 151 LEU A CD2 1 
ATOM   1160 N N   . LEU A 1 154 ? -2.661  -2.940  -12.901 1.00 27.52 ? 152 LEU A N   1 
ATOM   1161 C CA  . LEU A 1 154 ? -1.383  -3.467  -13.338 1.00 30.30 ? 152 LEU A CA  1 
ATOM   1162 C C   . LEU A 1 154 ? -1.619  -4.493  -14.420 1.00 35.42 ? 152 LEU A C   1 
ATOM   1163 O O   . LEU A 1 154 ? -0.722  -4.823  -15.187 1.00 35.45 ? 152 LEU A O   1 
ATOM   1164 C CB  . LEU A 1 154 ? -0.672  -4.171  -12.184 1.00 33.29 ? 152 LEU A CB  1 
ATOM   1165 C CG  . LEU A 1 154 ? 0.399   -3.475  -11.361 1.00 39.11 ? 152 LEU A CG  1 
ATOM   1166 C CD1 . LEU A 1 154 ? 0.932   -4.474  -10.348 1.00 33.95 ? 152 LEU A CD1 1 
ATOM   1167 C CD2 . LEU A 1 154 ? 1.524   -2.959  -12.249 1.00 37.44 ? 152 LEU A CD2 1 
ATOM   1168 N N   . HIS A 1 155 ? -2.836  -5.017  -14.450 1.00 34.47 ? 153 HIS A N   1 
ATOM   1169 C CA  . HIS A 1 155 ? -3.134  -6.164  -15.278 1.00 40.70 ? 153 HIS A CA  1 
ATOM   1170 C C   . HIS A 1 155 ? -3.092  -5.802  -16.751 1.00 38.13 ? 153 HIS A C   1 
ATOM   1171 O O   . HIS A 1 155 ? -3.599  -4.756  -17.161 1.00 36.94 ? 153 HIS A O   1 
ATOM   1172 C CB  . HIS A 1 155 ? -4.501  -6.734  -14.913 1.00 42.72 ? 153 HIS A CB  1 
ATOM   1173 C CG  . HIS A 1 155 ? -4.604  -8.207  -15.136 1.00 47.41 ? 153 HIS A CG  1 
ATOM   1174 N ND1 . HIS A 1 155 ? -4.342  -9.127  -14.145 1.00 52.65 ? 153 HIS A ND1 1 
ATOM   1175 C CD2 . HIS A 1 155 ? -4.917  -8.920  -16.243 1.00 50.23 ? 153 HIS A CD2 1 
ATOM   1176 C CE1 . HIS A 1 155 ? -4.501  -10.347 -14.629 1.00 55.34 ? 153 HIS A CE1 1 
ATOM   1177 N NE2 . HIS A 1 155 ? -4.851  -10.249 -15.899 1.00 56.28 ? 153 HIS A NE2 1 
ATOM   1178 N N   . GLU A 1 156 ? -2.464  -6.659  -17.545 1.00 43.67 ? 154 GLU A N   1 
ATOM   1179 C CA  . GLU A 1 156 ? -2.500  -6.477  -18.988 1.00 47.78 ? 154 GLU A CA  1 
ATOM   1180 C C   . GLU A 1 156 ? -3.954  -6.265  -19.406 1.00 41.43 ? 154 GLU A C   1 
ATOM   1181 O O   . GLU A 1 156 ? -4.836  -7.020  -18.992 1.00 42.83 ? 154 GLU A O   1 
ATOM   1182 C CB  . GLU A 1 156 ? -1.914  -7.701  -19.695 1.00 48.93 ? 154 GLU A CB  1 
ATOM   1183 C CG  . GLU A 1 156 ? -1.368  -7.410  -21.088 1.00 51.04 ? 154 GLU A CG  1 
ATOM   1184 C CD  . GLU A 1 156 ? -0.149  -6.492  -21.066 1.00 57.79 ? 154 GLU A CD  1 
ATOM   1185 O OE1 . GLU A 1 156 ? -0.263  -5.339  -20.585 1.00 58.74 ? 154 GLU A OE1 1 
ATOM   1186 O OE2 . GLU A 1 156 ? 0.925   -6.921  -21.538 1.00 59.43 ? 154 GLU A OE2 1 
ATOM   1187 N N   . PRO A 1 157 ? -4.217  -5.217  -20.204 1.00 45.34 ? 155 PRO A N   1 
ATOM   1188 C CA  . PRO A 1 157 ? -5.591  -4.985  -20.668 1.00 46.38 ? 155 PRO A CA  1 
ATOM   1189 C C   . PRO A 1 157 ? -6.067  -6.171  -21.509 1.00 51.53 ? 155 PRO A C   1 
ATOM   1190 O O   . PRO A 1 157 ? -5.252  -6.790  -22.193 1.00 54.51 ? 155 PRO A O   1 
ATOM   1191 C CB  . PRO A 1 157 ? -5.466  -3.721  -21.525 1.00 46.52 ? 155 PRO A CB  1 
ATOM   1192 C CG  . PRO A 1 157 ? -4.021  -3.653  -21.915 1.00 49.00 ? 155 PRO A CG  1 
ATOM   1193 C CD  . PRO A 1 157 ? -3.261  -4.253  -20.771 1.00 48.57 ? 155 PRO A CD  1 
ATOM   1194 N N   . PRO A 1 158 ? -7.368  -6.489  -21.450 1.00 48.04 ? 156 PRO A N   1 
ATOM   1195 C CA  . PRO A 1 158 ? -7.898  -7.719  -22.053 1.00 52.37 ? 156 PRO A CA  1 
ATOM   1196 C C   . PRO A 1 158 ? -7.642  -7.832  -23.557 1.00 47.81 ? 156 PRO A C   1 
ATOM   1197 O O   . PRO A 1 158 ? -7.561  -6.828  -24.270 1.00 44.68 ? 156 PRO A O   1 
ATOM   1198 C CB  . PRO A 1 158 ? -9.404  -7.631  -21.770 1.00 51.66 ? 156 PRO A CB  1 
ATOM   1199 C CG  . PRO A 1 158 ? -9.526  -6.675  -20.617 1.00 53.31 ? 156 PRO A CG  1 
ATOM   1200 C CD  . PRO A 1 158 ? -8.425  -5.681  -20.820 1.00 50.98 ? 156 PRO A CD  1 
ATOM   1201 N N   . GLN A 1 159 ? -7.503  -9.074  -24.012 1.00 51.57 ? 157 GLN A N   1 
ATOM   1202 C CA  . GLN A 1 159 ? -7.321  -9.403  -25.421 1.00 50.43 ? 157 GLN A CA  1 
ATOM   1203 C C   . GLN A 1 159 ? -8.586  -9.036  -26.197 1.00 47.15 ? 157 GLN A C   1 
ATOM   1204 O O   . GLN A 1 159 ? -9.702  -9.316  -25.745 1.00 48.50 ? 157 GLN A O   1 
ATOM   1205 C CB  . GLN A 1 159 ? -7.036  -10.907 -25.556 1.00 46.01 ? 157 GLN A CB  1 
ATOM   1206 C CG  . GLN A 1 159 ? -6.628  -11.396 -26.947 1.00 41.49 ? 157 GLN A CG  1 
ATOM   1207 C CD  . GLN A 1 159 ? -5.127  -11.329 -27.173 1.00 48.38 ? 157 GLN A CD  1 
ATOM   1208 O OE1 . GLN A 1 159 ? -4.556  -10.247 -27.328 1.00 52.57 ? 157 GLN A OE1 1 
ATOM   1209 N NE2 . GLN A 1 159 ? -4.477  -12.493 -27.193 1.00 47.01 ? 157 GLN A NE2 1 
ATOM   1210 N N   . ASP A 1 160 ? -8.412  -8.383  -27.345 1.00 42.73 ? 158 ASP A N   1 
ATOM   1211 C CA  . ASP A 1 160 ? -9.521  -8.129  -28.268 1.00 44.57 ? 158 ASP A CA  1 
ATOM   1212 C C   . ASP A 1 160 ? -9.147  -8.635  -29.657 1.00 40.92 ? 158 ASP A C   1 
ATOM   1213 O O   . ASP A 1 160 ? -8.019  -9.081  -29.876 1.00 41.01 ? 158 ASP A O   1 
ATOM   1214 C CB  . ASP A 1 160 ? -9.902  -6.647  -28.309 1.00 45.21 ? 158 ASP A CB  1 
ATOM   1215 C CG  . ASP A 1 160 ? -10.867 -6.255  -27.192 1.00 63.72 ? 158 ASP A CG  1 
ATOM   1216 O OD1 . ASP A 1 160 ? -11.702 -7.097  -26.783 1.00 56.79 ? 158 ASP A OD1 1 
ATOM   1217 O OD2 . ASP A 1 160 ? -10.793 -5.095  -26.724 1.00 71.16 ? 158 ASP A OD2 1 
ATOM   1218 N N   . GLN A 1 161 ? -10.086 -8.566  -30.594 1.00 35.79 ? 159 GLN A N   1 
ATOM   1219 C CA  . GLN A 1 161 ? -9.903  -9.245  -31.870 1.00 32.62 ? 159 GLN A CA  1 
ATOM   1220 C C   . GLN A 1 161 ? -9.590  -8.298  -33.007 1.00 37.37 ? 159 GLN A C   1 
ATOM   1221 O O   . GLN A 1 161 ? -9.441  -8.726  -34.153 1.00 33.48 ? 159 GLN A O   1 
ATOM   1222 C CB  . GLN A 1 161 ? -11.126 -10.096 -32.186 1.00 30.25 ? 159 GLN A CB  1 
ATOM   1223 C CG  . GLN A 1 161 ? -11.329 -11.165 -31.146 1.00 27.37 ? 159 GLN A CG  1 
ATOM   1224 C CD  . GLN A 1 161 ? -12.755 -11.630 -31.073 1.00 27.96 ? 159 GLN A CD  1 
ATOM   1225 O OE1 . GLN A 1 161 ? -13.685 -10.843 -31.268 1.00 28.52 ? 159 GLN A OE1 1 
ATOM   1226 N NE2 . GLN A 1 161 ? -12.944 -12.913 -30.784 1.00 18.03 ? 159 GLN A NE2 1 
ATOM   1227 N N   . ALA A 1 162 ? -9.477  -7.015  -32.681 1.00 43.29 ? 160 ALA A N   1 
ATOM   1228 C CA  . ALA A 1 162 ? -9.049  -6.016  -33.652 1.00 49.08 ? 160 ALA A CA  1 
ATOM   1229 C C   . ALA A 1 162 ? -7.709  -6.414  -34.269 1.00 48.16 ? 160 ALA A C   1 
ATOM   1230 O O   . ALA A 1 162 ? -6.855  -7.010  -33.600 1.00 48.92 ? 160 ALA A O   1 
ATOM   1231 C CB  . ALA A 1 162 ? -8.948  -4.648  -32.995 1.00 52.76 ? 160 ALA A CB  1 
ATOM   1232 N N   . GLN B 2 1   ? 8.061   7.323   19.740  1.00 30.04 ? 445 GLN B N   1 
ATOM   1233 C CA  . GLN B 2 1   ? 8.855   6.178   19.303  1.00 30.14 ? 445 GLN B CA  1 
ATOM   1234 C C   . GLN B 2 1   ? 9.691   6.536   18.079  1.00 24.40 ? 445 GLN B C   1 
ATOM   1235 O O   . GLN B 2 1   ? 9.468   7.558   17.451  1.00 25.80 ? 445 GLN B O   1 
ATOM   1236 C CB  . GLN B 2 1   ? 7.956   4.960   19.019  1.00 34.25 ? 445 GLN B CB  1 
ATOM   1237 C CG  . GLN B 2 1   ? 6.815   5.236   18.070  1.00 35.37 ? 445 GLN B CG  1 
ATOM   1238 C CD  . GLN B 2 1   ? 5.912   4.018   17.825  1.00 32.63 ? 445 GLN B CD  1 
ATOM   1239 O OE1 . GLN B 2 1   ? 6.360   2.868   17.875  1.00 31.54 ? 445 GLN B OE1 1 
ATOM   1240 N NE2 . GLN B 2 1   ? 4.634   4.280   17.549  1.00 25.82 ? 445 GLN B NE2 1 
ATOM   1241 N N   . VAL B 2 2   ? 10.666  5.695   17.759  1.00 23.44 ? 446 VAL B N   1 
ATOM   1242 C CA  . VAL B 2 2   ? 11.481  5.891   16.573  1.00 24.90 ? 446 VAL B CA  1 
ATOM   1243 C C   . VAL B 2 2   ? 11.073  4.846   15.530  1.00 21.18 ? 446 VAL B C   1 
ATOM   1244 O O   . VAL B 2 2   ? 10.344  3.913   15.857  1.00 20.45 ? 446 VAL B O   1 
ATOM   1245 C CB  . VAL B 2 2   ? 12.979  5.757   16.902  1.00 24.81 ? 446 VAL B CB  1 
ATOM   1246 C CG1 . VAL B 2 2   ? 13.371  6.758   18.002  1.00 32.25 ? 446 VAL B CG1 1 
ATOM   1247 C CG2 . VAL B 2 2   ? 13.319  4.330   17.329  1.00 28.86 ? 446 VAL B CG2 1 
ATOM   1248 N N   . PRO B 2 3   ? 11.522  5.014   14.273  1.00 18.61 ? 447 PRO B N   1 
ATOM   1249 C CA  . PRO B 2 3   ? 11.199  4.001   13.260  1.00 17.25 ? 447 PRO B CA  1 
ATOM   1250 C C   . PRO B 2 3   ? 11.639  2.600   13.696  1.00 20.46 ? 447 PRO B C   1 
ATOM   1251 O O   . PRO B 2 3   ? 12.691  2.429   14.330  1.00 17.68 ? 447 PRO B O   1 
ATOM   1252 C CB  . PRO B 2 3   ? 12.001  4.444   12.045  1.00 16.19 ? 447 PRO B CB  1 
ATOM   1253 C CG  . PRO B 2 3   ? 12.118  5.955   12.208  1.00 20.73 ? 447 PRO B CG  1 
ATOM   1254 C CD  . PRO B 2 3   ? 12.226  6.181   13.700  1.00 20.23 ? 447 PRO B CD  1 
ATOM   1255 N N   . SER B 2 4   ? 10.833  1.605   13.352  1.00 16.11 ? 448 SER B N   1 
ATOM   1256 C CA  . SER B 2 4   ? 11.165  0.214   13.647  1.00 18.54 ? 448 SER B CA  1 
ATOM   1257 C C   . SER B 2 4   ? 10.572  -0.715  12.597  1.00 19.86 ? 448 SER B C   1 
ATOM   1258 O O   . SER B 2 4   ? 9.718   -0.327  11.805  1.00 16.55 ? 448 SER B O   1 
ATOM   1259 C CB  . SER B 2 4   ? 10.673  -0.192  15.031  1.00 19.92 ? 448 SER B CB  1 
ATOM   1260 O OG  . SER B 2 4   ? 9.276   -0.046  15.135  1.00 19.05 ? 448 SER B OG  1 
ATOM   1261 N N   . ASP B 2 5   ? 11.006  -1.960  12.615  1.00 22.85 ? 449 ASP B N   1 
ATOM   1262 C CA  . ASP B 2 5   ? 10.708  -2.847  11.502  1.00 24.44 ? 449 ASP B CA  1 
ATOM   1263 C C   . ASP B 2 5   ? 10.866  -4.257  12.019  1.00 31.71 ? 449 ASP B C   1 
ATOM   1264 O O   . ASP B 2 5   ? 11.990  -4.671  12.310  1.00 34.30 ? 449 ASP B O   1 
ATOM   1265 C CB  . ASP B 2 5   ? 11.722  -2.550  10.393  1.00 28.26 ? 449 ASP B CB  1 
ATOM   1266 C CG  . ASP B 2 5   ? 11.511  -3.380  9.159   1.00 32.20 ? 449 ASP B CG  1 
ATOM   1267 O OD1 . ASP B 2 5   ? 11.969  -2.940  8.082   1.00 36.93 ? 449 ASP B OD1 1 
ATOM   1268 O OD2 . ASP B 2 5   ? 10.897  -4.467  9.258   1.00 35.72 ? 449 ASP B OD2 1 
ATOM   1269 N N   . PRO B 2 6   ? 9.751   -5.001  12.138  1.00 25.53 ? 450 PRO B N   1 
ATOM   1270 C CA  . PRO B 2 6   ? 9.840   -6.329  12.748  1.00 31.20 ? 450 PRO B CA  1 
ATOM   1271 C C   . PRO B 2 6   ? 10.626  -7.315  11.875  1.00 32.21 ? 450 PRO B C   1 
ATOM   1272 O O   . PRO B 2 6   ? 10.880  -8.435  12.302  1.00 40.54 ? 450 PRO B O   1 
ATOM   1273 C CB  . PRO B 2 6   ? 8.370   -6.749  12.866  1.00 25.37 ? 450 PRO B CB  1 
ATOM   1274 C CG  . PRO B 2 6   ? 7.706   -6.056  11.703  1.00 22.16 ? 450 PRO B CG  1 
ATOM   1275 C CD  . PRO B 2 6   ? 8.414   -4.743  11.572  1.00 20.16 ? 450 PRO B CD  1 
ATOM   1276 N N   . TYR B 2 7   ? 11.004  -6.907  10.665  1.00 35.01 ? 451 TYR B N   1 
ATOM   1277 C CA  . TYR B 2 7   ? 11.754  -7.789  9.763   1.00 37.84 ? 451 TYR B CA  1 
ATOM   1278 C C   . TYR B 2 7   ? 13.227  -7.413  9.654   1.00 43.10 ? 451 TYR B C   1 
ATOM   1279 O O   . TYR B 2 7   ? 14.031  -8.186  9.129   1.00 49.76 ? 451 TYR B O   1 
ATOM   1280 C CB  . TYR B 2 7   ? 11.123  -7.819  8.366   1.00 31.63 ? 451 TYR B CB  1 
ATOM   1281 C CG  . TYR B 2 7   ? 9.863   -8.644  8.309   1.00 30.88 ? 451 TYR B CG  1 
ATOM   1282 C CD1 . TYR B 2 7   ? 9.918   -10.023 8.135   1.00 31.42 ? 451 TYR B CD1 1 
ATOM   1283 C CD2 . TYR B 2 7   ? 8.617   -8.046  8.446   1.00 24.17 ? 451 TYR B CD2 1 
ATOM   1284 C CE1 . TYR B 2 7   ? 8.758   -10.791 8.099   1.00 29.51 ? 451 TYR B CE1 1 
ATOM   1285 C CE2 . TYR B 2 7   ? 7.460   -8.791  8.412   1.00 24.53 ? 451 TYR B CE2 1 
ATOM   1286 C CZ  . TYR B 2 7   ? 7.534   -10.166 8.234   1.00 26.93 ? 451 TYR B CZ  1 
ATOM   1287 O OH  . TYR B 2 7   ? 6.372   -10.894 8.202   1.00 25.98 ? 451 TYR B OH  1 
ATOM   1288 N N   . ASN B 2 8   ? 13.580  -6.232  10.152  1.00 41.54 ? 452 ASN B N   1 
ATOM   1289 C CA  . ASN B 2 8   ? 14.932  -5.709  9.985   1.00 45.21 ? 452 ASN B CA  1 
ATOM   1290 C C   . ASN B 2 8   ? 15.395  -4.887  11.186  1.00 46.41 ? 452 ASN B C   1 
ATOM   1291 O O   . ASN B 2 8   ? 15.983  -5.423  12.128  1.00 52.85 ? 452 ASN B O   1 
ATOM   1292 C CB  . ASN B 2 8   ? 15.018  -4.872  8.702   1.00 45.73 ? 452 ASN B CB  1 
ATOM   1293 C CG  . ASN B 2 8   ? 14.549  -5.639  7.469   1.00 50.43 ? 452 ASN B CG  1 
ATOM   1294 O OD1 . ASN B 2 8   ? 14.975  -6.767  7.230   1.00 56.42 ? 452 ASN B OD1 1 
ATOM   1295 N ND2 . ASN B 2 8   ? 13.671  -5.024  6.681   1.00 43.85 ? 452 ASN B ND2 1 
HETATM 1296 O O   . HOH C 3 .   ? -4.007  12.088  9.421   1.00 14.40 ? 161 HOH A O   1 
HETATM 1297 O O   . HOH C 3 .   ? -7.819  -3.787  4.789   1.00 17.03 ? 162 HOH A O   1 
HETATM 1298 O O   . HOH C 3 .   ? -6.448  6.167   12.900  1.00 17.67 ? 163 HOH A O   1 
HETATM 1299 O O   . HOH C 3 .   ? 3.355   9.763   14.756  1.00 18.72 ? 164 HOH A O   1 
HETATM 1300 O O   . HOH C 3 .   ? 12.232  7.036   8.935   1.00 16.67 ? 165 HOH A O   1 
HETATM 1301 O O   . HOH C 3 .   ? 10.490  7.628   5.035   1.00 22.89 ? 166 HOH A O   1 
HETATM 1302 O O   . HOH C 3 .   ? -1.478  8.098   -3.372  1.00 18.42 ? 167 HOH A O   1 
HETATM 1303 O O   . HOH C 3 .   ? 7.741   -6.500  1.565   1.00 21.37 ? 168 HOH A O   1 
HETATM 1304 O O   . HOH C 3 .   ? -1.011  11.352  8.914   1.00 14.64 ? 169 HOH A O   1 
HETATM 1305 O O   . HOH C 3 .   ? -7.900  -8.116  10.682  1.00 19.65 ? 170 HOH A O   1 
HETATM 1306 O O   . HOH C 3 .   ? 8.211   3.003   4.233   1.00 18.56 ? 171 HOH A O   1 
HETATM 1307 O O   . HOH C 3 .   ? 1.907   16.510  2.938   1.00 26.93 ? 172 HOH A O   1 
HETATM 1308 O O   . HOH C 3 .   ? 8.526   -1.566  -1.858  1.00 20.39 ? 173 HOH A O   1 
HETATM 1309 O O   . HOH C 3 .   ? 7.628   -7.805  -1.941  1.00 19.93 ? 174 HOH A O   1 
HETATM 1310 O O   . HOH C 3 .   ? 6.992   -14.772 15.758  1.00 22.87 ? 175 HOH A O   1 
HETATM 1311 O O   . HOH C 3 .   ? 11.752  1.365   9.647   1.00 20.80 ? 176 HOH A O   1 
HETATM 1312 O O   . HOH C 3 .   ? -7.617  4.524   19.051  1.00 37.89 ? 177 HOH A O   1 
HETATM 1313 O O   . HOH C 3 .   ? -9.774  8.137   12.734  1.00 23.64 ? 178 HOH A O   1 
HETATM 1314 O O   . HOH C 3 .   ? 1.967   -7.594  22.707  1.00 22.87 ? 179 HOH A O   1 
HETATM 1315 O O   . HOH C 3 .   ? 1.156   -16.964 11.280  1.00 26.56 ? 180 HOH A O   1 
HETATM 1316 O O   . HOH C 3 .   ? -4.442  9.506   -0.934  1.00 24.80 ? 181 HOH A O   1 
HETATM 1317 O O   . HOH C 3 .   ? -9.528  2.503   18.376  1.00 33.97 ? 182 HOH A O   1 
HETATM 1318 O O   . HOH C 3 .   ? 1.116   11.226  14.698  1.00 31.14 ? 183 HOH A O   1 
HETATM 1319 O O   . HOH C 3 .   ? 5.581   21.342  12.310  1.00 25.94 ? 184 HOH A O   1 
HETATM 1320 O O   . HOH C 3 .   ? 3.966   14.821  13.375  1.00 22.49 ? 185 HOH A O   1 
HETATM 1321 O O   . HOH C 3 .   ? -10.922 -2.314  -4.904  1.00 29.99 ? 186 HOH A O   1 
HETATM 1322 O O   . HOH C 3 .   ? -11.796 0.581   7.187   1.00 27.62 ? 187 HOH A O   1 
HETATM 1323 O O   . HOH C 3 .   ? -3.825  12.896  13.359  1.00 25.68 ? 188 HOH A O   1 
HETATM 1324 O O   . HOH C 3 .   ? 10.113  5.283   3.921   1.00 22.41 ? 189 HOH A O   1 
HETATM 1325 O O   . HOH C 3 .   ? 7.074   7.079   -0.006  1.00 24.64 ? 190 HOH A O   1 
HETATM 1326 O O   . HOH C 3 .   ? 13.847  -0.086  8.119   1.00 40.55 ? 191 HOH A O   1 
HETATM 1327 O O   . HOH C 3 .   ? 13.882  8.979   10.315  1.00 24.11 ? 192 HOH A O   1 
HETATM 1328 O O   . HOH C 3 .   ? 11.990  -0.713  -5.304  1.00 32.73 ? 193 HOH A O   1 
HETATM 1329 O O   . HOH C 3 .   ? -17.634 -2.071  1.958   1.00 27.49 ? 194 HOH A O   1 
HETATM 1330 O O   . HOH C 3 .   ? -9.888  -5.043  6.119   1.00 26.20 ? 195 HOH A O   1 
HETATM 1331 O O   . HOH C 3 .   ? -4.609  11.065  3.192   1.00 21.03 ? 196 HOH A O   1 
HETATM 1332 O O   . HOH C 3 .   ? 11.949  15.689  7.772   1.00 28.89 ? 197 HOH A O   1 
HETATM 1333 O O   . HOH C 3 .   ? 3.045   -5.415  21.809  1.00 33.66 ? 198 HOH A O   1 
HETATM 1334 O O   . HOH C 3 .   ? 12.249  -0.720  0.991   1.00 36.44 ? 199 HOH A O   1 
HETATM 1335 O O   . HOH C 3 .   ? -3.502  9.916   -3.557  1.00 35.73 ? 200 HOH A O   1 
HETATM 1336 O O   . HOH C 3 .   ? 13.718  0.525   11.164  1.00 34.19 ? 201 HOH A O   1 
HETATM 1337 O O   . HOH C 3 .   ? -12.332 -5.981  1.502   1.00 37.10 ? 202 HOH A O   1 
HETATM 1338 O O   . HOH C 3 .   ? -15.330 4.062   9.250   1.00 34.99 ? 203 HOH A O   1 
HETATM 1339 O O   . HOH C 3 .   ? -0.490  13.277  1.711   1.00 31.99 ? 204 HOH A O   1 
HETATM 1340 O O   . HOH C 3 .   ? -4.045  12.824  5.198   1.00 30.75 ? 205 HOH A O   1 
HETATM 1341 O O   . HOH C 3 .   ? -4.087  11.818  0.658   1.00 35.21 ? 206 HOH A O   1 
HETATM 1342 O O   . HOH C 3 .   ? -3.432  -15.722 5.064   1.00 31.62 ? 207 HOH A O   1 
HETATM 1343 O O   . HOH C 3 .   ? 9.900   6.246   1.273   1.00 31.69 ? 208 HOH A O   1 
HETATM 1344 O O   . HOH C 3 .   ? 4.949   -14.887 20.841  1.00 31.11 ? 209 HOH A O   1 
HETATM 1345 O O   . HOH C 3 .   ? -2.256  13.028  -0.693  1.00 35.91 ? 210 HOH A O   1 
HETATM 1346 O O   . HOH C 3 .   ? -16.911 6.683   -3.027  1.00 32.91 ? 211 HOH A O   1 
HETATM 1347 O O   . HOH C 3 .   ? -19.652 -1.794  0.093   1.00 37.79 ? 212 HOH A O   1 
HETATM 1348 O O   . HOH C 3 .   ? 1.068   13.007  -0.058  1.00 32.33 ? 213 HOH A O   1 
HETATM 1349 O O   . HOH C 3 .   ? -12.200 -6.343  -1.089  1.00 40.04 ? 214 HOH A O   1 
HETATM 1350 O O   . HOH C 3 .   ? 11.704  -6.631  4.220   1.00 35.53 ? 215 HOH A O   1 
HETATM 1351 O O   . HOH C 3 .   ? -0.639  10.655  16.506  1.00 34.78 ? 216 HOH A O   1 
HETATM 1352 O O   . HOH C 3 .   ? 1.214   20.172  5.283   0.50 30.32 ? 217 HOH A O   1 
HETATM 1353 O O   . HOH C 3 .   ? 16.090  12.904  9.825   1.00 41.53 ? 218 HOH A O   1 
HETATM 1354 O O   . HOH C 3 .   ? 11.148  5.841   -3.464  1.00 39.68 ? 219 HOH A O   1 
HETATM 1355 O O   . HOH C 3 .   ? 8.069   -10.091 -3.484  1.00 38.50 ? 220 HOH A O   1 
HETATM 1356 O O   . HOH C 3 .   ? -12.243 6.570   12.792  1.00 32.48 ? 221 HOH A O   1 
HETATM 1357 O O   . HOH C 3 .   ? 1.568   17.081  9.897   0.50 26.15 ? 222 HOH A O   1 
HETATM 1358 O O   . HOH C 3 .   ? 1.734   15.636  12.055  0.50 30.20 ? 223 HOH A O   1 
HETATM 1359 O O   . HOH C 3 .   ? -7.751  -6.727  -8.136  1.00 36.45 ? 224 HOH A O   1 
HETATM 1360 O O   . HOH C 3 .   ? 7.184   -5.637  19.524  1.00 38.84 ? 225 HOH A O   1 
HETATM 1361 O O   . HOH C 3 .   ? 7.085   -8.117  18.475  1.00 34.15 ? 226 HOH A O   1 
HETATM 1362 O O   . HOH C 3 .   ? 13.737  9.133   12.969  1.00 37.47 ? 227 HOH A O   1 
HETATM 1363 O O   . HOH C 3 .   ? 1.014   10.796  18.860  1.00 41.35 ? 228 HOH A O   1 
HETATM 1364 O O   . HOH C 3 .   ? 10.776  11.954  6.179   1.00 27.23 ? 229 HOH A O   1 
HETATM 1365 O O   . HOH C 3 .   ? -6.289  13.131  2.747   1.00 40.22 ? 230 HOH A O   1 
HETATM 1366 O O   . HOH C 3 .   ? 1.147   -10.101 -2.457  1.00 26.88 ? 231 HOH A O   1 
HETATM 1367 O O   . HOH C 3 .   ? 1.428   -9.936  -5.114  1.00 36.55 ? 232 HOH A O   1 
HETATM 1368 O O   . HOH C 3 .   ? -8.881  -11.392 -28.810 1.00 37.73 ? 233 HOH A O   1 
HETATM 1369 O O   . HOH C 3 .   ? 5.367   11.602  14.791  1.00 27.11 ? 234 HOH A O   1 
HETATM 1370 O O   . HOH C 3 .   ? 8.251   13.610  1.935   1.00 36.81 ? 235 HOH A O   1 
HETATM 1371 O O   . HOH C 3 .   ? 2.375   8.744   -15.753 1.00 44.95 ? 236 HOH A O   1 
HETATM 1372 O O   . HOH C 3 .   ? 9.329   -3.924  -3.070  1.00 23.96 ? 237 HOH A O   1 
HETATM 1373 O O   . HOH C 3 .   ? -5.404  15.137  4.876   1.00 27.97 ? 238 HOH A O   1 
HETATM 1374 O O   . HOH C 3 .   ? 3.772   -17.330 10.468  1.00 37.56 ? 239 HOH A O   1 
HETATM 1375 O O   . HOH C 3 .   ? -11.294 -1.851  23.586  1.00 31.71 ? 240 HOH A O   1 
HETATM 1376 O O   . HOH C 3 .   ? -13.194 -8.057  -30.304 1.00 36.12 ? 241 HOH A O   1 
HETATM 1377 O O   . HOH C 3 .   ? -11.447 11.295  3.424   1.00 38.34 ? 242 HOH A O   1 
HETATM 1378 O O   . HOH C 3 .   ? 5.178   -7.942  23.095  1.00 39.92 ? 243 HOH A O   1 
HETATM 1379 O O   . HOH C 3 .   ? 5.715   -5.620  21.810  1.00 42.71 ? 244 HOH A O   1 
HETATM 1380 O O   . HOH C 3 .   ? 13.787  11.566  9.725   1.00 34.35 ? 245 HOH A O   1 
HETATM 1381 O O   . HOH C 3 .   ? 11.285  18.939  7.946   1.00 34.85 ? 246 HOH A O   1 
HETATM 1382 O O   . HOH C 3 .   ? -13.001 11.297  1.324   1.00 40.29 ? 247 HOH A O   1 
HETATM 1383 O O   . HOH C 3 .   ? -12.371 -5.009  -4.650  1.00 46.28 ? 248 HOH A O   1 
HETATM 1384 O O   . HOH C 3 .   ? 14.476  4.891   9.413   1.00 42.03 ? 249 HOH A O   1 
HETATM 1385 O O   . HOH C 3 .   ? 12.637  13.650  11.501  1.00 40.82 ? 250 HOH A O   1 
HETATM 1386 O O   . HOH C 3 .   ? -0.470  -13.141 -1.691  1.00 36.80 ? 251 HOH A O   1 
HETATM 1387 O O   . HOH C 3 .   ? 11.797  -2.893  -4.014  1.00 34.91 ? 252 HOH A O   1 
HETATM 1388 O O   . HOH C 3 .   ? -11.416 6.363   17.207  1.00 42.68 ? 253 HOH A O   1 
HETATM 1389 O O   . HOH C 3 .   ? 0.890   9.128   21.577  1.00 42.34 ? 254 HOH A O   1 
HETATM 1390 O O   . HOH C 3 .   ? -11.885 8.704   -8.462  1.00 37.81 ? 255 HOH A O   1 
HETATM 1391 O O   . HOH C 3 .   ? -12.494 3.601   -7.537  1.00 40.21 ? 256 HOH A O   1 
HETATM 1392 O O   . HOH C 3 .   ? 7.081   -9.835  20.541  1.00 41.55 ? 257 HOH A O   1 
HETATM 1393 O O   . HOH C 3 .   ? 1.188   -14.952 -2.903  1.00 47.13 ? 258 HOH A O   1 
HETATM 1394 O O   . HOH C 3 .   ? -14.441 6.208   10.686  1.00 40.69 ? 259 HOH A O   1 
HETATM 1395 O O   . HOH C 3 .   ? -6.086  9.779   -6.002  1.00 36.93 ? 260 HOH A O   1 
HETATM 1396 O O   . HOH C 3 .   ? -1.164  -9.168  -16.430 1.00 44.85 ? 261 HOH A O   1 
HETATM 1397 O O   . HOH C 3 .   ? 15.803  4.469   7.247   1.00 38.29 ? 262 HOH A O   1 
HETATM 1398 O O   . HOH C 3 .   ? -4.226  -14.594 -19.449 1.00 44.55 ? 263 HOH A O   1 
HETATM 1399 O O   . HOH C 3 .   ? -12.493 -2.163  8.660   1.00 39.63 ? 264 HOH A O   1 
HETATM 1400 O O   . HOH C 3 .   ? 8.490   18.764  2.510   1.00 40.87 ? 265 HOH A O   1 
HETATM 1401 O O   . HOH C 3 .   ? 1.394   18.596  7.636   0.50 24.66 ? 266 HOH A O   1 
HETATM 1402 O O   . HOH C 3 .   ? -1.430  -19.476 10.036  0.50 42.28 ? 267 HOH A O   1 
HETATM 1403 O O   . HOH C 3 .   ? -6.391  11.262  -1.717  1.00 39.86 ? 268 HOH A O   1 
HETATM 1404 O O   . HOH C 3 .   ? -11.955 -3.790  -6.753  1.00 48.11 ? 269 HOH A O   1 
HETATM 1405 O O   . HOH C 3 .   ? -7.252  9.998   -9.849  1.00 42.20 ? 270 HOH A O   1 
HETATM 1406 O O   . HOH C 3 .   ? -5.483  2.130   22.455  1.00 45.28 ? 271 HOH A O   1 
HETATM 1407 O O   . HOH C 3 .   ? 3.649   14.560  -12.850 1.00 50.79 ? 272 HOH A O   1 
HETATM 1408 O O   . HOH C 3 .   ? 10.926  -4.865  16.615  1.00 45.27 ? 273 HOH A O   1 
HETATM 1409 O O   . HOH C 3 .   ? -6.664  -9.202  -5.959  1.00 44.93 ? 274 HOH A O   1 
HETATM 1410 O O   . HOH C 3 .   ? -4.559  4.071   19.047  1.00 35.05 ? 275 HOH A O   1 
HETATM 1411 O O   . HOH C 3 .   ? 5.916   21.700  0.042   1.00 44.42 ? 276 HOH A O   1 
HETATM 1412 O O   . HOH C 3 .   ? -7.095  -9.971  -3.656  1.00 45.48 ? 277 HOH A O   1 
HETATM 1413 O O   . HOH C 3 .   ? 9.677   -4.193  18.885  1.00 49.75 ? 278 HOH A O   1 
HETATM 1414 O O   . HOH C 3 .   ? -8.154  -16.641 4.833   1.00 42.01 ? 279 HOH A O   1 
HETATM 1415 O O   . HOH C 3 .   ? 6.162   2.336   23.000  1.00 50.27 ? 280 HOH A O   1 
HETATM 1416 O O   . HOH C 3 .   ? -0.085  13.008  20.168  1.00 38.35 ? 281 HOH A O   1 
HETATM 1417 O O   . HOH C 3 .   ? 9.935   -6.028  -1.152  1.00 44.08 ? 282 HOH A O   1 
HETATM 1418 O O   . HOH C 3 .   ? 11.414  5.807   -0.926  1.00 47.47 ? 283 HOH A O   1 
HETATM 1419 O O   . HOH C 3 .   ? 3.813   -11.699 -5.362  1.00 42.59 ? 284 HOH A O   1 
HETATM 1420 O O   . HOH C 3 .   ? -21.319 5.053   2.222   1.00 34.20 ? 285 HOH A O   1 
HETATM 1421 O O   . HOH C 3 .   ? -0.055  12.833  22.585  1.00 40.88 ? 286 HOH A O   1 
HETATM 1422 O O   . HOH C 3 .   ? 6.853   -5.479  -14.568 1.00 41.41 ? 287 HOH A O   1 
HETATM 1423 O O   . HOH C 3 .   ? -11.947 -9.233  -1.470  1.00 49.57 ? 288 HOH A O   1 
HETATM 1424 O O   . HOH C 3 .   ? 12.148  -3.019  0.005   1.00 44.63 ? 289 HOH A O   1 
HETATM 1425 O O   . HOH C 3 .   ? 6.661   -12.574 19.598  1.00 38.91 ? 290 HOH A O   1 
HETATM 1426 O O   . HOH C 3 .   ? 8.786   11.589  3.501   1.00 26.54 ? 291 HOH A O   1 
HETATM 1427 O O   . HOH C 3 .   ? 12.538  18.634  10.937  1.00 41.96 ? 292 HOH A O   1 
HETATM 1428 O O   . HOH C 3 .   ? 13.007  15.956  10.465  1.00 46.71 ? 293 HOH A O   1 
HETATM 1429 O O   . HOH C 3 .   ? -13.046 7.302   15.394  1.00 47.55 ? 294 HOH A O   1 
HETATM 1430 O O   . HOH C 3 .   ? 0.651   16.316  0.659   1.00 43.89 ? 295 HOH A O   1 
HETATM 1431 O O   . HOH C 3 .   ? 17.553  2.635   6.513   1.00 47.77 ? 296 HOH A O   1 
HETATM 1432 O O   . HOH C 3 .   ? 12.833  -6.569  17.586  0.50 55.58 ? 297 HOH A O   1 
HETATM 1433 O O   . HOH C 3 .   ? -9.382  -11.031 5.321   1.00 47.80 ? 298 HOH A O   1 
HETATM 1434 O O   . HOH D 3 .   ? 8.221   2.306   15.791  1.00 17.39 ? 19  HOH B O   1 
HETATM 1435 O O   . HOH D 3 .   ? 9.266   -4.828  7.562   1.00 23.95 ? 38  HOH B O   1 
HETATM 1436 O O   . HOH D 3 .   ? 15.118  3.673   14.264  1.00 31.16 ? 58  HOH B O   1 
HETATM 1437 O O   . HOH D 3 .   ? 12.261  -2.358  5.616   1.00 31.15 ? 66  HOH B O   1 
HETATM 1438 O O   . HOH D 3 .   ? 10.138  8.290   20.457  1.00 30.36 ? 74  HOH B O   1 
HETATM 1439 O O   . HOH D 3 .   ? 8.012   9.472   21.022  1.00 43.32 ? 94  HOH B O   1 
HETATM 1440 O O   . HOH D 3 .   ? 8.669   11.613  21.614  1.00 41.10 ? 102 HOH B O   1 
HETATM 1441 O O   . HOH D 3 .   ? 14.066  -6.466  13.623  1.00 50.96 ? 126 HOH B O   1 
HETATM 1442 O O   . HOH D 3 .   ? 10.884  3.688   19.947  1.00 41.71 ? 127 HOH B O   1 
HETATM 1443 O O   . HOH D 3 .   ? 5.398   4.994   22.575  1.00 44.26 ? 129 HOH B O   1 
HETATM 1444 O O   . HOH D 3 .   ? 11.068  1.540   18.641  1.00 44.09 ? 137 HOH B O   1 
HETATM 1445 O O   . HOH D 3 .   ? 13.488  -2.323  14.296  1.00 36.62 ? 141 HOH B O   1 
HETATM 1446 O O   . HOH D 3 .   ? 10.124  -9.068  14.467  1.00 45.93 ? 142 HOH B O   1 
# 
loop_
_pdbx_poly_seq_scheme.asym_id 
_pdbx_poly_seq_scheme.entity_id 
_pdbx_poly_seq_scheme.seq_id 
_pdbx_poly_seq_scheme.mon_id 
_pdbx_poly_seq_scheme.ndb_seq_num 
_pdbx_poly_seq_scheme.pdb_seq_num 
_pdbx_poly_seq_scheme.auth_seq_num 
_pdbx_poly_seq_scheme.pdb_mon_id 
_pdbx_poly_seq_scheme.auth_mon_id 
_pdbx_poly_seq_scheme.pdb_strand_id 
_pdbx_poly_seq_scheme.pdb_ins_code 
_pdbx_poly_seq_scheme.hetero 
A 1 1   GLY 1   -1  ?   ?   ?   A . n 
A 1 2   ALA 2   0   ?   ?   ?   A . n 
A 1 3   MET 3   1   ?   ?   ?   A . n 
A 1 4   SER 4   2   ?   ?   ?   A . n 
A 1 5   ALA 5   3   ?   ?   ?   A . n 
A 1 6   ASN 6   4   ?   ?   ?   A . n 
A 1 7   GLY 7   5   5   GLY GLY A . n 
A 1 8   LYS 8   6   6   LYS LYS A . n 
A 1 9   ILE 9   7   7   ILE ILE A . n 
A 1 10  SER 10  8   8   SER SER A . n 
A 1 11  VAL 11  9   9   VAL VAL A . n 
A 1 12  PRO 12  10  10  PRO PRO A . n 
A 1 13  GLU 13  11  11  GLU GLU A . n 
A 1 14  ALA 14  12  12  ALA ALA A . n 
A 1 15  VAL 15  13  13  VAL VAL A . n 
A 1 16  VAL 16  14  14  VAL VAL A . n 
A 1 17  ASN 17  15  15  ASN ASN A . n 
A 1 18  TRP 18  16  16  TRP TRP A . n 
A 1 19  LEU 19  17  17  LEU LEU A . n 
A 1 20  PHE 20  18  18  PHE PHE A . n 
A 1 21  LYS 21  19  19  LYS LYS A . n 
A 1 22  VAL 22  20  20  VAL VAL A . n 
A 1 23  ILE 23  21  21  ILE ILE A . n 
A 1 24  GLN 24  22  22  GLN GLN A . n 
A 1 25  PRO 25  23  23  PRO PRO A . n 
A 1 26  ILE 26  24  24  ILE ILE A . n 
A 1 27  TYR 27  25  25  TYR TYR A . n 
A 1 28  ASN 28  26  26  ASN ASN A . n 
A 1 29  ASP 29  27  27  ASP ASP A . n 
A 1 30  GLY 30  28  28  GLY GLY A . n 
A 1 31  ARG 31  29  29  ARG ARG A . n 
A 1 32  THR 32  30  30  THR THR A . n 
A 1 33  THR 33  31  31  THR THR A . n 
A 1 34  PHE 34  32  32  PHE PHE A . n 
A 1 35  HIS 35  33  33  HIS HIS A . n 
A 1 36  ASP 36  34  34  ASP ASP A . n 
A 1 37  SER 37  35  35  SER SER A . n 
A 1 38  LEU 38  36  36  LEU LEU A . n 
A 1 39  ALA 39  37  37  ALA ALA A . n 
A 1 40  LEU 40  38  38  LEU LEU A . n 
A 1 41  LEU 41  39  39  LEU LEU A . n 
A 1 42  ASP 42  40  40  ASP ASP A . n 
A 1 43  ASN 43  41  41  ASN ASN A . n 
A 1 44  PHE 44  42  42  PHE PHE A . n 
A 1 45  HIS 45  43  43  HIS HIS A . n 
A 1 46  SER 46  44  44  SER SER A . n 
A 1 47  LEU 47  45  45  LEU LEU A . n 
A 1 48  ARG 48  46  46  ARG ARG A . n 
A 1 49  PRO 49  47  47  PRO PRO A . n 
A 1 50  ARG 50  48  48  ARG ARG A . n 
A 1 51  THR 51  49  49  THR THR A . n 
A 1 52  ARG 52  50  50  ARG ARG A . n 
A 1 53  VAL 53  51  51  VAL VAL A . n 
A 1 54  PHE 54  52  52  PHE PHE A . n 
A 1 55  THR 55  53  53  THR THR A . n 
A 1 56  HIS 56  54  54  HIS HIS A . n 
A 1 57  SER 57  55  55  SER SER A . n 
A 1 58  ASP 58  56  56  ASP ASP A . n 
A 1 59  GLY 59  57  57  GLY GLY A . n 
A 1 60  THR 60  58  58  THR THR A . n 
A 1 61  PRO 61  59  59  PRO PRO A . n 
A 1 62  GLN 62  60  60  GLN GLN A . n 
A 1 63  LEU 63  61  61  LEU LEU A . n 
A 1 64  LEU 64  62  62  LEU LEU A . n 
A 1 65  LEU 65  63  63  LEU LEU A . n 
A 1 66  SER 66  64  64  SER SER A . n 
A 1 67  ILE 67  65  65  ILE ILE A . n 
A 1 68  TYR 68  66  66  TYR TYR A . n 
A 1 69  GLY 69  67  67  GLY GLY A . n 
A 1 70  THR 70  68  68  THR THR A . n 
A 1 71  ILE 71  69  69  ILE ILE A . n 
A 1 72  SER 72  70  70  SER SER A . n 
A 1 73  THR 73  71  71  THR THR A . n 
A 1 74  GLY 74  72  72  GLY GLY A . n 
A 1 75  GLU 75  73  73  GLU GLU A . n 
A 1 76  ASP 76  74  74  ASP ASP A . n 
A 1 77  GLY 77  75  75  GLY GLY A . n 
A 1 78  SER 78  76  76  SER SER A . n 
A 1 79  SER 79  77  77  SER SER A . n 
A 1 80  PRO 80  78  78  PRO PRO A . n 
A 1 81  HIS 81  79  79  HIS HIS A . n 
A 1 82  SER 82  80  80  SER SER A . n 
A 1 83  ILE 83  81  81  ILE ILE A . n 
A 1 84  PRO 84  82  82  PRO PRO A . n 
A 1 85  VAL 85  83  83  VAL VAL A . n 
A 1 86  ILE 86  84  84  ILE ILE A . n 
A 1 87  MET 87  85  85  MET MET A . n 
A 1 88  TRP 88  86  86  TRP TRP A . n 
A 1 89  VAL 89  87  87  VAL VAL A . n 
A 1 90  PRO 90  88  88  PRO PRO A . n 
A 1 91  SER 91  89  89  SER SER A . n 
A 1 92  MET 92  90  90  MET MET A . n 
A 1 93  TYR 93  91  91  TYR TYR A . n 
A 1 94  PRO 94  92  92  PRO PRO A . n 
A 1 95  VAL 95  93  93  VAL VAL A . n 
A 1 96  LYS 96  94  94  LYS LYS A . n 
A 1 97  PRO 97  95  95  PRO PRO A . n 
A 1 98  PRO 98  96  96  PRO PRO A . n 
A 1 99  PHE 99  97  97  PHE PHE A . n 
A 1 100 ILE 100 98  98  ILE ILE A . n 
A 1 101 SER 101 99  99  SER SER A . n 
A 1 102 ILE 102 100 100 ILE ILE A . n 
A 1 103 ASN 103 101 101 ASN ASN A . n 
A 1 104 LEU 104 102 102 LEU LEU A . n 
A 1 105 GLU 105 103 103 GLU GLU A . n 
A 1 106 ASN 106 104 104 ASN ASN A . n 
A 1 107 PHE 107 105 105 PHE PHE A . n 
A 1 108 ASP 108 106 106 ASP ASP A . n 
A 1 109 MET 109 107 107 MET MET A . n 
A 1 110 ASN 110 108 108 ASN ASN A . n 
A 1 111 THR 111 109 109 THR THR A . n 
A 1 112 ILE 112 110 110 ILE ILE A . n 
A 1 113 SER 113 111 111 SER SER A . n 
A 1 114 SER 114 112 112 SER SER A . n 
A 1 115 SER 115 113 113 SER SER A . n 
A 1 116 LEU 116 114 114 LEU LEU A . n 
A 1 117 PRO 117 115 115 PRO PRO A . n 
A 1 118 ILE 118 116 116 ILE ILE A . n 
A 1 119 GLN 119 117 117 GLN GLN A . n 
A 1 120 GLU 120 118 118 GLU GLU A . n 
A 1 121 TYR 121 119 119 TYR TYR A . n 
A 1 122 ILE 122 120 120 ILE ILE A . n 
A 1 123 ASP 123 121 121 ASP ASP A . n 
A 1 124 SER 124 122 122 SER SER A . n 
A 1 125 ASN 125 123 123 ASN ASN A . n 
A 1 126 GLY 126 124 124 GLY GLY A . n 
A 1 127 TRP 127 125 125 TRP TRP A . n 
A 1 128 ILE 128 126 126 ILE ILE A . n 
A 1 129 ALA 129 127 127 ALA ALA A . n 
A 1 130 LEU 130 128 128 LEU LEU A . n 
A 1 131 PRO 131 129 129 PRO PRO A . n 
A 1 132 ILE 132 130 130 ILE ILE A . n 
A 1 133 LEU 133 131 131 LEU LEU A . n 
A 1 134 HIS 134 132 132 HIS HIS A . n 
A 1 135 ALA 135 133 133 ALA ALA A . n 
A 1 136 TRP 136 134 134 TRP TRP A . n 
A 1 137 ASP 137 135 135 ASP ASP A . n 
A 1 138 PRO 138 136 136 PRO PRO A . n 
A 1 139 ALA 139 137 137 ALA ALA A . n 
A 1 140 ALA 140 138 138 ALA ALA A . n 
A 1 141 MET 141 139 139 MET MET A . n 
A 1 142 ASN 142 140 140 ASN ASN A . n 
A 1 143 LEU 143 141 141 LEU LEU A . n 
A 1 144 ILE 144 142 142 ILE ILE A . n 
A 1 145 MET 145 143 143 MET MET A . n 
A 1 146 VAL 146 144 144 VAL VAL A . n 
A 1 147 VAL 147 145 145 VAL VAL A . n 
A 1 148 GLN 148 146 146 GLN GLN A . n 
A 1 149 GLU 149 147 147 GLU GLU A . n 
A 1 150 LEU 150 148 148 LEU LEU A . n 
A 1 151 MET 151 149 149 MET MET A . n 
A 1 152 SER 152 150 150 SER SER A . n 
A 1 153 LEU 153 151 151 LEU LEU A . n 
A 1 154 LEU 154 152 152 LEU LEU A . n 
A 1 155 HIS 155 153 153 HIS HIS A . n 
A 1 156 GLU 156 154 154 GLU GLU A . n 
A 1 157 PRO 157 155 155 PRO PRO A . n 
A 1 158 PRO 158 156 156 PRO PRO A . n 
A 1 159 GLN 159 157 157 GLN GLN A . n 
A 1 160 ASP 160 158 158 ASP ASP A . n 
A 1 161 GLN 161 159 159 GLN GLN A . n 
A 1 162 ALA 162 160 160 ALA ALA A . n 
B 2 1   GLN 1   445 445 GLN GLN B . n 
B 2 2   VAL 2   446 446 VAL VAL B . n 
B 2 3   PRO 3   447 447 PRO PRO B . n 
B 2 4   SER 4   448 448 SER SER B . n 
B 2 5   ASP 5   449 449 ASP ASP B . n 
B 2 6   PRO 6   450 450 PRO PRO B . n 
B 2 7   TYR 7   451 451 TYR TYR B . n 
B 2 8   ASN 8   452 452 ASN ASN B . n 
B 2 9   TYR 9   453 ?   ?   ?   B . n 
# 
loop_
_pdbx_nonpoly_scheme.asym_id 
_pdbx_nonpoly_scheme.entity_id 
_pdbx_nonpoly_scheme.mon_id 
_pdbx_nonpoly_scheme.ndb_seq_num 
_pdbx_nonpoly_scheme.pdb_seq_num 
_pdbx_nonpoly_scheme.auth_seq_num 
_pdbx_nonpoly_scheme.pdb_mon_id 
_pdbx_nonpoly_scheme.auth_mon_id 
_pdbx_nonpoly_scheme.pdb_strand_id 
_pdbx_nonpoly_scheme.pdb_ins_code 
C 3 HOH 1   161 1   HOH HOH A . 
C 3 HOH 2   162 2   HOH HOH A . 
C 3 HOH 3   163 3   HOH HOH A . 
C 3 HOH 4   164 4   HOH HOH A . 
C 3 HOH 5   165 5   HOH HOH A . 
C 3 HOH 6   166 6   HOH HOH A . 
C 3 HOH 7   167 7   HOH HOH A . 
C 3 HOH 8   168 8   HOH HOH A . 
C 3 HOH 9   169 9   HOH HOH A . 
C 3 HOH 10  170 10  HOH HOH A . 
C 3 HOH 11  171 11  HOH HOH A . 
C 3 HOH 12  172 12  HOH HOH A . 
C 3 HOH 13  173 13  HOH HOH A . 
C 3 HOH 14  174 14  HOH HOH A . 
C 3 HOH 15  175 15  HOH HOH A . 
C 3 HOH 16  176 16  HOH HOH A . 
C 3 HOH 17  177 17  HOH HOH A . 
C 3 HOH 18  178 18  HOH HOH A . 
C 3 HOH 19  179 20  HOH HOH A . 
C 3 HOH 20  180 21  HOH HOH A . 
C 3 HOH 21  181 22  HOH HOH A . 
C 3 HOH 22  182 23  HOH HOH A . 
C 3 HOH 23  183 24  HOH HOH A . 
C 3 HOH 24  184 25  HOH HOH A . 
C 3 HOH 25  185 26  HOH HOH A . 
C 3 HOH 26  186 27  HOH HOH A . 
C 3 HOH 27  187 28  HOH HOH A . 
C 3 HOH 28  188 29  HOH HOH A . 
C 3 HOH 29  189 30  HOH HOH A . 
C 3 HOH 30  190 31  HOH HOH A . 
C 3 HOH 31  191 32  HOH HOH A . 
C 3 HOH 32  192 33  HOH HOH A . 
C 3 HOH 33  193 34  HOH HOH A . 
C 3 HOH 34  194 35  HOH HOH A . 
C 3 HOH 35  195 36  HOH HOH A . 
C 3 HOH 36  196 37  HOH HOH A . 
C 3 HOH 37  197 39  HOH HOH A . 
C 3 HOH 38  198 40  HOH HOH A . 
C 3 HOH 39  199 41  HOH HOH A . 
C 3 HOH 40  200 42  HOH HOH A . 
C 3 HOH 41  201 43  HOH HOH A . 
C 3 HOH 42  202 44  HOH HOH A . 
C 3 HOH 43  203 45  HOH HOH A . 
C 3 HOH 44  204 46  HOH HOH A . 
C 3 HOH 45  205 47  HOH HOH A . 
C 3 HOH 46  206 48  HOH HOH A . 
C 3 HOH 47  207 49  HOH HOH A . 
C 3 HOH 48  208 50  HOH HOH A . 
C 3 HOH 49  209 51  HOH HOH A . 
C 3 HOH 50  210 52  HOH HOH A . 
C 3 HOH 51  211 53  HOH HOH A . 
C 3 HOH 52  212 54  HOH HOH A . 
C 3 HOH 53  213 55  HOH HOH A . 
C 3 HOH 54  214 56  HOH HOH A . 
C 3 HOH 55  215 57  HOH HOH A . 
C 3 HOH 56  216 59  HOH HOH A . 
C 3 HOH 57  217 60  HOH HOH A . 
C 3 HOH 58  218 61  HOH HOH A . 
C 3 HOH 59  219 62  HOH HOH A . 
C 3 HOH 60  220 63  HOH HOH A . 
C 3 HOH 61  221 64  HOH HOH A . 
C 3 HOH 62  222 65  HOH HOH A . 
C 3 HOH 63  223 67  HOH HOH A . 
C 3 HOH 64  224 68  HOH HOH A . 
C 3 HOH 65  225 69  HOH HOH A . 
C 3 HOH 66  226 70  HOH HOH A . 
C 3 HOH 67  227 71  HOH HOH A . 
C 3 HOH 68  228 72  HOH HOH A . 
C 3 HOH 69  229 73  HOH HOH A . 
C 3 HOH 70  230 75  HOH HOH A . 
C 3 HOH 71  231 76  HOH HOH A . 
C 3 HOH 72  232 77  HOH HOH A . 
C 3 HOH 73  233 78  HOH HOH A . 
C 3 HOH 74  234 79  HOH HOH A . 
C 3 HOH 75  235 80  HOH HOH A . 
C 3 HOH 76  236 81  HOH HOH A . 
C 3 HOH 77  237 82  HOH HOH A . 
C 3 HOH 78  238 83  HOH HOH A . 
C 3 HOH 79  239 84  HOH HOH A . 
C 3 HOH 80  240 85  HOH HOH A . 
C 3 HOH 81  241 86  HOH HOH A . 
C 3 HOH 82  242 87  HOH HOH A . 
C 3 HOH 83  243 88  HOH HOH A . 
C 3 HOH 84  244 89  HOH HOH A . 
C 3 HOH 85  245 90  HOH HOH A . 
C 3 HOH 86  246 91  HOH HOH A . 
C 3 HOH 87  247 92  HOH HOH A . 
C 3 HOH 88  248 93  HOH HOH A . 
C 3 HOH 89  249 95  HOH HOH A . 
C 3 HOH 90  250 96  HOH HOH A . 
C 3 HOH 91  251 97  HOH HOH A . 
C 3 HOH 92  252 98  HOH HOH A . 
C 3 HOH 93  253 99  HOH HOH A . 
C 3 HOH 94  254 100 HOH HOH A . 
C 3 HOH 95  255 101 HOH HOH A . 
C 3 HOH 96  256 103 HOH HOH A . 
C 3 HOH 97  257 104 HOH HOH A . 
C 3 HOH 98  258 105 HOH HOH A . 
C 3 HOH 99  259 106 HOH HOH A . 
C 3 HOH 100 260 107 HOH HOH A . 
C 3 HOH 101 261 108 HOH HOH A . 
C 3 HOH 102 262 109 HOH HOH A . 
C 3 HOH 103 263 110 HOH HOH A . 
C 3 HOH 104 264 111 HOH HOH A . 
C 3 HOH 105 265 112 HOH HOH A . 
C 3 HOH 106 266 113 HOH HOH A . 
C 3 HOH 107 267 114 HOH HOH A . 
C 3 HOH 108 268 115 HOH HOH A . 
C 3 HOH 109 269 116 HOH HOH A . 
C 3 HOH 110 270 117 HOH HOH A . 
C 3 HOH 111 271 118 HOH HOH A . 
C 3 HOH 112 272 119 HOH HOH A . 
C 3 HOH 113 273 120 HOH HOH A . 
C 3 HOH 114 274 121 HOH HOH A . 
C 3 HOH 115 275 122 HOH HOH A . 
C 3 HOH 116 276 123 HOH HOH A . 
C 3 HOH 117 277 124 HOH HOH A . 
C 3 HOH 118 278 125 HOH HOH A . 
C 3 HOH 119 279 128 HOH HOH A . 
C 3 HOH 120 280 130 HOH HOH A . 
C 3 HOH 121 281 131 HOH HOH A . 
C 3 HOH 122 282 132 HOH HOH A . 
C 3 HOH 123 283 133 HOH HOH A . 
C 3 HOH 124 284 134 HOH HOH A . 
C 3 HOH 125 285 135 HOH HOH A . 
C 3 HOH 126 286 136 HOH HOH A . 
C 3 HOH 127 287 138 HOH HOH A . 
C 3 HOH 128 288 139 HOH HOH A . 
C 3 HOH 129 289 140 HOH HOH A . 
C 3 HOH 130 290 143 HOH HOH A . 
C 3 HOH 131 291 144 HOH HOH A . 
C 3 HOH 132 292 145 HOH HOH A . 
C 3 HOH 133 293 146 HOH HOH A . 
C 3 HOH 134 294 147 HOH HOH A . 
C 3 HOH 135 295 148 HOH HOH A . 
C 3 HOH 136 296 149 HOH HOH A . 
C 3 HOH 137 297 150 HOH HOH A . 
C 3 HOH 138 298 151 HOH HOH A . 
D 3 HOH 1   19  19  HOH HOH B . 
D 3 HOH 2   38  38  HOH HOH B . 
D 3 HOH 3   58  58  HOH HOH B . 
D 3 HOH 4   66  66  HOH HOH B . 
D 3 HOH 5   74  74  HOH HOH B . 
D 3 HOH 6   94  94  HOH HOH B . 
D 3 HOH 7   102 102 HOH HOH B . 
D 3 HOH 8   126 126 HOH HOH B . 
D 3 HOH 9   127 127 HOH HOH B . 
D 3 HOH 10  129 129 HOH HOH B . 
D 3 HOH 11  137 137 HOH HOH B . 
D 3 HOH 12  141 141 HOH HOH B . 
D 3 HOH 13  142 142 HOH HOH B . 
# 
loop_
_pdbx_struct_assembly.id 
_pdbx_struct_assembly.details 
_pdbx_struct_assembly.method_details 
_pdbx_struct_assembly.oligomeric_details 
_pdbx_struct_assembly.oligomeric_count 
1 author_and_software_defined_assembly PISA dimeric    2 
2 software_defined_assembly            PISA tetrameric 4 
# 
loop_
_pdbx_struct_assembly_gen.assembly_id 
_pdbx_struct_assembly_gen.oper_expression 
_pdbx_struct_assembly_gen.asym_id_list 
1 1   A,B,C,D 
2 1,2 A,B,C,D 
# 
loop_
_pdbx_struct_assembly_prop.biol_id 
_pdbx_struct_assembly_prop.type 
_pdbx_struct_assembly_prop.value 
_pdbx_struct_assembly_prop.details 
1 'ABSA (A^2)' 930   ? 
1 MORE         -4    ? 
1 'SSA (A^2)'  9380  ? 
2 'ABSA (A^2)' 3610  ? 
2 MORE         -19   ? 
2 'SSA (A^2)'  17010 ? 
# 
loop_
_pdbx_struct_oper_list.id 
_pdbx_struct_oper_list.type 
_pdbx_struct_oper_list.name 
_pdbx_struct_oper_list.symmetry_operation 
_pdbx_struct_oper_list.matrix[1][1] 
_pdbx_struct_oper_list.matrix[1][2] 
_pdbx_struct_oper_list.matrix[1][3] 
_pdbx_struct_oper_list.vector[1] 
_pdbx_struct_oper_list.matrix[2][1] 
_pdbx_struct_oper_list.matrix[2][2] 
_pdbx_struct_oper_list.matrix[2][3] 
_pdbx_struct_oper_list.vector[2] 
_pdbx_struct_oper_list.matrix[3][1] 
_pdbx_struct_oper_list.matrix[3][2] 
_pdbx_struct_oper_list.matrix[3][3] 
_pdbx_struct_oper_list.vector[3] 
1 'identity operation'         1_555 x,y,z       1.0000000000  0.0000000000  0.0000000000  0.0000000000  0.0000000000  1.0000000000 0.0000000000 0.0000000000   0.0000000000  0.0000000000 1.0000000000  0.0000000000  
2 'crystal symmetry operation' 3_555 -x,y,-z+1/2 -0.9693976401 -0.2028789866 -0.1382328909 -5.3812974837 -0.2028789866 0.3449904965 0.9164178491 -22.2443060697 -0.1382328909 0.9164178491 -0.3755928564 31.4557689086 
# 
loop_
_pdbx_struct_special_symmetry.id 
_pdbx_struct_special_symmetry.PDB_model_num 
_pdbx_struct_special_symmetry.auth_asym_id 
_pdbx_struct_special_symmetry.auth_comp_id 
_pdbx_struct_special_symmetry.auth_seq_id 
_pdbx_struct_special_symmetry.PDB_ins_code 
_pdbx_struct_special_symmetry.label_asym_id 
_pdbx_struct_special_symmetry.label_comp_id 
_pdbx_struct_special_symmetry.label_seq_id 
1 1 A HOH 217 ? C HOH . 
2 1 A HOH 222 ? C HOH . 
3 1 A HOH 223 ? C HOH . 
4 1 A HOH 266 ? C HOH . 
5 1 A HOH 267 ? C HOH . 
6 1 A HOH 297 ? C HOH . 
# 
loop_
_pdbx_audit_revision_history.ordinal 
_pdbx_audit_revision_history.data_content_type 
_pdbx_audit_revision_history.major_revision 
_pdbx_audit_revision_history.minor_revision 
_pdbx_audit_revision_history.revision_date 
1 'Structure model' 1 0 2011-05-04 
2 'Structure model' 1 1 2011-07-13 
3 'Structure model' 1 2 2023-09-13 
# 
_pdbx_audit_revision_details.ordinal             1 
_pdbx_audit_revision_details.revision_ordinal    1 
_pdbx_audit_revision_details.data_content_type   'Structure model' 
_pdbx_audit_revision_details.provider            repository 
_pdbx_audit_revision_details.type                'Initial release' 
_pdbx_audit_revision_details.description         ? 
_pdbx_audit_revision_details.details             ? 
# 
loop_
_pdbx_audit_revision_group.ordinal 
_pdbx_audit_revision_group.revision_ordinal 
_pdbx_audit_revision_group.data_content_type 
_pdbx_audit_revision_group.group 
1 2 'Structure model' 'Version format compliance' 
2 3 'Structure model' 'Data collection'           
3 3 'Structure model' 'Database references'       
4 3 'Structure model' 'Refinement description'    
# 
loop_
_pdbx_audit_revision_category.ordinal 
_pdbx_audit_revision_category.revision_ordinal 
_pdbx_audit_revision_category.data_content_type 
_pdbx_audit_revision_category.category 
1 3 'Structure model' chem_comp_atom                
2 3 'Structure model' chem_comp_bond                
3 3 'Structure model' database_2                    
4 3 'Structure model' pdbx_initial_refinement_model 
5 3 'Structure model' software                      
6 3 'Structure model' struct_ref_seq_dif            
# 
loop_
_pdbx_audit_revision_item.ordinal 
_pdbx_audit_revision_item.revision_ordinal 
_pdbx_audit_revision_item.data_content_type 
_pdbx_audit_revision_item.item 
1 3 'Structure model' '_database_2.pdbx_DOI'                
2 3 'Structure model' '_database_2.pdbx_database_accession' 
3 3 'Structure model' '_software.name'                      
4 3 'Structure model' '_struct_ref_seq_dif.details'         
# 
loop_
_software.name 
_software.classification 
_software.version 
_software.citation_id 
_software.pdbx_ordinal 
HKL-2000   'data collection' .                          ? 1 
PHASER     phasing           .                          ? 2 
PHENIX     refinement        '(phenix.refine: 1.6_289)' ? 3 
autoBUSTER refinement        .                          ? 4 
HKL-2000   'data reduction'  .                          ? 5 
HKL-2000   'data scaling'    .                          ? 6 
# 
_pdbx_validate_torsion.id              1 
_pdbx_validate_torsion.PDB_model_num   1 
_pdbx_validate_torsion.auth_comp_id    MET 
_pdbx_validate_torsion.auth_asym_id    A 
_pdbx_validate_torsion.auth_seq_id     107 
_pdbx_validate_torsion.PDB_ins_code    ? 
_pdbx_validate_torsion.label_alt_id    ? 
_pdbx_validate_torsion.phi             -53.87 
_pdbx_validate_torsion.psi             -8.10 
# 
loop_
_pdbx_unobs_or_zero_occ_residues.id 
_pdbx_unobs_or_zero_occ_residues.PDB_model_num 
_pdbx_unobs_or_zero_occ_residues.polymer_flag 
_pdbx_unobs_or_zero_occ_residues.occupancy_flag 
_pdbx_unobs_or_zero_occ_residues.auth_asym_id 
_pdbx_unobs_or_zero_occ_residues.auth_comp_id 
_pdbx_unobs_or_zero_occ_residues.auth_seq_id 
_pdbx_unobs_or_zero_occ_residues.PDB_ins_code 
_pdbx_unobs_or_zero_occ_residues.label_asym_id 
_pdbx_unobs_or_zero_occ_residues.label_comp_id 
_pdbx_unobs_or_zero_occ_residues.label_seq_id 
1 1 Y 1 A GLY -1  ? A GLY 1 
2 1 Y 1 A ALA 0   ? A ALA 2 
3 1 Y 1 A MET 1   ? A MET 3 
4 1 Y 1 A SER 2   ? A SER 4 
5 1 Y 1 A ALA 3   ? A ALA 5 
6 1 Y 1 A ASN 4   ? A ASN 6 
7 1 Y 1 B TYR 453 ? B TYR 9 
# 
loop_
_chem_comp_atom.comp_id 
_chem_comp_atom.atom_id 
_chem_comp_atom.type_symbol 
_chem_comp_atom.pdbx_aromatic_flag 
_chem_comp_atom.pdbx_stereo_config 
_chem_comp_atom.pdbx_ordinal 
ALA N    N N N 1   
ALA CA   C N S 2   
ALA C    C N N 3   
ALA O    O N N 4   
ALA CB   C N N 5   
ALA OXT  O N N 6   
ALA H    H N N 7   
ALA H2   H N N 8   
ALA HA   H N N 9   
ALA HB1  H N N 10  
ALA HB2  H N N 11  
ALA HB3  H N N 12  
ALA HXT  H N N 13  
ARG N    N N N 14  
ARG CA   C N S 15  
ARG C    C N N 16  
ARG O    O N N 17  
ARG CB   C N N 18  
ARG CG   C N N 19  
ARG CD   C N N 20  
ARG NE   N N N 21  
ARG CZ   C N N 22  
ARG NH1  N N N 23  
ARG NH2  N N N 24  
ARG OXT  O N N 25  
ARG H    H N N 26  
ARG H2   H N N 27  
ARG HA   H N N 28  
ARG HB2  H N N 29  
ARG HB3  H N N 30  
ARG HG2  H N N 31  
ARG HG3  H N N 32  
ARG HD2  H N N 33  
ARG HD3  H N N 34  
ARG HE   H N N 35  
ARG HH11 H N N 36  
ARG HH12 H N N 37  
ARG HH21 H N N 38  
ARG HH22 H N N 39  
ARG HXT  H N N 40  
ASN N    N N N 41  
ASN CA   C N S 42  
ASN C    C N N 43  
ASN O    O N N 44  
ASN CB   C N N 45  
ASN CG   C N N 46  
ASN OD1  O N N 47  
ASN ND2  N N N 48  
ASN OXT  O N N 49  
ASN H    H N N 50  
ASN H2   H N N 51  
ASN HA   H N N 52  
ASN HB2  H N N 53  
ASN HB3  H N N 54  
ASN HD21 H N N 55  
ASN HD22 H N N 56  
ASN HXT  H N N 57  
ASP N    N N N 58  
ASP CA   C N S 59  
ASP C    C N N 60  
ASP O    O N N 61  
ASP CB   C N N 62  
ASP CG   C N N 63  
ASP OD1  O N N 64  
ASP OD2  O N N 65  
ASP OXT  O N N 66  
ASP H    H N N 67  
ASP H2   H N N 68  
ASP HA   H N N 69  
ASP HB2  H N N 70  
ASP HB3  H N N 71  
ASP HD2  H N N 72  
ASP HXT  H N N 73  
CYS N    N N N 74  
CYS CA   C N R 75  
CYS C    C N N 76  
CYS O    O N N 77  
CYS CB   C N N 78  
CYS SG   S N N 79  
CYS OXT  O N N 80  
CYS H    H N N 81  
CYS H2   H N N 82  
CYS HA   H N N 83  
CYS HB2  H N N 84  
CYS HB3  H N N 85  
CYS HG   H N N 86  
CYS HXT  H N N 87  
GLN N    N N N 88  
GLN CA   C N S 89  
GLN C    C N N 90  
GLN O    O N N 91  
GLN CB   C N N 92  
GLN CG   C N N 93  
GLN CD   C N N 94  
GLN OE1  O N N 95  
GLN NE2  N N N 96  
GLN OXT  O N N 97  
GLN H    H N N 98  
GLN H2   H N N 99  
GLN HA   H N N 100 
GLN HB2  H N N 101 
GLN HB3  H N N 102 
GLN HG2  H N N 103 
GLN HG3  H N N 104 
GLN HE21 H N N 105 
GLN HE22 H N N 106 
GLN HXT  H N N 107 
GLU N    N N N 108 
GLU CA   C N S 109 
GLU C    C N N 110 
GLU O    O N N 111 
GLU CB   C N N 112 
GLU CG   C N N 113 
GLU CD   C N N 114 
GLU OE1  O N N 115 
GLU OE2  O N N 116 
GLU OXT  O N N 117 
GLU H    H N N 118 
GLU H2   H N N 119 
GLU HA   H N N 120 
GLU HB2  H N N 121 
GLU HB3  H N N 122 
GLU HG2  H N N 123 
GLU HG3  H N N 124 
GLU HE2  H N N 125 
GLU HXT  H N N 126 
GLY N    N N N 127 
GLY CA   C N N 128 
GLY C    C N N 129 
GLY O    O N N 130 
GLY OXT  O N N 131 
GLY H    H N N 132 
GLY H2   H N N 133 
GLY HA2  H N N 134 
GLY HA3  H N N 135 
GLY HXT  H N N 136 
HIS N    N N N 137 
HIS CA   C N S 138 
HIS C    C N N 139 
HIS O    O N N 140 
HIS CB   C N N 141 
HIS CG   C Y N 142 
HIS ND1  N Y N 143 
HIS CD2  C Y N 144 
HIS CE1  C Y N 145 
HIS NE2  N Y N 146 
HIS OXT  O N N 147 
HIS H    H N N 148 
HIS H2   H N N 149 
HIS HA   H N N 150 
HIS HB2  H N N 151 
HIS HB3  H N N 152 
HIS HD1  H N N 153 
HIS HD2  H N N 154 
HIS HE1  H N N 155 
HIS HE2  H N N 156 
HIS HXT  H N N 157 
HOH O    O N N 158 
HOH H1   H N N 159 
HOH H2   H N N 160 
ILE N    N N N 161 
ILE CA   C N S 162 
ILE C    C N N 163 
ILE O    O N N 164 
ILE CB   C N S 165 
ILE CG1  C N N 166 
ILE CG2  C N N 167 
ILE CD1  C N N 168 
ILE OXT  O N N 169 
ILE H    H N N 170 
ILE H2   H N N 171 
ILE HA   H N N 172 
ILE HB   H N N 173 
ILE HG12 H N N 174 
ILE HG13 H N N 175 
ILE HG21 H N N 176 
ILE HG22 H N N 177 
ILE HG23 H N N 178 
ILE HD11 H N N 179 
ILE HD12 H N N 180 
ILE HD13 H N N 181 
ILE HXT  H N N 182 
LEU N    N N N 183 
LEU CA   C N S 184 
LEU C    C N N 185 
LEU O    O N N 186 
LEU CB   C N N 187 
LEU CG   C N N 188 
LEU CD1  C N N 189 
LEU CD2  C N N 190 
LEU OXT  O N N 191 
LEU H    H N N 192 
LEU H2   H N N 193 
LEU HA   H N N 194 
LEU HB2  H N N 195 
LEU HB3  H N N 196 
LEU HG   H N N 197 
LEU HD11 H N N 198 
LEU HD12 H N N 199 
LEU HD13 H N N 200 
LEU HD21 H N N 201 
LEU HD22 H N N 202 
LEU HD23 H N N 203 
LEU HXT  H N N 204 
LYS N    N N N 205 
LYS CA   C N S 206 
LYS C    C N N 207 
LYS O    O N N 208 
LYS CB   C N N 209 
LYS CG   C N N 210 
LYS CD   C N N 211 
LYS CE   C N N 212 
LYS NZ   N N N 213 
LYS OXT  O N N 214 
LYS H    H N N 215 
LYS H2   H N N 216 
LYS HA   H N N 217 
LYS HB2  H N N 218 
LYS HB3  H N N 219 
LYS HG2  H N N 220 
LYS HG3  H N N 221 
LYS HD2  H N N 222 
LYS HD3  H N N 223 
LYS HE2  H N N 224 
LYS HE3  H N N 225 
LYS HZ1  H N N 226 
LYS HZ2  H N N 227 
LYS HZ3  H N N 228 
LYS HXT  H N N 229 
MET N    N N N 230 
MET CA   C N S 231 
MET C    C N N 232 
MET O    O N N 233 
MET CB   C N N 234 
MET CG   C N N 235 
MET SD   S N N 236 
MET CE   C N N 237 
MET OXT  O N N 238 
MET H    H N N 239 
MET H2   H N N 240 
MET HA   H N N 241 
MET HB2  H N N 242 
MET HB3  H N N 243 
MET HG2  H N N 244 
MET HG3  H N N 245 
MET HE1  H N N 246 
MET HE2  H N N 247 
MET HE3  H N N 248 
MET HXT  H N N 249 
PHE N    N N N 250 
PHE CA   C N S 251 
PHE C    C N N 252 
PHE O    O N N 253 
PHE CB   C N N 254 
PHE CG   C Y N 255 
PHE CD1  C Y N 256 
PHE CD2  C Y N 257 
PHE CE1  C Y N 258 
PHE CE2  C Y N 259 
PHE CZ   C Y N 260 
PHE OXT  O N N 261 
PHE H    H N N 262 
PHE H2   H N N 263 
PHE HA   H N N 264 
PHE HB2  H N N 265 
PHE HB3  H N N 266 
PHE HD1  H N N 267 
PHE HD2  H N N 268 
PHE HE1  H N N 269 
PHE HE2  H N N 270 
PHE HZ   H N N 271 
PHE HXT  H N N 272 
PRO N    N N N 273 
PRO CA   C N S 274 
PRO C    C N N 275 
PRO O    O N N 276 
PRO CB   C N N 277 
PRO CG   C N N 278 
PRO CD   C N N 279 
PRO OXT  O N N 280 
PRO H    H N N 281 
PRO HA   H N N 282 
PRO HB2  H N N 283 
PRO HB3  H N N 284 
PRO HG2  H N N 285 
PRO HG3  H N N 286 
PRO HD2  H N N 287 
PRO HD3  H N N 288 
PRO HXT  H N N 289 
SER N    N N N 290 
SER CA   C N S 291 
SER C    C N N 292 
SER O    O N N 293 
SER CB   C N N 294 
SER OG   O N N 295 
SER OXT  O N N 296 
SER H    H N N 297 
SER H2   H N N 298 
SER HA   H N N 299 
SER HB2  H N N 300 
SER HB3  H N N 301 
SER HG   H N N 302 
SER HXT  H N N 303 
THR N    N N N 304 
THR CA   C N S 305 
THR C    C N N 306 
THR O    O N N 307 
THR CB   C N R 308 
THR OG1  O N N 309 
THR CG2  C N N 310 
THR OXT  O N N 311 
THR H    H N N 312 
THR H2   H N N 313 
THR HA   H N N 314 
THR HB   H N N 315 
THR HG1  H N N 316 
THR HG21 H N N 317 
THR HG22 H N N 318 
THR HG23 H N N 319 
THR HXT  H N N 320 
TRP N    N N N 321 
TRP CA   C N S 322 
TRP C    C N N 323 
TRP O    O N N 324 
TRP CB   C N N 325 
TRP CG   C Y N 326 
TRP CD1  C Y N 327 
TRP CD2  C Y N 328 
TRP NE1  N Y N 329 
TRP CE2  C Y N 330 
TRP CE3  C Y N 331 
TRP CZ2  C Y N 332 
TRP CZ3  C Y N 333 
TRP CH2  C Y N 334 
TRP OXT  O N N 335 
TRP H    H N N 336 
TRP H2   H N N 337 
TRP HA   H N N 338 
TRP HB2  H N N 339 
TRP HB3  H N N 340 
TRP HD1  H N N 341 
TRP HE1  H N N 342 
TRP HE3  H N N 343 
TRP HZ2  H N N 344 
TRP HZ3  H N N 345 
TRP HH2  H N N 346 
TRP HXT  H N N 347 
TYR N    N N N 348 
TYR CA   C N S 349 
TYR C    C N N 350 
TYR O    O N N 351 
TYR CB   C N N 352 
TYR CG   C Y N 353 
TYR CD1  C Y N 354 
TYR CD2  C Y N 355 
TYR CE1  C Y N 356 
TYR CE2  C Y N 357 
TYR CZ   C Y N 358 
TYR OH   O N N 359 
TYR OXT  O N N 360 
TYR H    H N N 361 
TYR H2   H N N 362 
TYR HA   H N N 363 
TYR HB2  H N N 364 
TYR HB3  H N N 365 
TYR HD1  H N N 366 
TYR HD2  H N N 367 
TYR HE1  H N N 368 
TYR HE2  H N N 369 
TYR HH   H N N 370 
TYR HXT  H N N 371 
VAL N    N N N 372 
VAL CA   C N S 373 
VAL C    C N N 374 
VAL O    O N N 375 
VAL CB   C N N 376 
VAL CG1  C N N 377 
VAL CG2  C N N 378 
VAL OXT  O N N 379 
VAL H    H N N 380 
VAL H2   H N N 381 
VAL HA   H N N 382 
VAL HB   H N N 383 
VAL HG11 H N N 384 
VAL HG12 H N N 385 
VAL HG13 H N N 386 
VAL HG21 H N N 387 
VAL HG22 H N N 388 
VAL HG23 H N N 389 
VAL HXT  H N N 390 
# 
loop_
_chem_comp_bond.comp_id 
_chem_comp_bond.atom_id_1 
_chem_comp_bond.atom_id_2 
_chem_comp_bond.value_order 
_chem_comp_bond.pdbx_aromatic_flag 
_chem_comp_bond.pdbx_stereo_config 
_chem_comp_bond.pdbx_ordinal 
ALA N   CA   sing N N 1   
ALA N   H    sing N N 2   
ALA N   H2   sing N N 3   
ALA CA  C    sing N N 4   
ALA CA  CB   sing N N 5   
ALA CA  HA   sing N N 6   
ALA C   O    doub N N 7   
ALA C   OXT  sing N N 8   
ALA CB  HB1  sing N N 9   
ALA CB  HB2  sing N N 10  
ALA CB  HB3  sing N N 11  
ALA OXT HXT  sing N N 12  
ARG N   CA   sing N N 13  
ARG N   H    sing N N 14  
ARG N   H2   sing N N 15  
ARG CA  C    sing N N 16  
ARG CA  CB   sing N N 17  
ARG CA  HA   sing N N 18  
ARG C   O    doub N N 19  
ARG C   OXT  sing N N 20  
ARG CB  CG   sing N N 21  
ARG CB  HB2  sing N N 22  
ARG CB  HB3  sing N N 23  
ARG CG  CD   sing N N 24  
ARG CG  HG2  sing N N 25  
ARG CG  HG3  sing N N 26  
ARG CD  NE   sing N N 27  
ARG CD  HD2  sing N N 28  
ARG CD  HD3  sing N N 29  
ARG NE  CZ   sing N N 30  
ARG NE  HE   sing N N 31  
ARG CZ  NH1  sing N N 32  
ARG CZ  NH2  doub N N 33  
ARG NH1 HH11 sing N N 34  
ARG NH1 HH12 sing N N 35  
ARG NH2 HH21 sing N N 36  
ARG NH2 HH22 sing N N 37  
ARG OXT HXT  sing N N 38  
ASN N   CA   sing N N 39  
ASN N   H    sing N N 40  
ASN N   H2   sing N N 41  
ASN CA  C    sing N N 42  
ASN CA  CB   sing N N 43  
ASN CA  HA   sing N N 44  
ASN C   O    doub N N 45  
ASN C   OXT  sing N N 46  
ASN CB  CG   sing N N 47  
ASN CB  HB2  sing N N 48  
ASN CB  HB3  sing N N 49  
ASN CG  OD1  doub N N 50  
ASN CG  ND2  sing N N 51  
ASN ND2 HD21 sing N N 52  
ASN ND2 HD22 sing N N 53  
ASN OXT HXT  sing N N 54  
ASP N   CA   sing N N 55  
ASP N   H    sing N N 56  
ASP N   H2   sing N N 57  
ASP CA  C    sing N N 58  
ASP CA  CB   sing N N 59  
ASP CA  HA   sing N N 60  
ASP C   O    doub N N 61  
ASP C   OXT  sing N N 62  
ASP CB  CG   sing N N 63  
ASP CB  HB2  sing N N 64  
ASP CB  HB3  sing N N 65  
ASP CG  OD1  doub N N 66  
ASP CG  OD2  sing N N 67  
ASP OD2 HD2  sing N N 68  
ASP OXT HXT  sing N N 69  
CYS N   CA   sing N N 70  
CYS N   H    sing N N 71  
CYS N   H2   sing N N 72  
CYS CA  C    sing N N 73  
CYS CA  CB   sing N N 74  
CYS CA  HA   sing N N 75  
CYS C   O    doub N N 76  
CYS C   OXT  sing N N 77  
CYS CB  SG   sing N N 78  
CYS CB  HB2  sing N N 79  
CYS CB  HB3  sing N N 80  
CYS SG  HG   sing N N 81  
CYS OXT HXT  sing N N 82  
GLN N   CA   sing N N 83  
GLN N   H    sing N N 84  
GLN N   H2   sing N N 85  
GLN CA  C    sing N N 86  
GLN CA  CB   sing N N 87  
GLN CA  HA   sing N N 88  
GLN C   O    doub N N 89  
GLN C   OXT  sing N N 90  
GLN CB  CG   sing N N 91  
GLN CB  HB2  sing N N 92  
GLN CB  HB3  sing N N 93  
GLN CG  CD   sing N N 94  
GLN CG  HG2  sing N N 95  
GLN CG  HG3  sing N N 96  
GLN CD  OE1  doub N N 97  
GLN CD  NE2  sing N N 98  
GLN NE2 HE21 sing N N 99  
GLN NE2 HE22 sing N N 100 
GLN OXT HXT  sing N N 101 
GLU N   CA   sing N N 102 
GLU N   H    sing N N 103 
GLU N   H2   sing N N 104 
GLU CA  C    sing N N 105 
GLU CA  CB   sing N N 106 
GLU CA  HA   sing N N 107 
GLU C   O    doub N N 108 
GLU C   OXT  sing N N 109 
GLU CB  CG   sing N N 110 
GLU CB  HB2  sing N N 111 
GLU CB  HB3  sing N N 112 
GLU CG  CD   sing N N 113 
GLU CG  HG2  sing N N 114 
GLU CG  HG3  sing N N 115 
GLU CD  OE1  doub N N 116 
GLU CD  OE2  sing N N 117 
GLU OE2 HE2  sing N N 118 
GLU OXT HXT  sing N N 119 
GLY N   CA   sing N N 120 
GLY N   H    sing N N 121 
GLY N   H2   sing N N 122 
GLY CA  C    sing N N 123 
GLY CA  HA2  sing N N 124 
GLY CA  HA3  sing N N 125 
GLY C   O    doub N N 126 
GLY C   OXT  sing N N 127 
GLY OXT HXT  sing N N 128 
HIS N   CA   sing N N 129 
HIS N   H    sing N N 130 
HIS N   H2   sing N N 131 
HIS CA  C    sing N N 132 
HIS CA  CB   sing N N 133 
HIS CA  HA   sing N N 134 
HIS C   O    doub N N 135 
HIS C   OXT  sing N N 136 
HIS CB  CG   sing N N 137 
HIS CB  HB2  sing N N 138 
HIS CB  HB3  sing N N 139 
HIS CG  ND1  sing Y N 140 
HIS CG  CD2  doub Y N 141 
HIS ND1 CE1  doub Y N 142 
HIS ND1 HD1  sing N N 143 
HIS CD2 NE2  sing Y N 144 
HIS CD2 HD2  sing N N 145 
HIS CE1 NE2  sing Y N 146 
HIS CE1 HE1  sing N N 147 
HIS NE2 HE2  sing N N 148 
HIS OXT HXT  sing N N 149 
HOH O   H1   sing N N 150 
HOH O   H2   sing N N 151 
ILE N   CA   sing N N 152 
ILE N   H    sing N N 153 
ILE N   H2   sing N N 154 
ILE CA  C    sing N N 155 
ILE CA  CB   sing N N 156 
ILE CA  HA   sing N N 157 
ILE C   O    doub N N 158 
ILE C   OXT  sing N N 159 
ILE CB  CG1  sing N N 160 
ILE CB  CG2  sing N N 161 
ILE CB  HB   sing N N 162 
ILE CG1 CD1  sing N N 163 
ILE CG1 HG12 sing N N 164 
ILE CG1 HG13 sing N N 165 
ILE CG2 HG21 sing N N 166 
ILE CG2 HG22 sing N N 167 
ILE CG2 HG23 sing N N 168 
ILE CD1 HD11 sing N N 169 
ILE CD1 HD12 sing N N 170 
ILE CD1 HD13 sing N N 171 
ILE OXT HXT  sing N N 172 
LEU N   CA   sing N N 173 
LEU N   H    sing N N 174 
LEU N   H2   sing N N 175 
LEU CA  C    sing N N 176 
LEU CA  CB   sing N N 177 
LEU CA  HA   sing N N 178 
LEU C   O    doub N N 179 
LEU C   OXT  sing N N 180 
LEU CB  CG   sing N N 181 
LEU CB  HB2  sing N N 182 
LEU CB  HB3  sing N N 183 
LEU CG  CD1  sing N N 184 
LEU CG  CD2  sing N N 185 
LEU CG  HG   sing N N 186 
LEU CD1 HD11 sing N N 187 
LEU CD1 HD12 sing N N 188 
LEU CD1 HD13 sing N N 189 
LEU CD2 HD21 sing N N 190 
LEU CD2 HD22 sing N N 191 
LEU CD2 HD23 sing N N 192 
LEU OXT HXT  sing N N 193 
LYS N   CA   sing N N 194 
LYS N   H    sing N N 195 
LYS N   H2   sing N N 196 
LYS CA  C    sing N N 197 
LYS CA  CB   sing N N 198 
LYS CA  HA   sing N N 199 
LYS C   O    doub N N 200 
LYS C   OXT  sing N N 201 
LYS CB  CG   sing N N 202 
LYS CB  HB2  sing N N 203 
LYS CB  HB3  sing N N 204 
LYS CG  CD   sing N N 205 
LYS CG  HG2  sing N N 206 
LYS CG  HG3  sing N N 207 
LYS CD  CE   sing N N 208 
LYS CD  HD2  sing N N 209 
LYS CD  HD3  sing N N 210 
LYS CE  NZ   sing N N 211 
LYS CE  HE2  sing N N 212 
LYS CE  HE3  sing N N 213 
LYS NZ  HZ1  sing N N 214 
LYS NZ  HZ2  sing N N 215 
LYS NZ  HZ3  sing N N 216 
LYS OXT HXT  sing N N 217 
MET N   CA   sing N N 218 
MET N   H    sing N N 219 
MET N   H2   sing N N 220 
MET CA  C    sing N N 221 
MET CA  CB   sing N N 222 
MET CA  HA   sing N N 223 
MET C   O    doub N N 224 
MET C   OXT  sing N N 225 
MET CB  CG   sing N N 226 
MET CB  HB2  sing N N 227 
MET CB  HB3  sing N N 228 
MET CG  SD   sing N N 229 
MET CG  HG2  sing N N 230 
MET CG  HG3  sing N N 231 
MET SD  CE   sing N N 232 
MET CE  HE1  sing N N 233 
MET CE  HE2  sing N N 234 
MET CE  HE3  sing N N 235 
MET OXT HXT  sing N N 236 
PHE N   CA   sing N N 237 
PHE N   H    sing N N 238 
PHE N   H2   sing N N 239 
PHE CA  C    sing N N 240 
PHE CA  CB   sing N N 241 
PHE CA  HA   sing N N 242 
PHE C   O    doub N N 243 
PHE C   OXT  sing N N 244 
PHE CB  CG   sing N N 245 
PHE CB  HB2  sing N N 246 
PHE CB  HB3  sing N N 247 
PHE CG  CD1  doub Y N 248 
PHE CG  CD2  sing Y N 249 
PHE CD1 CE1  sing Y N 250 
PHE CD1 HD1  sing N N 251 
PHE CD2 CE2  doub Y N 252 
PHE CD2 HD2  sing N N 253 
PHE CE1 CZ   doub Y N 254 
PHE CE1 HE1  sing N N 255 
PHE CE2 CZ   sing Y N 256 
PHE CE2 HE2  sing N N 257 
PHE CZ  HZ   sing N N 258 
PHE OXT HXT  sing N N 259 
PRO N   CA   sing N N 260 
PRO N   CD   sing N N 261 
PRO N   H    sing N N 262 
PRO CA  C    sing N N 263 
PRO CA  CB   sing N N 264 
PRO CA  HA   sing N N 265 
PRO C   O    doub N N 266 
PRO C   OXT  sing N N 267 
PRO CB  CG   sing N N 268 
PRO CB  HB2  sing N N 269 
PRO CB  HB3  sing N N 270 
PRO CG  CD   sing N N 271 
PRO CG  HG2  sing N N 272 
PRO CG  HG3  sing N N 273 
PRO CD  HD2  sing N N 274 
PRO CD  HD3  sing N N 275 
PRO OXT HXT  sing N N 276 
SER N   CA   sing N N 277 
SER N   H    sing N N 278 
SER N   H2   sing N N 279 
SER CA  C    sing N N 280 
SER CA  CB   sing N N 281 
SER CA  HA   sing N N 282 
SER C   O    doub N N 283 
SER C   OXT  sing N N 284 
SER CB  OG   sing N N 285 
SER CB  HB2  sing N N 286 
SER CB  HB3  sing N N 287 
SER OG  HG   sing N N 288 
SER OXT HXT  sing N N 289 
THR N   CA   sing N N 290 
THR N   H    sing N N 291 
THR N   H2   sing N N 292 
THR CA  C    sing N N 293 
THR CA  CB   sing N N 294 
THR CA  HA   sing N N 295 
THR C   O    doub N N 296 
THR C   OXT  sing N N 297 
THR CB  OG1  sing N N 298 
THR CB  CG2  sing N N 299 
THR CB  HB   sing N N 300 
THR OG1 HG1  sing N N 301 
THR CG2 HG21 sing N N 302 
THR CG2 HG22 sing N N 303 
THR CG2 HG23 sing N N 304 
THR OXT HXT  sing N N 305 
TRP N   CA   sing N N 306 
TRP N   H    sing N N 307 
TRP N   H2   sing N N 308 
TRP CA  C    sing N N 309 
TRP CA  CB   sing N N 310 
TRP CA  HA   sing N N 311 
TRP C   O    doub N N 312 
TRP C   OXT  sing N N 313 
TRP CB  CG   sing N N 314 
TRP CB  HB2  sing N N 315 
TRP CB  HB3  sing N N 316 
TRP CG  CD1  doub Y N 317 
TRP CG  CD2  sing Y N 318 
TRP CD1 NE1  sing Y N 319 
TRP CD1 HD1  sing N N 320 
TRP CD2 CE2  doub Y N 321 
TRP CD2 CE3  sing Y N 322 
TRP NE1 CE2  sing Y N 323 
TRP NE1 HE1  sing N N 324 
TRP CE2 CZ2  sing Y N 325 
TRP CE3 CZ3  doub Y N 326 
TRP CE3 HE3  sing N N 327 
TRP CZ2 CH2  doub Y N 328 
TRP CZ2 HZ2  sing N N 329 
TRP CZ3 CH2  sing Y N 330 
TRP CZ3 HZ3  sing N N 331 
TRP CH2 HH2  sing N N 332 
TRP OXT HXT  sing N N 333 
TYR N   CA   sing N N 334 
TYR N   H    sing N N 335 
TYR N   H2   sing N N 336 
TYR CA  C    sing N N 337 
TYR CA  CB   sing N N 338 
TYR CA  HA   sing N N 339 
TYR C   O    doub N N 340 
TYR C   OXT  sing N N 341 
TYR CB  CG   sing N N 342 
TYR CB  HB2  sing N N 343 
TYR CB  HB3  sing N N 344 
TYR CG  CD1  doub Y N 345 
TYR CG  CD2  sing Y N 346 
TYR CD1 CE1  sing Y N 347 
TYR CD1 HD1  sing N N 348 
TYR CD2 CE2  doub Y N 349 
TYR CD2 HD2  sing N N 350 
TYR CE1 CZ   doub Y N 351 
TYR CE1 HE1  sing N N 352 
TYR CE2 CZ   sing Y N 353 
TYR CE2 HE2  sing N N 354 
TYR CZ  OH   sing N N 355 
TYR OH  HH   sing N N 356 
TYR OXT HXT  sing N N 357 
VAL N   CA   sing N N 358 
VAL N   H    sing N N 359 
VAL N   H2   sing N N 360 
VAL CA  C    sing N N 361 
VAL CA  CB   sing N N 362 
VAL CA  HA   sing N N 363 
VAL C   O    doub N N 364 
VAL C   OXT  sing N N 365 
VAL CB  CG1  sing N N 366 
VAL CB  CG2  sing N N 367 
VAL CB  HB   sing N N 368 
VAL CG1 HG11 sing N N 369 
VAL CG1 HG12 sing N N 370 
VAL CG1 HG13 sing N N 371 
VAL CG2 HG21 sing N N 372 
VAL CG2 HG22 sing N N 373 
VAL CG2 HG23 sing N N 374 
VAL OXT HXT  sing N N 375 
# 
_pdbx_entity_nonpoly.entity_id   3 
_pdbx_entity_nonpoly.name        water 
_pdbx_entity_nonpoly.comp_id     HOH 
# 
_pdbx_initial_refinement_model.id               1 
_pdbx_initial_refinement_model.entity_id_list   ? 
_pdbx_initial_refinement_model.type             'experimental model' 
_pdbx_initial_refinement_model.source_name      PDB 
_pdbx_initial_refinement_model.accession_code   3R3Q 
_pdbx_initial_refinement_model.details          'PDB ENTRY 3R3Q' 
# 
